data_5OEX
#
_entry.id   5OEX
#
_cell.length_a   69.820
_cell.length_b   159.450
_cell.length_c   91.000
_cell.angle_alpha   90.00
_cell.angle_beta   97.77
_cell.angle_gamma   90.00
#
_symmetry.space_group_name_H-M   'P 1 21 1'
#
loop_
_entity.id
_entity.type
_entity.pdbx_description
1 polymer 'THIOCYANATE DEHYDROGENASE'
2 non-polymer 'COPPER (II) ION'
3 non-polymer 1-ETHOXY-2-(2-ETHOXYETHOXY)ETHANE
4 non-polymer 'IODIDE ION'
5 non-polymer 1,2-ETHANEDIOL
6 non-polymer GLYCEROL
7 water water
#
_entity_poly.entity_id   1
_entity_poly.type   'polypeptide(L)'
_entity_poly.pdbx_seq_one_letter_code
;KYVKVQDFYDQLGKYVLVAPGKFSGTVAATDLSTGWTMAWLAAWNYGDTCPIMHHMAAFPSPDPYKEFEFVVNTQGGKNL
FIYGVPVTVEDPGEGMKIYRIKYDGTRMNLQRDAAEVSGLGLGVHVTITPEADGYAVGDGQKDICAEFDRETDMVRYAWA
FDWDPNVKDLKRAWLDGGTMTIKRLKPTLPGGRYDLQGSKGNKIDWELVPGGELAIEDGKVSGDRPLHSVANDALVFDPR
GKWAVASMRLPGVCVVFDRENQVPVAVLAGPKGTPSQFQLVKVDDDTWTVDIPEVISAGHQAGFSPDGQSFLFMNSLRQN
NIMVWDSSNHDDPTTWEKKAVVESPDWRGAYPNTFHMVFTPDAKKIYVTMWWPSPTPNGIAVIDAVNWEVLKEVDLGPDM
HTLAITYDGKFVVGTLSGYQNTASAIVVMETETDEVLGFLPSPMGHHDNVIVPRTLEDLRISRSTTT
;
_entity_poly.pdbx_strand_id   A,B,C,D
#
loop_
_chem_comp.id
_chem_comp.type
_chem_comp.name
_chem_comp.formula
CU non-polymer 'COPPER (II) ION' 'Cu 2'
EDO non-polymer 1,2-ETHANEDIOL 'C2 H6 O2'
GOL non-polymer GLYCEROL 'C3 H8 O3'
IOD non-polymer 'IODIDE ION' 'I -1'
P4G non-polymer 1-ETHOXY-2-(2-ETHOXYETHOXY)ETHANE 'C8 H18 O3'
#
# COMPACT_ATOMS: atom_id res chain seq x y z
N LYS A 1 43.00 -40.97 -9.98
CA LYS A 1 43.87 -40.26 -9.00
C LYS A 1 43.05 -39.27 -8.08
N TYR A 2 42.35 -38.30 -8.66
CA TYR A 2 41.51 -37.31 -7.88
C TYR A 2 40.04 -37.70 -7.98
N VAL A 3 39.21 -37.19 -7.07
CA VAL A 3 37.77 -37.45 -7.07
C VAL A 3 37.14 -36.27 -7.80
N LYS A 4 36.32 -36.56 -8.81
CA LYS A 4 35.49 -35.57 -9.52
C LYS A 4 34.10 -35.50 -8.86
N VAL A 5 33.63 -34.29 -8.54
CA VAL A 5 32.35 -34.14 -7.81
C VAL A 5 31.24 -34.48 -8.80
N GLN A 6 31.58 -34.42 -10.07
CA GLN A 6 30.60 -34.85 -11.09
C GLN A 6 30.06 -36.27 -10.92
N ASP A 7 30.85 -37.20 -10.35
CA ASP A 7 30.28 -38.53 -10.03
C ASP A 7 29.20 -38.43 -8.96
N PHE A 8 29.36 -37.54 -7.97
CA PHE A 8 28.30 -37.37 -6.97
C PHE A 8 26.97 -36.98 -7.68
N TYR A 9 27.03 -35.95 -8.54
CA TYR A 9 25.81 -35.37 -9.15
C TYR A 9 25.20 -36.34 -10.14
N ASP A 10 26.06 -37.14 -10.77
CA ASP A 10 25.59 -38.07 -11.82
C ASP A 10 24.56 -38.99 -11.24
N GLN A 11 24.68 -39.36 -9.97
CA GLN A 11 23.73 -40.36 -9.45
C GLN A 11 22.37 -39.69 -9.10
N LEU A 12 22.30 -38.35 -9.08
CA LEU A 12 21.06 -37.78 -8.50
C LEU A 12 19.88 -37.66 -9.48
N GLY A 13 20.16 -37.66 -10.77
CA GLY A 13 19.08 -37.44 -11.75
C GLY A 13 18.95 -35.98 -12.18
N LYS A 14 18.07 -35.74 -13.14
CA LYS A 14 17.99 -34.44 -13.81
C LYS A 14 16.85 -33.68 -13.08
N TYR A 15 17.20 -33.21 -11.89
CA TYR A 15 16.25 -32.49 -10.98
C TYR A 15 16.80 -31.09 -10.68
N VAL A 16 15.91 -30.10 -10.72
CA VAL A 16 16.21 -28.70 -10.36
C VAL A 16 15.70 -28.43 -8.93
N LEU A 17 16.59 -28.01 -8.04
CA LEU A 17 16.24 -27.66 -6.66
C LEU A 17 15.99 -26.12 -6.65
N VAL A 18 14.93 -25.62 -6.01
CA VAL A 18 14.75 -24.17 -5.90
C VAL A 18 14.61 -23.82 -4.42
N ALA A 19 15.12 -22.67 -3.97
CA ALA A 19 14.99 -22.30 -2.52
C ALA A 19 15.10 -20.77 -2.37
N PRO A 20 14.27 -20.16 -1.51
CA PRO A 20 14.46 -18.76 -1.24
C PRO A 20 15.39 -18.67 -0.03
N GLY A 21 15.82 -17.47 0.26
CA GLY A 21 16.97 -17.28 1.17
C GLY A 21 16.69 -16.53 2.46
N LYS A 22 15.41 -16.23 2.72
CA LYS A 22 15.04 -15.57 3.96
C LYS A 22 15.88 -14.28 4.06
N PHE A 23 16.75 -14.11 5.09
CA PHE A 23 17.51 -12.85 5.24
C PHE A 23 18.51 -12.53 4.10
N SER A 24 18.95 -13.52 3.32
CA SER A 24 19.86 -13.22 2.18
C SER A 24 19.18 -12.28 1.13
N GLY A 25 17.86 -12.28 1.05
CA GLY A 25 17.14 -11.50 0.05
C GLY A 25 17.06 -12.07 -1.35
N THR A 26 17.40 -13.37 -1.46
CA THR A 26 17.61 -13.97 -2.77
C THR A 26 16.81 -15.26 -2.87
N VAL A 27 16.71 -15.75 -4.11
CA VAL A 27 16.08 -17.02 -4.39
C VAL A 27 16.97 -17.69 -5.48
N ALA A 28 17.11 -19.01 -5.45
CA ALA A 28 18.04 -19.58 -6.41
C ALA A 28 17.58 -20.94 -6.86
N ALA A 29 17.85 -21.29 -8.13
CA ALA A 29 17.58 -22.62 -8.63
C ALA A 29 18.96 -23.29 -8.94
N THR A 30 19.10 -24.58 -8.61
CA THR A 30 20.39 -25.31 -8.76
C THR A 30 20.16 -26.57 -9.56
N ASP A 31 21.06 -26.90 -10.49
CA ASP A 31 20.91 -28.11 -11.23
C ASP A 31 21.61 -29.26 -10.48
N LEU A 32 20.82 -30.12 -9.86
CA LEU A 32 21.41 -31.27 -9.16
C LEU A 32 22.18 -32.27 -10.03
N SER A 33 22.00 -32.26 -11.35
CA SER A 33 22.86 -33.04 -12.23
C SER A 33 24.24 -32.44 -12.56
N THR A 34 24.56 -31.16 -12.21
CA THR A 34 25.89 -30.61 -12.58
C THR A 34 26.52 -29.80 -11.44
N GLY A 35 25.70 -29.46 -10.45
CA GLY A 35 26.17 -28.59 -9.37
C GLY A 35 26.14 -27.11 -9.67
N TRP A 36 25.72 -26.70 -10.86
CA TRP A 36 25.69 -25.27 -11.16
C TRP A 36 24.45 -24.68 -10.51
N THR A 37 24.55 -23.50 -9.93
CA THR A 37 23.36 -22.63 -9.81
C THR A 37 22.91 -22.25 -11.24
N MET A 38 21.65 -22.47 -11.54
CA MET A 38 21.13 -22.20 -12.86
C MET A 38 20.87 -20.69 -13.03
N ALA A 39 20.34 -20.09 -11.96
CA ALA A 39 19.97 -18.65 -12.01
C ALA A 39 19.56 -18.26 -10.55
N TRP A 40 19.66 -16.98 -10.20
CA TRP A 40 19.27 -16.52 -8.87
C TRP A 40 18.77 -15.12 -9.09
N LEU A 41 17.97 -14.66 -8.16
CA LEU A 41 17.36 -13.34 -8.27
C LEU A 41 17.46 -12.69 -6.89
N ALA A 42 17.83 -11.40 -6.85
CA ALA A 42 17.90 -10.64 -5.58
C ALA A 42 16.81 -9.60 -5.63
N ALA A 43 15.85 -9.71 -4.72
CA ALA A 43 14.66 -8.81 -4.81
C ALA A 43 14.99 -7.36 -4.57
N TRP A 44 16.12 -7.04 -3.94
CA TRP A 44 16.41 -5.63 -3.72
C TRP A 44 16.64 -4.96 -5.07
N ASN A 45 17.01 -5.74 -6.10
CA ASN A 45 17.13 -5.23 -7.52
C ASN A 45 15.78 -4.71 -8.04
N TYR A 46 14.68 -5.09 -7.39
CA TYR A 46 13.32 -4.72 -7.85
C TYR A 46 12.62 -3.79 -6.83
N GLY A 47 13.41 -3.05 -6.06
CA GLY A 47 12.83 -2.05 -5.17
C GLY A 47 12.22 -2.64 -3.89
N ASP A 48 12.51 -3.91 -3.61
CA ASP A 48 12.00 -4.48 -2.37
C ASP A 48 12.88 -3.99 -1.20
N THR A 49 12.32 -3.21 -0.28
CA THR A 49 13.06 -2.68 0.85
C THR A 49 12.92 -3.57 2.11
N CYS A 50 12.26 -4.72 2.06
CA CYS A 50 12.48 -5.72 3.13
C CYS A 50 12.42 -7.13 2.57
N PRO A 51 13.50 -7.59 1.87
CA PRO A 51 13.22 -8.74 1.05
C PRO A 51 13.49 -10.02 1.82
N ILE A 52 12.69 -10.25 2.84
CA ILE A 52 12.77 -11.51 3.56
C ILE A 52 11.98 -12.57 2.72
N MET A 53 12.72 -13.23 1.80
CA MET A 53 12.15 -14.16 0.83
C MET A 53 11.78 -15.46 1.60
N HIS A 54 10.47 -15.73 1.68
CA HIS A 54 9.98 -16.64 2.73
C HIS A 54 9.59 -18.07 2.26
N HIS A 55 8.36 -18.30 1.82
CA HIS A 55 8.04 -19.61 1.39
C HIS A 55 7.86 -19.59 -0.09
N MET A 56 7.87 -20.76 -0.70
CA MET A 56 7.76 -20.89 -2.12
C MET A 56 7.15 -22.19 -2.56
N ALA A 57 6.62 -22.24 -3.79
CA ALA A 57 6.22 -23.52 -4.41
C ALA A 57 6.34 -23.34 -5.90
N ALA A 58 6.72 -24.43 -6.57
CA ALA A 58 6.91 -24.47 -8.05
C ALA A 58 5.78 -25.18 -8.80
N PHE A 59 5.32 -24.56 -9.88
CA PHE A 59 4.40 -25.28 -10.84
C PHE A 59 5.13 -26.37 -11.65
N PRO A 60 4.44 -27.50 -11.94
CA PRO A 60 4.99 -28.55 -12.82
C PRO A 60 5.31 -27.98 -14.17
N SER A 61 6.43 -28.41 -14.73
CA SER A 61 6.73 -28.06 -16.10
C SER A 61 7.21 -29.33 -16.77
N PRO A 62 6.73 -29.61 -18.00
CA PRO A 62 7.23 -30.85 -18.65
C PRO A 62 8.75 -30.86 -18.83
N ASP A 63 9.43 -29.70 -18.82
CA ASP A 63 10.92 -29.68 -18.84
C ASP A 63 11.43 -28.43 -18.12
N PRO A 64 11.72 -28.57 -16.81
CA PRO A 64 12.20 -27.47 -15.95
C PRO A 64 13.44 -26.81 -16.48
N TYR A 65 14.33 -27.54 -17.18
CA TYR A 65 15.52 -26.90 -17.78
C TYR A 65 15.22 -25.92 -18.88
N LYS A 66 14.06 -26.09 -19.51
CA LYS A 66 13.65 -25.13 -20.49
C LYS A 66 12.88 -23.93 -19.90
N GLU A 67 12.08 -24.20 -18.91
CA GLU A 67 11.36 -23.15 -18.21
C GLU A 67 10.47 -23.71 -17.12
N PHE A 68 10.20 -22.90 -16.09
CA PHE A 68 9.28 -23.23 -15.05
C PHE A 68 8.90 -21.95 -14.34
N GLU A 69 7.78 -22.01 -13.64
CA GLU A 69 7.20 -20.85 -13.02
C GLU A 69 7.07 -21.18 -11.53
N PHE A 70 7.31 -20.20 -10.69
CA PHE A 70 7.11 -20.45 -9.29
C PHE A 70 6.53 -19.22 -8.57
N VAL A 71 6.17 -19.44 -7.32
CA VAL A 71 5.59 -18.41 -6.49
C VAL A 71 6.50 -18.30 -5.23
N VAL A 72 6.84 -17.07 -4.79
CA VAL A 72 7.63 -16.87 -3.49
C VAL A 72 7.18 -15.62 -2.79
N ASN A 73 6.94 -15.68 -1.46
CA ASN A 73 6.35 -14.53 -0.81
C ASN A 73 7.39 -13.93 0.15
N THR A 74 7.06 -12.81 0.78
CA THR A 74 8.02 -12.18 1.67
C THR A 74 7.37 -11.78 2.98
N GLN A 75 8.22 -11.61 4.01
CA GLN A 75 7.82 -10.98 5.30
C GLN A 75 8.55 -9.71 5.44
N GLY A 76 8.07 -8.82 6.31
CA GLY A 76 8.68 -7.47 6.50
C GLY A 76 8.28 -7.01 7.87
N GLY A 77 8.30 -5.69 8.07
CA GLY A 77 8.03 -5.12 9.42
C GLY A 77 8.96 -5.70 10.50
N LYS A 78 8.43 -5.98 11.69
CA LYS A 78 9.26 -6.40 12.81
C LYS A 78 9.77 -7.87 12.65
N ASN A 79 9.34 -8.60 11.63
CA ASN A 79 9.97 -9.93 11.37
C ASN A 79 11.48 -9.77 11.13
N LEU A 80 11.87 -8.59 10.72
CA LEU A 80 13.29 -8.26 10.53
C LEU A 80 14.11 -8.31 11.87
N PHE A 81 13.47 -8.08 13.02
CA PHE A 81 14.25 -7.87 14.29
C PHE A 81 14.20 -9.04 15.24
N ILE A 82 13.76 -10.20 14.79
CA ILE A 82 13.63 -11.28 15.73
C ILE A 82 14.66 -12.39 15.53
N TYR A 83 15.65 -12.22 14.66
CA TYR A 83 16.74 -13.22 14.57
C TYR A 83 18.04 -12.70 15.21
N GLY A 84 19.15 -13.42 15.14
CA GLY A 84 20.38 -13.01 15.84
C GLY A 84 21.22 -12.05 15.03
N VAL A 85 20.63 -11.48 13.98
CA VAL A 85 21.25 -10.45 13.13
C VAL A 85 20.99 -9.04 13.72
N PRO A 86 22.07 -8.27 13.99
CA PRO A 86 21.94 -6.92 14.56
C PRO A 86 21.56 -5.85 13.51
N VAL A 87 20.36 -6.01 12.94
CA VAL A 87 19.86 -5.16 11.84
C VAL A 87 19.80 -3.71 12.18
N THR A 88 20.10 -2.82 11.23
CA THR A 88 20.09 -1.39 11.52
C THR A 88 19.31 -0.77 10.38
N VAL A 89 18.15 -1.32 10.12
CA VAL A 89 17.31 -0.80 9.08
C VAL A 89 16.31 0.10 9.77
N GLU A 90 16.16 1.30 9.24
CA GLU A 90 15.33 2.34 9.86
C GLU A 90 13.87 2.05 9.65
N ASP A 91 13.47 2.06 8.41
CA ASP A 91 12.09 1.98 8.12
C ASP A 91 11.87 0.76 7.25
N PRO A 92 11.87 -0.47 7.84
CA PRO A 92 11.77 -1.62 6.94
C PRO A 92 10.44 -1.64 6.13
N GLY A 93 10.46 -2.10 4.89
CA GLY A 93 9.18 -2.36 4.19
C GLY A 93 8.32 -3.37 5.00
N GLU A 94 7.04 -3.47 4.61
CA GLU A 94 6.05 -4.22 5.38
C GLU A 94 6.00 -5.68 4.90
N GLY A 95 6.72 -6.00 3.80
CA GLY A 95 6.64 -7.41 3.26
C GLY A 95 5.21 -7.82 2.84
N MET A 96 4.91 -9.12 3.02
CA MET A 96 3.67 -9.73 2.53
C MET A 96 3.51 -9.63 0.99
N LYS A 97 4.61 -9.56 0.25
CA LYS A 97 4.54 -9.58 -1.21
C LYS A 97 4.40 -11.04 -1.67
N ILE A 98 3.73 -11.24 -2.81
CA ILE A 98 3.56 -12.57 -3.34
C ILE A 98 4.06 -12.52 -4.79
N TYR A 99 5.35 -12.74 -4.97
CA TYR A 99 6.01 -12.67 -6.32
C TYR A 99 5.72 -13.89 -7.19
N ARG A 100 5.52 -13.62 -8.47
CA ARG A 100 5.42 -14.60 -9.49
C ARG A 100 6.69 -14.49 -10.25
N ILE A 101 7.41 -15.62 -10.35
CA ILE A 101 8.69 -15.60 -10.99
C ILE A 101 8.73 -16.72 -12.05
N LYS A 102 9.36 -16.44 -13.16
CA LYS A 102 9.48 -17.44 -14.24
C LYS A 102 10.96 -17.63 -14.62
N TYR A 103 11.45 -18.86 -14.53
CA TYR A 103 12.74 -19.20 -15.12
C TYR A 103 12.53 -19.52 -16.63
N ASP A 104 13.27 -18.90 -17.53
CA ASP A 104 12.99 -19.00 -18.99
C ASP A 104 14.09 -19.85 -19.67
N GLY A 105 14.82 -20.63 -18.90
CA GLY A 105 15.81 -21.54 -19.46
C GLY A 105 17.19 -20.89 -19.39
N THR A 106 17.23 -19.60 -18.99
CA THR A 106 18.49 -18.89 -18.80
C THR A 106 18.54 -18.07 -17.49
N ARG A 107 17.47 -17.32 -17.25
CA ARG A 107 17.43 -16.41 -16.13
C ARG A 107 16.10 -16.48 -15.42
N MET A 108 16.05 -15.95 -14.20
CA MET A 108 14.74 -15.69 -13.59
CA MET A 108 14.79 -15.63 -13.50
C MET A 108 14.21 -14.30 -13.99
N ASN A 109 12.89 -14.28 -14.23
CA ASN A 109 12.19 -13.06 -14.64
C ASN A 109 11.10 -12.81 -13.60
N LEU A 110 11.12 -11.63 -12.98
CA LEU A 110 10.07 -11.22 -12.07
C LEU A 110 8.86 -10.93 -12.94
N GLN A 111 7.78 -11.67 -12.79
CA GLN A 111 6.56 -11.39 -13.57
C GLN A 111 5.71 -10.32 -12.92
N ARG A 112 5.32 -10.50 -11.65
CA ARG A 112 4.56 -9.45 -10.99
CA ARG A 112 4.30 -9.65 -11.06
C ARG A 112 4.39 -9.86 -9.53
N ASP A 113 3.77 -8.94 -8.77
CA ASP A 113 3.44 -9.14 -7.35
C ASP A 113 1.95 -9.41 -7.29
N ALA A 114 1.58 -10.67 -7.04
CA ALA A 114 0.16 -11.01 -6.99
C ALA A 114 -0.56 -10.33 -5.82
N ALA A 115 0.20 -9.89 -4.80
CA ALA A 115 -0.43 -9.13 -3.68
C ALA A 115 -0.88 -7.77 -4.22
N GLU A 116 -0.19 -7.22 -5.19
CA GLU A 116 -0.73 -6.01 -5.81
C GLU A 116 -1.92 -6.27 -6.73
N VAL A 117 -1.86 -7.35 -7.52
CA VAL A 117 -2.98 -7.64 -8.46
C VAL A 117 -4.26 -7.94 -7.69
N SER A 118 -4.12 -8.84 -6.72
CA SER A 118 -5.30 -9.23 -5.92
C SER A 118 -5.71 -8.26 -4.81
N GLY A 119 -4.72 -7.55 -4.24
CA GLY A 119 -4.94 -6.67 -3.06
C GLY A 119 -4.70 -7.36 -1.72
N LEU A 120 -4.34 -8.65 -1.76
CA LEU A 120 -4.25 -9.51 -0.56
C LEU A 120 -2.74 -9.93 -0.40
N GLY A 121 -2.07 -9.42 0.63
CA GLY A 121 -0.74 -9.87 0.99
C GLY A 121 -0.66 -10.80 2.18
N LEU A 122 0.11 -11.89 2.05
CA LEU A 122 0.15 -13.00 3.05
C LEU A 122 1.58 -13.51 3.09
N GLY A 123 2.13 -13.85 4.27
CA GLY A 123 3.58 -14.05 4.31
C GLY A 123 4.08 -15.38 4.84
N VAL A 124 3.19 -16.36 4.98
CA VAL A 124 3.62 -17.68 5.48
C VAL A 124 3.57 -18.67 4.32
N HIS A 125 3.01 -19.86 4.49
CA HIS A 125 3.27 -20.95 3.49
C HIS A 125 2.57 -20.73 2.18
N VAL A 126 3.23 -21.13 1.09
CA VAL A 126 2.70 -21.10 -0.24
C VAL A 126 2.61 -22.56 -0.73
N THR A 127 1.50 -22.92 -1.39
CA THR A 127 1.30 -24.31 -1.87
C THR A 127 0.64 -24.18 -3.28
N ILE A 128 0.92 -25.14 -4.13
CA ILE A 128 0.26 -25.27 -5.44
C ILE A 128 -0.99 -26.13 -5.28
N THR A 129 -2.07 -25.76 -5.96
CA THR A 129 -3.26 -26.60 -6.05
C THR A 129 -2.89 -27.91 -6.77
N PRO A 130 -3.60 -29.02 -6.42
CA PRO A 130 -3.19 -30.31 -7.07
C PRO A 130 -3.46 -30.34 -8.59
N GLU A 131 -4.27 -29.38 -9.07
CA GLU A 131 -4.55 -29.19 -10.52
C GLU A 131 -3.50 -28.33 -11.20
N ALA A 132 -2.58 -27.72 -10.43
CA ALA A 132 -1.58 -26.76 -10.94
C ALA A 132 -2.23 -25.58 -11.63
N ASP A 133 -3.41 -25.22 -11.18
CA ASP A 133 -4.12 -24.13 -11.82
C ASP A 133 -4.24 -22.91 -10.89
N GLY A 134 -3.45 -22.95 -9.81
CA GLY A 134 -3.48 -21.95 -8.81
C GLY A 134 -2.57 -22.32 -7.65
N TYR A 135 -2.73 -21.56 -6.58
CA TYR A 135 -1.78 -21.62 -5.42
C TYR A 135 -2.52 -21.07 -4.25
N ALA A 136 -2.01 -21.32 -3.05
CA ALA A 136 -2.62 -20.85 -1.86
C ALA A 136 -1.54 -20.25 -1.03
N VAL A 137 -1.91 -19.30 -0.19
CA VAL A 137 -0.93 -18.71 0.71
C VAL A 137 -1.65 -18.57 2.03
N GLY A 138 -0.91 -18.79 3.13
CA GLY A 138 -1.44 -18.55 4.47
C GLY A 138 -0.66 -17.49 5.21
N ASP A 139 -1.23 -17.03 6.31
CA ASP A 139 -0.54 -16.01 7.11
C ASP A 139 -0.94 -16.00 8.52
N GLY A 140 0.07 -16.01 9.39
CA GLY A 140 -0.26 -16.06 10.82
C GLY A 140 -0.15 -14.79 11.61
N GLN A 141 0.01 -13.67 10.92
CA GLN A 141 -0.07 -12.34 11.56
C GLN A 141 -1.44 -11.77 11.31
N LYS A 142 -2.01 -12.02 10.12
CA LYS A 142 -3.38 -11.57 9.80
C LYS A 142 -4.39 -12.66 10.02
N ASP A 143 -3.94 -13.92 10.14
CA ASP A 143 -4.91 -15.07 10.18
C ASP A 143 -5.88 -15.20 8.99
N ILE A 144 -5.31 -15.19 7.79
CA ILE A 144 -6.08 -15.27 6.56
C ILE A 144 -5.37 -16.33 5.67
N CYS A 145 -6.12 -17.20 5.03
CA CYS A 145 -5.59 -18.02 3.96
C CYS A 145 -6.49 -17.89 2.75
N ALA A 146 -5.90 -18.06 1.59
CA ALA A 146 -6.65 -17.89 0.33
C ALA A 146 -6.08 -18.77 -0.79
N GLU A 147 -6.96 -19.15 -1.71
CA GLU A 147 -6.53 -19.79 -2.93
C GLU A 147 -6.64 -18.81 -4.07
N PHE A 148 -5.60 -18.74 -4.92
CA PHE A 148 -5.47 -17.75 -5.98
C PHE A 148 -5.51 -18.46 -7.31
N ASP A 149 -6.06 -17.79 -8.31
CA ASP A 149 -6.06 -18.31 -9.67
C ASP A 149 -4.71 -18.09 -10.32
N ARG A 150 -4.19 -19.15 -10.94
CA ARG A 150 -2.82 -19.09 -11.51
C ARG A 150 -2.67 -18.06 -12.66
N GLU A 151 -3.63 -18.03 -13.56
CA GLU A 151 -3.59 -17.16 -14.72
C GLU A 151 -3.79 -15.64 -14.40
N THR A 152 -4.72 -15.34 -13.52
CA THR A 152 -5.08 -13.91 -13.19
C THR A 152 -4.48 -13.37 -11.88
N ASP A 153 -4.00 -14.26 -11.04
CA ASP A 153 -3.55 -13.88 -9.67
C ASP A 153 -4.65 -13.24 -8.84
N MET A 154 -5.89 -13.47 -9.22
CA MET A 154 -6.98 -13.01 -8.38
C MET A 154 -7.38 -14.10 -7.38
N VAL A 155 -7.92 -13.69 -6.25
CA VAL A 155 -8.36 -14.62 -5.25
C VAL A 155 -9.65 -15.41 -5.68
N ARG A 156 -9.65 -16.76 -5.54
CA ARG A 156 -10.81 -17.61 -5.70
C ARG A 156 -11.68 -17.55 -4.47
N TYR A 157 -11.07 -17.67 -3.28
CA TYR A 157 -11.77 -17.53 -2.03
C TYR A 157 -10.70 -17.25 -0.96
N ALA A 158 -11.10 -16.59 0.12
CA ALA A 158 -10.20 -16.27 1.24
C ALA A 158 -11.03 -16.42 2.50
N TRP A 159 -10.37 -16.80 3.58
CA TRP A 159 -11.00 -17.07 4.84
C TRP A 159 -10.23 -16.35 5.89
N ALA A 160 -10.96 -15.74 6.84
CA ALA A 160 -10.37 -15.01 7.94
C ALA A 160 -10.79 -15.74 9.19
N PHE A 161 -9.85 -15.96 10.09
CA PHE A 161 -10.06 -16.68 11.37
C PHE A 161 -9.81 -15.83 12.58
N ASP A 162 -10.63 -15.98 13.63
CA ASP A 162 -10.50 -15.11 14.78
C ASP A 162 -10.72 -15.90 16.09
N TRP A 163 -9.99 -15.57 17.16
CA TRP A 163 -10.05 -16.34 18.40
C TRP A 163 -10.82 -15.53 19.41
N ASP A 164 -11.71 -16.18 20.17
CA ASP A 164 -12.45 -15.49 21.25
C ASP A 164 -12.19 -16.32 22.51
N PRO A 165 -11.17 -15.94 23.32
CA PRO A 165 -10.78 -16.75 24.42
C PRO A 165 -11.86 -16.78 25.53
N ASN A 166 -11.99 -17.95 26.18
CA ASN A 166 -12.80 -18.07 27.40
C ASN A 166 -12.28 -17.14 28.44
N VAL A 167 -10.99 -17.17 28.71
CA VAL A 167 -10.40 -16.23 29.68
C VAL A 167 -9.65 -15.07 29.03
N LYS A 168 -10.07 -13.84 29.33
CA LYS A 168 -9.49 -12.66 28.65
C LYS A 168 -8.13 -12.28 29.22
N ASP A 169 -7.15 -13.16 29.21
CA ASP A 169 -5.83 -12.66 29.38
C ASP A 169 -4.82 -13.57 28.75
N LEU A 170 -3.74 -13.00 28.31
CA LEU A 170 -2.84 -13.73 27.42
C LEU A 170 -2.38 -15.06 27.99
N LYS A 171 -2.17 -15.15 29.30
CA LYS A 171 -1.59 -16.38 29.85
C LYS A 171 -2.48 -17.57 29.64
N ARG A 172 -3.80 -17.31 29.69
CA ARG A 172 -4.84 -18.34 29.68
C ARG A 172 -5.65 -18.40 28.39
N ALA A 173 -5.41 -17.49 27.44
CA ALA A 173 -6.34 -17.35 26.29
C ALA A 173 -6.56 -18.60 25.46
N TRP A 174 -5.56 -19.48 25.39
CA TRP A 174 -5.69 -20.70 24.62
C TRP A 174 -5.83 -21.90 25.58
N LEU A 175 -5.06 -21.91 26.65
CA LEU A 175 -5.14 -22.99 27.67
C LEU A 175 -6.60 -23.25 28.13
N ASP A 176 -7.33 -22.22 28.53
CA ASP A 176 -8.70 -22.37 28.98
C ASP A 176 -9.71 -22.33 27.85
N GLY A 177 -9.24 -22.46 26.60
CA GLY A 177 -10.13 -22.70 25.47
C GLY A 177 -10.84 -21.43 24.99
N GLY A 178 -11.70 -21.56 23.96
CA GLY A 178 -12.41 -20.39 23.42
C GLY A 178 -13.15 -20.83 22.17
N THR A 179 -13.64 -19.87 21.38
CA THR A 179 -14.35 -20.13 20.15
C THR A 179 -13.61 -19.51 18.96
N MET A 180 -13.38 -20.33 17.92
CA MET A 180 -12.79 -19.78 16.71
C MET A 180 -13.86 -19.45 15.67
N THR A 181 -13.78 -18.24 15.07
CA THR A 181 -14.71 -17.86 14.01
C THR A 181 -13.98 -18.08 12.71
N ILE A 182 -14.69 -18.63 11.73
CA ILE A 182 -14.26 -18.82 10.33
C ILE A 182 -15.17 -17.95 9.47
N LYS A 183 -14.57 -16.97 8.78
CA LYS A 183 -15.31 -15.91 8.12
C LYS A 183 -14.90 -15.78 6.68
N ARG A 184 -15.85 -15.88 5.74
CA ARG A 184 -15.59 -15.68 4.33
C ARG A 184 -15.13 -14.22 4.17
N LEU A 185 -13.96 -13.98 3.57
CA LEU A 185 -13.43 -12.63 3.43
C LEU A 185 -13.63 -12.21 1.97
N LYS A 186 -14.28 -11.06 1.74
CA LYS A 186 -14.62 -10.64 0.38
C LYS A 186 -14.01 -9.28 0.18
N PRO A 187 -13.82 -8.89 -1.08
CA PRO A 187 -13.04 -7.70 -1.36
C PRO A 187 -13.84 -6.41 -1.13
N THR A 188 -13.14 -5.26 -1.15
CA THR A 188 -13.80 -3.98 -0.86
C THR A 188 -13.43 -2.90 -1.88
N LEU A 189 -12.51 -3.21 -2.80
CA LEU A 189 -12.01 -2.21 -3.79
C LEU A 189 -12.41 -2.43 -5.25
N PRO A 190 -12.40 -1.37 -6.11
CA PRO A 190 -12.73 -1.59 -7.48
C PRO A 190 -11.99 -2.80 -8.08
N GLY A 191 -12.65 -3.53 -8.98
CA GLY A 191 -11.95 -4.63 -9.66
C GLY A 191 -12.05 -5.87 -8.82
N GLY A 192 -12.86 -5.85 -7.74
CA GLY A 192 -12.91 -6.98 -6.80
C GLY A 192 -11.54 -7.20 -6.15
N ARG A 193 -10.83 -6.13 -5.76
CA ARG A 193 -9.54 -6.26 -5.05
C ARG A 193 -9.66 -6.07 -3.54
N TYR A 194 -8.80 -6.75 -2.80
CA TYR A 194 -8.73 -6.59 -1.37
C TYR A 194 -7.96 -5.34 -1.05
N ASP A 195 -8.11 -4.87 0.18
CA ASP A 195 -7.38 -3.80 0.70
C ASP A 195 -6.52 -4.32 1.83
N LEU A 196 -5.67 -5.28 1.55
CA LEU A 196 -5.02 -6.01 2.61
C LEU A 196 -3.56 -6.28 2.25
N GLN A 197 -2.91 -5.30 1.57
CA GLN A 197 -1.47 -5.45 1.24
C GLN A 197 -0.58 -5.06 2.42
N GLY A 198 0.69 -5.47 2.41
CA GLY A 198 1.60 -5.15 3.46
C GLY A 198 1.05 -5.47 4.84
N SER A 199 1.21 -4.54 5.81
CA SER A 199 0.76 -4.81 7.22
C SER A 199 -0.72 -4.70 7.50
N LYS A 200 -1.51 -4.40 6.50
CA LYS A 200 -2.95 -4.27 6.73
C LYS A 200 -3.59 -5.61 7.10
N GLY A 201 -4.33 -5.58 8.23
CA GLY A 201 -4.92 -6.73 8.82
C GLY A 201 -4.07 -7.41 9.88
N ASN A 202 -2.79 -7.02 10.07
CA ASN A 202 -1.97 -7.67 11.17
C ASN A 202 -2.59 -7.56 12.56
N LYS A 203 -2.63 -8.67 13.30
CA LYS A 203 -3.04 -8.67 14.71
C LYS A 203 -1.78 -8.60 15.63
N ILE A 204 -0.67 -9.14 15.15
CA ILE A 204 0.58 -9.22 15.90
C ILE A 204 1.69 -8.86 14.91
N ASP A 205 2.84 -8.48 15.43
CA ASP A 205 3.82 -7.72 14.64
C ASP A 205 4.89 -8.57 14.00
N TRP A 206 4.87 -9.87 14.29
CA TRP A 206 5.77 -10.84 13.62
C TRP A 206 5.10 -12.19 13.69
N GLU A 207 5.50 -13.11 12.81
CA GLU A 207 5.03 -14.50 12.81
C GLU A 207 5.56 -15.15 14.11
N LEU A 208 4.79 -16.01 14.77
CA LEU A 208 5.33 -16.66 16.00
C LEU A 208 6.51 -17.58 15.65
N VAL A 209 7.56 -17.58 16.46
CA VAL A 209 8.75 -18.40 16.20
C VAL A 209 8.45 -19.77 16.78
N PRO A 210 9.36 -20.75 16.59
CA PRO A 210 9.16 -22.05 17.24
C PRO A 210 9.00 -21.89 18.77
N GLY A 211 7.92 -22.41 19.34
CA GLY A 211 7.67 -22.21 20.79
C GLY A 211 7.08 -20.86 21.10
N GLY A 212 6.82 -20.11 20.05
CA GLY A 212 6.28 -18.78 20.17
C GLY A 212 4.91 -18.75 20.81
N GLU A 213 4.21 -19.90 20.94
CA GLU A 213 2.95 -19.96 21.74
C GLU A 213 3.21 -19.40 23.14
N LEU A 214 4.37 -19.70 23.70
CA LEU A 214 4.66 -19.24 25.06
C LEU A 214 4.97 -17.75 25.12
N ALA A 215 5.58 -17.19 24.06
CA ALA A 215 5.97 -15.76 24.00
C ALA A 215 4.69 -14.96 23.98
N ILE A 216 3.75 -15.42 23.17
CA ILE A 216 2.52 -14.63 23.01
C ILE A 216 1.65 -14.63 24.31
N GLU A 217 1.50 -15.82 24.93
CA GLU A 217 0.92 -15.97 26.26
C GLU A 217 1.53 -15.04 27.30
N ASP A 218 2.84 -14.84 27.22
CA ASP A 218 3.55 -14.00 28.19
C ASP A 218 3.63 -12.51 27.92
N GLY A 219 2.91 -12.04 26.91
CA GLY A 219 2.83 -10.63 26.60
C GLY A 219 4.08 -10.14 25.90
N LYS A 220 4.93 -11.05 25.43
CA LYS A 220 6.13 -10.65 24.71
C LYS A 220 5.98 -10.49 23.15
N VAL A 221 4.79 -10.62 22.59
CA VAL A 221 4.60 -10.41 21.16
C VAL A 221 3.71 -9.19 21.07
N SER A 222 4.20 -8.10 20.49
CA SER A 222 3.45 -6.88 20.35
C SER A 222 2.49 -7.00 19.17
N GLY A 223 1.47 -6.12 19.14
CA GLY A 223 0.52 -6.07 18.02
C GLY A 223 -0.75 -5.48 18.52
N ASP A 224 -1.71 -5.21 17.63
CA ASP A 224 -3.02 -4.72 18.04
C ASP A 224 -3.95 -5.67 18.77
N ARG A 225 -4.02 -6.94 18.37
CA ARG A 225 -4.97 -7.82 19.03
C ARG A 225 -4.49 -9.26 19.15
N PRO A 226 -3.44 -9.44 19.93
CA PRO A 226 -2.93 -10.77 20.18
C PRO A 226 -3.97 -11.69 20.83
N LEU A 227 -4.97 -11.18 21.58
CA LEU A 227 -5.97 -12.15 22.20
C LEU A 227 -6.84 -12.81 21.12
N HIS A 228 -6.86 -12.21 19.92
CA HIS A 228 -7.66 -12.72 18.80
C HIS A 228 -6.88 -13.63 17.85
N SER A 229 -5.61 -13.88 18.17
CA SER A 229 -4.71 -14.64 17.28
C SER A 229 -4.99 -16.11 17.26
N VAL A 230 -4.92 -16.69 16.06
CA VAL A 230 -4.95 -18.15 15.96
C VAL A 230 -3.68 -18.67 15.29
N ALA A 231 -2.90 -17.77 14.67
CA ALA A 231 -1.72 -18.16 13.91
C ALA A 231 -1.95 -19.24 12.81
N ASN A 232 -2.81 -18.95 11.84
CA ASN A 232 -2.88 -19.76 10.62
C ASN A 232 -1.45 -19.90 10.05
N ASP A 233 -1.15 -21.05 9.46
CA ASP A 233 0.25 -21.32 9.00
C ASP A 233 0.19 -21.62 7.50
N ALA A 234 -0.75 -22.48 7.11
CA ALA A 234 -0.83 -23.00 5.74
C ALA A 234 -2.24 -23.37 5.25
N LEU A 235 -2.38 -23.41 3.93
CA LEU A 235 -3.51 -24.07 3.33
C LEU A 235 -3.01 -25.24 2.45
N VAL A 236 -3.14 -26.47 2.93
CA VAL A 236 -2.65 -27.65 2.17
C VAL A 236 -3.79 -28.39 1.43
N PHE A 237 -3.43 -29.15 0.44
CA PHE A 237 -4.40 -29.70 -0.50
C PHE A 237 -4.43 -31.23 -0.48
N ASP A 238 -5.65 -31.77 -0.48
CA ASP A 238 -5.90 -33.18 -0.71
C ASP A 238 -5.48 -33.46 -2.15
N PRO A 239 -4.52 -34.41 -2.36
CA PRO A 239 -4.09 -34.70 -3.69
C PRO A 239 -5.24 -35.23 -4.58
N ARG A 240 -6.33 -35.74 -4.00
CA ARG A 240 -7.43 -36.33 -4.79
C ARG A 240 -8.38 -35.22 -5.24
N GLY A 241 -8.20 -34.03 -4.67
CA GLY A 241 -9.00 -32.89 -5.07
C GLY A 241 -10.03 -32.53 -4.02
N LYS A 242 -10.83 -31.51 -4.31
CA LYS A 242 -11.98 -31.13 -3.49
C LYS A 242 -11.66 -30.38 -2.17
N TRP A 243 -10.73 -30.89 -1.38
CA TRP A 243 -10.52 -30.39 -0.05
C TRP A 243 -9.23 -29.64 0.09
N ALA A 244 -9.33 -28.57 0.91
CA ALA A 244 -8.11 -27.86 1.38
C ALA A 244 -8.14 -27.79 2.90
N VAL A 245 -6.98 -27.91 3.55
CA VAL A 245 -6.91 -27.84 5.03
C VAL A 245 -6.03 -26.70 5.51
N ALA A 246 -6.63 -25.83 6.30
CA ALA A 246 -6.00 -24.70 6.88
C ALA A 246 -5.60 -25.10 8.28
N SER A 247 -4.32 -24.90 8.60
CA SER A 247 -3.83 -25.24 9.95
C SER A 247 -3.78 -24.00 10.86
N MET A 248 -4.11 -24.19 12.13
CA MET A 248 -4.21 -23.10 13.10
C MET A 248 -3.29 -23.47 14.23
N ARG A 249 -2.15 -22.80 14.33
CA ARG A 249 -1.17 -23.15 15.34
C ARG A 249 -1.68 -23.01 16.77
N LEU A 250 -2.20 -21.84 17.16
CA LEU A 250 -2.54 -21.58 18.58
C LEU A 250 -3.68 -22.42 19.14
N PRO A 251 -4.78 -22.62 18.37
CA PRO A 251 -5.81 -23.45 18.99
C PRO A 251 -5.67 -24.96 18.73
N GLY A 252 -4.56 -25.33 18.08
CA GLY A 252 -4.27 -26.74 17.76
C GLY A 252 -5.39 -27.47 17.00
N VAL A 253 -5.85 -26.88 15.89
CA VAL A 253 -6.80 -27.53 15.00
C VAL A 253 -6.46 -27.27 13.56
N CYS A 254 -6.99 -28.13 12.68
CA CYS A 254 -7.01 -27.85 11.23
C CYS A 254 -8.46 -27.73 10.80
N VAL A 255 -8.75 -26.85 9.83
CA VAL A 255 -10.14 -26.72 9.30
C VAL A 255 -10.13 -27.29 7.87
N VAL A 256 -11.05 -28.22 7.57
CA VAL A 256 -11.17 -28.74 6.23
C VAL A 256 -12.17 -27.88 5.46
N PHE A 257 -11.79 -27.48 4.24
CA PHE A 257 -12.63 -26.68 3.37
C PHE A 257 -12.96 -27.39 2.09
N ASP A 258 -14.22 -27.24 1.71
CA ASP A 258 -14.65 -27.55 0.35
C ASP A 258 -14.16 -26.40 -0.55
N ARG A 259 -13.34 -26.69 -1.56
CA ARG A 259 -12.73 -25.67 -2.44
C ARG A 259 -13.74 -25.12 -3.47
N GLU A 260 -14.49 -26.02 -4.15
CA GLU A 260 -15.47 -25.62 -5.20
C GLU A 260 -16.75 -25.02 -4.60
N ASN A 261 -17.23 -25.56 -3.50
CA ASN A 261 -18.41 -24.96 -2.90
C ASN A 261 -18.11 -23.82 -1.90
N GLN A 262 -16.85 -23.65 -1.53
CA GLN A 262 -16.40 -22.53 -0.73
C GLN A 262 -17.06 -22.48 0.65
N VAL A 263 -17.01 -23.62 1.36
CA VAL A 263 -17.53 -23.68 2.73
C VAL A 263 -16.57 -24.53 3.56
N PRO A 264 -16.42 -24.20 4.86
CA PRO A 264 -15.74 -25.13 5.73
C PRO A 264 -16.64 -26.37 5.98
N VAL A 265 -16.02 -27.54 6.16
CA VAL A 265 -16.82 -28.77 6.42
C VAL A 265 -16.47 -29.55 7.67
N ALA A 266 -15.29 -29.36 8.24
CA ALA A 266 -14.90 -30.18 9.40
C ALA A 266 -13.76 -29.45 10.10
N VAL A 267 -13.61 -29.68 11.41
CA VAL A 267 -12.49 -29.20 12.19
C VAL A 267 -11.84 -30.40 12.85
N LEU A 268 -10.53 -30.58 12.62
CA LEU A 268 -9.82 -31.70 13.13
C LEU A 268 -9.10 -31.26 14.37
N ALA A 269 -9.17 -32.08 15.43
CA ALA A 269 -8.66 -31.70 16.72
C ALA A 269 -7.25 -32.30 16.95
N GLY A 270 -6.24 -31.44 17.06
CA GLY A 270 -4.86 -31.91 17.06
C GLY A 270 -4.37 -32.84 18.21
N PRO A 271 -4.43 -32.34 19.46
CA PRO A 271 -3.72 -32.89 20.60
C PRO A 271 -4.14 -34.30 20.95
N LYS A 272 -3.17 -35.09 21.42
CA LYS A 272 -3.47 -36.46 21.86
C LYS A 272 -4.40 -36.30 23.07
N GLY A 273 -5.53 -37.01 23.09
CA GLY A 273 -6.47 -36.93 24.20
C GLY A 273 -7.73 -36.17 23.86
N THR A 274 -7.76 -35.56 22.66
CA THR A 274 -8.96 -34.86 22.21
C THR A 274 -9.67 -35.80 21.25
N PRO A 275 -10.98 -35.59 20.97
CA PRO A 275 -11.67 -36.47 20.00
C PRO A 275 -11.11 -36.30 18.55
N SER A 276 -11.59 -37.08 17.56
CA SER A 276 -11.12 -36.91 16.18
C SER A 276 -11.31 -35.47 15.63
N GLN A 277 -12.51 -34.93 15.88
CA GLN A 277 -13.02 -33.69 15.37
C GLN A 277 -13.70 -32.83 16.46
N PHE A 278 -13.78 -31.50 16.26
CA PHE A 278 -14.70 -30.66 17.07
C PHE A 278 -15.88 -30.32 16.17
N GLN A 279 -16.95 -29.83 16.81
CA GLN A 279 -18.21 -29.52 16.16
C GLN A 279 -18.17 -28.17 15.41
N LEU A 280 -18.28 -28.23 14.10
CA LEU A 280 -18.32 -27.01 13.30
C LEU A 280 -19.79 -26.54 13.34
N VAL A 281 -20.02 -25.26 13.65
CA VAL A 281 -21.36 -24.68 13.69
C VAL A 281 -21.57 -23.56 12.64
N LYS A 282 -22.59 -23.66 11.79
CA LYS A 282 -22.84 -22.62 10.79
C LYS A 282 -23.56 -21.50 11.47
N VAL A 283 -23.08 -20.27 11.35
CA VAL A 283 -23.77 -19.13 11.95
C VAL A 283 -24.55 -18.45 10.82
N ASP A 284 -23.97 -18.26 9.63
CA ASP A 284 -24.79 -17.81 8.49
C ASP A 284 -24.05 -18.21 7.28
N ASP A 285 -24.50 -17.77 6.11
CA ASP A 285 -23.81 -18.13 4.87
C ASP A 285 -22.32 -17.80 4.74
N ASP A 286 -21.80 -16.93 5.59
CA ASP A 286 -20.41 -16.46 5.52
C ASP A 286 -19.62 -16.70 6.78
N THR A 287 -20.22 -17.37 7.79
CA THR A 287 -19.66 -17.36 9.15
C THR A 287 -19.95 -18.69 9.82
N TRP A 288 -18.89 -19.32 10.35
CA TRP A 288 -18.99 -20.58 11.10
C TRP A 288 -18.18 -20.39 12.36
N THR A 289 -18.49 -21.15 13.42
CA THR A 289 -17.72 -21.06 14.63
C THR A 289 -17.39 -22.51 15.06
N VAL A 290 -16.38 -22.66 15.93
CA VAL A 290 -16.10 -23.96 16.51
C VAL A 290 -15.63 -23.73 17.95
N ASP A 291 -16.27 -24.41 18.92
CA ASP A 291 -15.96 -24.25 20.33
C ASP A 291 -14.82 -25.20 20.70
N ILE A 292 -13.76 -24.71 21.36
CA ILE A 292 -12.63 -25.57 21.72
C ILE A 292 -12.47 -25.44 23.22
N PRO A 293 -12.99 -26.42 23.96
CA PRO A 293 -13.09 -26.25 25.43
C PRO A 293 -11.74 -26.03 26.10
N GLU A 294 -10.64 -26.62 25.62
CA GLU A 294 -9.31 -26.22 26.11
C GLU A 294 -8.26 -26.52 25.06
N VAL A 295 -7.16 -25.77 25.03
CA VAL A 295 -6.18 -26.11 24.03
C VAL A 295 -5.08 -26.87 24.72
N ILE A 296 -4.97 -28.18 24.48
CA ILE A 296 -3.97 -29.00 25.21
C ILE A 296 -2.57 -28.70 24.68
N SER A 297 -2.40 -28.61 23.35
CA SER A 297 -1.11 -28.18 22.81
C SER A 297 -1.36 -27.42 21.51
N ALA A 298 -0.42 -26.55 21.19
CA ALA A 298 -0.37 -25.90 19.89
C ALA A 298 0.04 -27.00 18.88
N GLY A 299 -0.18 -26.75 17.57
CA GLY A 299 0.26 -27.66 16.50
C GLY A 299 0.95 -26.89 15.35
N HIS A 300 1.56 -27.57 14.41
CA HIS A 300 2.15 -26.84 13.29
C HIS A 300 1.98 -27.54 11.97
N GLN A 301 2.94 -28.40 11.61
CA GLN A 301 2.93 -29.06 10.30
C GLN A 301 1.66 -29.83 10.01
N ALA A 302 1.16 -29.75 8.77
CA ALA A 302 -0.09 -30.42 8.40
C ALA A 302 -0.02 -30.95 6.97
N GLY A 303 -0.43 -32.17 6.70
CA GLY A 303 -0.42 -32.62 5.31
C GLY A 303 -0.99 -34.01 5.08
N PHE A 304 -1.22 -34.31 3.80
CA PHE A 304 -1.68 -35.56 3.33
C PHE A 304 -0.52 -36.42 2.81
N SER A 305 -0.66 -37.73 2.95
CA SER A 305 0.10 -38.70 2.19
C SER A 305 -0.30 -38.59 0.75
N PRO A 306 0.56 -39.11 -0.15
CA PRO A 306 0.41 -38.83 -1.57
C PRO A 306 -0.81 -39.50 -2.18
N ASP A 307 -1.40 -40.48 -1.47
CA ASP A 307 -2.58 -41.18 -2.03
C ASP A 307 -3.83 -40.66 -1.32
N GLY A 308 -3.66 -39.74 -0.39
CA GLY A 308 -4.78 -38.99 0.24
C GLY A 308 -5.40 -39.77 1.39
N GLN A 309 -4.84 -40.94 1.66
CA GLN A 309 -5.43 -41.87 2.62
C GLN A 309 -5.19 -41.52 4.06
N SER A 310 -4.12 -40.77 4.28
CA SER A 310 -3.75 -40.30 5.63
C SER A 310 -3.63 -38.81 5.66
N PHE A 311 -4.06 -38.25 6.77
CA PHE A 311 -3.87 -36.86 6.97
C PHE A 311 -3.13 -36.71 8.27
N LEU A 312 -2.12 -35.83 8.30
CA LEU A 312 -1.24 -35.59 9.47
C LEU A 312 -1.24 -34.18 10.02
N PHE A 313 -1.21 -34.09 11.34
CA PHE A 313 -0.98 -32.80 11.99
C PHE A 313 0.02 -33.00 13.11
N MET A 314 1.10 -32.18 13.14
CA MET A 314 2.10 -32.30 14.22
C MET A 314 1.71 -31.46 15.41
N ASN A 315 1.60 -32.09 16.58
CA ASN A 315 1.61 -31.34 17.85
C ASN A 315 3.00 -30.88 18.15
N SER A 316 3.16 -29.64 18.60
CA SER A 316 4.51 -29.12 18.83
C SER A 316 4.62 -28.36 20.14
N LEU A 317 5.80 -28.46 20.77
CA LEU A 317 6.09 -27.85 22.08
C LEU A 317 5.48 -28.58 23.36
N ARG A 318 4.24 -28.25 23.81
CA ARG A 318 3.53 -28.95 24.95
C ARG A 318 3.32 -30.49 24.72
N GLN A 319 3.05 -30.91 23.49
CA GLN A 319 3.19 -32.30 23.07
C GLN A 319 4.05 -32.25 21.82
N ASN A 320 4.99 -33.17 21.64
CA ASN A 320 5.66 -33.35 20.36
C ASN A 320 5.29 -34.72 19.83
N ASN A 321 4.36 -34.80 18.87
CA ASN A 321 3.97 -36.07 18.26
C ASN A 321 3.40 -35.89 16.85
N ILE A 322 3.14 -36.97 16.13
CA ILE A 322 2.48 -36.81 14.85
C ILE A 322 1.11 -37.43 14.99
N MET A 323 0.07 -36.58 14.95
CA MET A 323 -1.30 -37.05 14.93
C MET A 323 -1.81 -37.53 13.54
N VAL A 324 -2.40 -38.73 13.45
CA VAL A 324 -2.75 -39.22 12.11
C VAL A 324 -4.22 -39.59 12.02
N TRP A 325 -4.89 -39.16 10.93
CA TRP A 325 -6.31 -39.49 10.66
C TRP A 325 -6.41 -40.38 9.44
N ASP A 326 -7.40 -41.24 9.43
CA ASP A 326 -7.83 -41.92 8.21
C ASP A 326 -8.71 -40.95 7.43
N SER A 327 -8.17 -40.51 6.30
CA SER A 327 -8.88 -39.59 5.39
C SER A 327 -9.29 -40.39 4.15
N SER A 328 -9.30 -41.73 4.20
CA SER A 328 -9.69 -42.51 3.00
C SER A 328 -11.10 -42.24 2.49
N ASN A 329 -12.02 -41.79 3.35
CA ASN A 329 -13.34 -41.41 2.83
C ASN A 329 -13.30 -40.01 2.20
N HIS A 330 -12.90 -39.99 0.94
CA HIS A 330 -12.78 -38.75 0.23
C HIS A 330 -14.10 -38.01 0.16
N ASP A 331 -15.21 -38.75 0.14
CA ASP A 331 -16.48 -38.10 -0.06
C ASP A 331 -17.00 -37.29 1.16
N ASP A 332 -16.47 -37.54 2.36
CA ASP A 332 -16.93 -36.86 3.58
C ASP A 332 -15.92 -36.71 4.75
N PRO A 333 -15.29 -35.51 4.87
CA PRO A 333 -14.25 -35.28 5.90
C PRO A 333 -14.76 -35.32 7.35
N THR A 334 -16.07 -35.14 7.54
CA THR A 334 -16.59 -35.24 8.91
C THR A 334 -16.50 -36.70 9.38
N THR A 335 -16.25 -37.65 8.47
CA THR A 335 -15.99 -39.03 8.93
C THR A 335 -14.52 -39.33 9.26
N TRP A 336 -13.59 -38.42 8.93
CA TRP A 336 -12.17 -38.74 9.13
C TRP A 336 -11.88 -38.92 10.63
N GLU A 337 -11.19 -40.02 10.96
CA GLU A 337 -11.01 -40.38 12.35
C GLU A 337 -9.57 -40.60 12.68
N LYS A 338 -9.16 -40.28 13.90
CA LYS A 338 -7.77 -40.54 14.27
C LYS A 338 -7.44 -42.02 14.13
N LYS A 339 -6.29 -42.38 13.57
CA LYS A 339 -5.91 -43.80 13.43
C LYS A 339 -4.55 -44.20 14.05
N ALA A 340 -3.64 -43.25 14.24
CA ALA A 340 -2.33 -43.56 14.80
C ALA A 340 -1.73 -42.26 15.35
N VAL A 341 -0.74 -42.37 16.23
CA VAL A 341 -0.06 -41.21 16.73
C VAL A 341 1.38 -41.63 16.79
N VAL A 342 2.30 -40.95 16.08
CA VAL A 342 3.73 -41.29 16.24
C VAL A 342 4.31 -40.55 17.44
N GLU A 343 5.01 -41.27 18.32
CA GLU A 343 5.58 -40.67 19.54
C GLU A 343 6.95 -41.22 19.72
N SER A 344 7.78 -40.58 20.52
CA SER A 344 9.08 -41.14 20.77
C SER A 344 9.55 -40.66 22.14
N PRO A 345 10.27 -41.51 22.88
CA PRO A 345 10.82 -41.01 24.16
C PRO A 345 11.77 -39.80 23.99
N ASP A 346 12.34 -39.63 22.81
CA ASP A 346 13.14 -38.44 22.45
C ASP A 346 12.40 -37.11 22.39
N TRP A 347 11.09 -37.15 22.25
CA TRP A 347 10.33 -35.93 22.04
C TRP A 347 9.58 -35.44 23.29
N ARG A 348 10.04 -35.80 24.48
CA ARG A 348 9.35 -35.39 25.71
C ARG A 348 9.67 -33.95 26.11
N GLY A 349 10.85 -33.46 25.69
CA GLY A 349 11.22 -32.08 26.02
C GLY A 349 10.38 -31.13 25.20
N ALA A 350 10.63 -29.85 25.39
CA ALA A 350 10.07 -28.82 24.56
C ALA A 350 10.45 -29.06 23.06
N TYR A 351 11.69 -29.55 22.82
CA TYR A 351 12.25 -29.79 21.46
C TYR A 351 12.73 -31.21 21.41
N PRO A 352 12.93 -31.84 20.23
CA PRO A 352 12.84 -31.21 18.90
C PRO A 352 11.41 -30.88 18.54
N ASN A 353 11.25 -29.93 17.62
CA ASN A 353 9.98 -29.62 17.03
C ASN A 353 10.03 -30.06 15.56
N THR A 354 8.91 -30.60 15.05
CA THR A 354 8.89 -31.28 13.71
C THR A 354 8.00 -30.46 12.79
N PHE A 355 8.54 -29.55 11.97
CA PHE A 355 7.63 -28.58 11.25
C PHE A 355 7.49 -28.86 9.76
N HIS A 356 8.24 -29.84 9.30
CA HIS A 356 8.30 -30.11 7.85
C HIS A 356 8.34 -31.62 7.58
N MET A 357 7.67 -32.06 6.51
CA MET A 357 7.72 -33.47 6.15
C MET A 357 7.76 -33.64 4.63
N VAL A 358 8.14 -34.85 4.19
CA VAL A 358 7.94 -35.26 2.81
C VAL A 358 7.78 -36.77 2.80
N PHE A 359 6.81 -37.25 2.01
CA PHE A 359 6.59 -38.68 1.80
C PHE A 359 7.40 -39.24 0.63
N THR A 360 7.69 -40.54 0.68
CA THR A 360 8.11 -41.20 -0.55
C THR A 360 6.91 -41.42 -1.52
N PRO A 361 7.19 -41.60 -2.82
CA PRO A 361 6.12 -41.73 -3.78
C PRO A 361 5.10 -42.83 -3.40
N ASP A 362 5.56 -43.99 -2.93
CA ASP A 362 4.66 -45.08 -2.55
C ASP A 362 4.01 -44.85 -1.18
N ALA A 363 4.25 -43.71 -0.53
CA ALA A 363 3.62 -43.44 0.76
C ALA A 363 4.06 -44.31 1.97
N LYS A 364 5.10 -45.12 1.86
CA LYS A 364 5.47 -46.02 3.00
C LYS A 364 6.43 -45.41 4.02
N LYS A 365 7.12 -44.33 3.63
CA LYS A 365 8.00 -43.65 4.58
C LYS A 365 7.77 -42.15 4.50
N ILE A 366 7.98 -41.47 5.62
CA ILE A 366 7.97 -40.03 5.66
C ILE A 366 9.33 -39.65 6.22
N TYR A 367 9.87 -38.52 5.76
CA TYR A 367 11.05 -37.91 6.34
C TYR A 367 10.53 -36.67 7.02
N VAL A 368 10.89 -36.46 8.29
CA VAL A 368 10.46 -35.28 9.02
C VAL A 368 11.63 -34.55 9.71
N THR A 369 11.54 -33.24 9.81
CA THR A 369 12.68 -32.44 10.32
C THR A 369 12.63 -32.40 11.85
N MET A 370 13.79 -32.31 12.49
CA MET A 370 13.84 -32.16 13.97
C MET A 370 14.59 -30.90 14.25
N TRP A 371 13.84 -29.89 14.66
CA TRP A 371 14.44 -28.58 14.90
C TRP A 371 14.72 -28.34 16.38
N TRP A 372 15.89 -27.82 16.69
CA TRP A 372 16.19 -27.27 18.01
C TRP A 372 16.79 -25.88 17.88
N PRO A 373 16.67 -25.05 18.93
CA PRO A 373 17.43 -23.78 19.05
C PRO A 373 18.92 -24.14 19.18
N SER A 374 19.80 -23.20 18.84
CA SER A 374 21.23 -23.39 19.04
C SER A 374 21.55 -23.75 20.52
N PRO A 375 22.43 -24.69 20.85
CA PRO A 375 23.39 -25.26 19.93
C PRO A 375 23.14 -26.74 19.70
N THR A 376 21.93 -27.24 19.89
CA THR A 376 21.69 -28.67 19.78
C THR A 376 21.66 -29.07 18.31
N PRO A 377 22.30 -30.20 17.93
CA PRO A 377 22.32 -30.56 16.52
C PRO A 377 20.90 -30.90 16.00
N ASN A 378 20.53 -30.34 14.84
CA ASN A 378 19.19 -30.56 14.24
C ASN A 378 19.31 -31.73 13.29
N GLY A 379 18.18 -32.36 12.95
CA GLY A 379 18.31 -33.47 11.99
C GLY A 379 17.02 -33.85 11.31
N ILE A 380 16.98 -35.12 10.92
CA ILE A 380 15.85 -35.71 10.15
C ILE A 380 15.49 -37.01 10.85
N ALA A 381 14.19 -37.26 11.00
CA ALA A 381 13.77 -38.59 11.44
C ALA A 381 13.06 -39.26 10.31
N VAL A 382 13.26 -40.58 10.22
CA VAL A 382 12.60 -41.39 9.21
C VAL A 382 11.44 -42.11 9.88
N ILE A 383 10.24 -41.93 9.31
CA ILE A 383 8.99 -42.52 9.83
C ILE A 383 8.52 -43.64 8.92
N ASP A 384 8.22 -44.77 9.55
CA ASP A 384 7.57 -45.90 8.89
C ASP A 384 6.09 -45.54 8.91
N ALA A 385 5.51 -45.30 7.72
CA ALA A 385 4.17 -44.73 7.60
C ALA A 385 3.14 -45.83 7.30
N VAL A 386 3.51 -47.08 7.56
CA VAL A 386 2.66 -48.23 7.42
C VAL A 386 2.37 -48.62 8.89
N ASN A 387 3.41 -48.71 9.71
CA ASN A 387 3.25 -49.03 11.13
C ASN A 387 3.22 -47.86 12.07
N TRP A 388 3.49 -46.67 11.52
CA TRP A 388 3.50 -45.40 12.28
C TRP A 388 4.49 -45.41 13.42
N GLU A 389 5.71 -45.78 13.07
CA GLU A 389 6.78 -45.78 14.01
C GLU A 389 8.00 -45.09 13.44
N VAL A 390 8.80 -44.55 14.34
CA VAL A 390 10.05 -43.90 13.99
C VAL A 390 11.04 -45.01 13.65
N LEU A 391 11.60 -45.04 12.44
CA LEU A 391 12.71 -45.96 12.17
C LEU A 391 14.09 -45.46 12.68
N LYS A 392 14.38 -44.15 12.61
CA LYS A 392 15.76 -43.71 12.58
C LYS A 392 15.79 -42.20 12.69
N GLU A 393 16.84 -41.65 13.33
CA GLU A 393 17.05 -40.22 13.55
C GLU A 393 18.49 -39.93 13.15
N VAL A 394 18.74 -38.92 12.31
CA VAL A 394 20.13 -38.57 11.94
C VAL A 394 20.42 -37.10 12.31
N ASP A 395 21.56 -36.85 12.92
CA ASP A 395 21.98 -35.46 13.29
C ASP A 395 22.71 -34.85 12.10
N LEU A 396 22.50 -33.56 11.82
CA LEU A 396 23.10 -32.92 10.63
C LEU A 396 23.76 -31.62 10.95
N GLY A 397 23.15 -30.76 11.79
CA GLY A 397 23.74 -29.43 11.95
C GLY A 397 22.71 -28.44 12.36
N PRO A 398 23.04 -27.13 12.27
CA PRO A 398 22.14 -26.15 12.89
C PRO A 398 20.90 -25.83 12.01
N ASP A 399 19.76 -25.54 12.67
CA ASP A 399 18.61 -24.87 12.06
C ASP A 399 18.07 -25.62 10.79
N MET A 400 17.54 -26.83 11.00
CA MET A 400 17.01 -27.65 9.93
C MET A 400 15.65 -27.08 9.51
N HIS A 401 15.44 -26.95 8.22
CA HIS A 401 14.12 -26.54 7.70
C HIS A 401 13.45 -27.54 6.76
N THR A 402 13.16 -27.15 5.54
CA THR A 402 12.32 -27.99 4.70
C THR A 402 13.01 -29.19 4.07
N LEU A 403 12.19 -30.10 3.54
CA LEU A 403 12.63 -31.33 2.85
C LEU A 403 11.90 -31.46 1.58
N ALA A 404 12.60 -31.80 0.49
CA ALA A 404 11.97 -32.19 -0.75
C ALA A 404 12.45 -33.61 -1.10
N ILE A 405 11.83 -34.24 -2.11
CA ILE A 405 12.30 -35.55 -2.52
C ILE A 405 12.36 -35.62 -4.02
N THR A 406 13.43 -36.18 -4.60
CA THR A 406 13.39 -36.36 -6.08
C THR A 406 12.17 -37.25 -6.44
N TYR A 407 11.57 -37.00 -7.62
CA TYR A 407 10.28 -37.59 -7.92
C TYR A 407 10.28 -39.14 -8.22
N ASP A 408 11.44 -39.73 -8.52
CA ASP A 408 11.60 -41.16 -8.52
C ASP A 408 11.75 -41.67 -7.10
N GLY A 409 11.70 -40.82 -6.07
CA GLY A 409 11.74 -41.33 -4.69
C GLY A 409 13.15 -41.64 -4.16
N LYS A 410 14.19 -41.52 -4.98
CA LYS A 410 15.57 -41.94 -4.49
C LYS A 410 16.33 -41.07 -3.44
N PHE A 411 16.12 -39.73 -3.48
CA PHE A 411 16.92 -38.81 -2.63
C PHE A 411 16.09 -37.74 -1.99
N VAL A 412 16.26 -37.56 -0.68
CA VAL A 412 15.69 -36.46 0.04
C VAL A 412 16.72 -35.31 -0.05
N VAL A 413 16.27 -34.08 -0.29
CA VAL A 413 17.10 -32.90 -0.34
C VAL A 413 16.58 -31.87 0.66
N GLY A 414 17.40 -31.56 1.66
CA GLY A 414 16.97 -30.62 2.65
C GLY A 414 17.79 -29.33 2.76
N THR A 415 17.31 -28.39 3.56
CA THR A 415 18.03 -27.16 3.79
C THR A 415 18.24 -26.91 5.28
N LEU A 416 19.46 -26.49 5.64
CA LEU A 416 19.86 -26.04 6.94
C LEU A 416 20.32 -24.59 6.81
N SER A 417 19.93 -23.75 7.76
CA SER A 417 19.82 -22.32 7.47
C SER A 417 20.49 -21.38 8.47
N GLY A 418 21.29 -21.99 9.37
CA GLY A 418 22.19 -21.27 10.26
C GLY A 418 21.52 -20.24 11.20
N TYR A 419 20.20 -20.35 11.44
CA TYR A 419 19.43 -19.30 12.13
C TYR A 419 19.67 -17.92 11.50
N GLN A 420 19.90 -17.87 10.18
CA GLN A 420 20.15 -16.58 9.50
C GLN A 420 21.56 -15.99 9.78
N ASN A 421 22.39 -16.66 10.56
CA ASN A 421 23.73 -16.06 10.79
C ASN A 421 24.89 -17.02 10.95
N THR A 422 24.61 -18.34 10.99
CA THR A 422 25.71 -19.31 11.06
C THR A 422 25.64 -20.24 9.89
N ALA A 423 26.17 -21.45 10.10
CA ALA A 423 26.36 -22.42 9.03
C ALA A 423 25.04 -22.80 8.29
N SER A 424 25.12 -22.91 6.97
CA SER A 424 23.94 -23.08 6.10
C SER A 424 24.35 -24.08 4.99
N ALA A 425 23.43 -24.93 4.53
CA ALA A 425 23.81 -25.98 3.54
C ALA A 425 22.58 -26.62 2.95
N ILE A 426 22.78 -27.28 1.83
CA ILE A 426 21.83 -28.26 1.29
C ILE A 426 22.33 -29.65 1.68
N VAL A 427 21.45 -30.51 2.21
CA VAL A 427 21.82 -31.87 2.60
C VAL A 427 21.16 -32.89 1.63
N VAL A 428 21.89 -33.94 1.29
CA VAL A 428 21.29 -34.92 0.40
C VAL A 428 21.32 -36.28 1.12
N MET A 429 20.21 -37.00 1.17
CA MET A 429 20.15 -38.31 1.87
C MET A 429 19.54 -39.29 0.89
N GLU A 430 20.08 -40.50 0.75
CA GLU A 430 19.47 -41.50 -0.16
C GLU A 430 18.45 -42.33 0.66
N THR A 431 17.29 -42.67 0.05
CA THR A 431 16.17 -43.27 0.79
C THR A 431 16.18 -44.82 0.83
N GLU A 432 17.02 -45.45 0.02
CA GLU A 432 17.13 -46.91 0.01
C GLU A 432 17.60 -47.36 1.38
N THR A 433 18.72 -46.85 1.89
CA THR A 433 19.11 -47.23 3.23
C THR A 433 19.21 -46.06 4.17
N ASP A 434 18.67 -44.90 3.78
CA ASP A 434 18.60 -43.74 4.68
C ASP A 434 19.91 -43.22 5.23
N GLU A 435 20.86 -43.05 4.33
CA GLU A 435 22.16 -42.53 4.70
C GLU A 435 22.39 -41.17 4.12
N VAL A 436 23.04 -40.30 4.91
CA VAL A 436 23.43 -38.97 4.45
C VAL A 436 24.58 -39.09 3.46
N LEU A 437 24.41 -38.48 2.28
CA LEU A 437 25.46 -38.57 1.25
C LEU A 437 26.40 -37.33 1.30
N GLY A 438 25.93 -36.28 1.94
CA GLY A 438 26.79 -35.12 2.26
C GLY A 438 26.03 -33.80 2.03
N PHE A 439 26.81 -32.71 1.98
CA PHE A 439 26.32 -31.35 1.97
C PHE A 439 26.86 -30.55 0.75
N LEU A 440 26.06 -29.59 0.27
CA LEU A 440 26.45 -28.65 -0.79
C LEU A 440 26.35 -27.26 -0.21
N PRO A 441 27.25 -26.34 -0.65
CA PRO A 441 27.19 -25.00 -0.02
C PRO A 441 25.89 -24.31 -0.38
N SER A 442 25.40 -23.45 0.50
CA SER A 442 24.15 -22.69 0.21
C SER A 442 24.08 -21.47 1.10
N PRO A 443 24.54 -20.32 0.59
CA PRO A 443 24.73 -19.15 1.46
C PRO A 443 23.41 -18.39 1.57
N MET A 444 22.44 -19.05 2.17
CA MET A 444 21.05 -18.60 2.19
C MET A 444 20.42 -19.11 3.46
N GLY A 445 19.31 -18.48 3.88
CA GLY A 445 18.74 -18.81 5.20
C GLY A 445 17.38 -19.45 4.93
N HIS A 446 17.29 -20.22 3.86
CA HIS A 446 16.03 -20.87 3.42
C HIS A 446 15.11 -21.42 4.48
N HIS A 447 13.86 -20.95 4.44
CA HIS A 447 12.82 -21.63 5.13
C HIS A 447 11.92 -22.44 4.18
N ASP A 448 12.38 -22.65 2.95
CA ASP A 448 11.62 -23.51 2.07
C ASP A 448 12.57 -24.05 0.98
N ASN A 449 12.19 -25.13 0.32
CA ASN A 449 12.86 -25.62 -0.90
C ASN A 449 11.94 -26.64 -1.60
N VAL A 450 12.01 -26.71 -2.90
CA VAL A 450 11.23 -27.65 -3.68
C VAL A 450 12.19 -28.26 -4.75
N ILE A 451 11.82 -29.42 -5.25
CA ILE A 451 12.31 -29.89 -6.52
C ILE A 451 11.24 -29.57 -7.57
N VAL A 452 11.62 -29.04 -8.71
CA VAL A 452 10.60 -28.59 -9.66
C VAL A 452 9.94 -29.86 -10.25
N PRO A 453 8.56 -29.98 -10.09
CA PRO A 453 7.83 -31.18 -10.54
C PRO A 453 7.68 -31.10 -12.06
N ARG A 454 7.57 -32.27 -12.71
CA ARG A 454 7.27 -32.32 -14.11
C ARG A 454 5.81 -32.63 -14.35
N THR A 455 5.10 -33.32 -13.44
CA THR A 455 3.75 -33.77 -13.77
C THR A 455 2.84 -33.40 -12.58
N LEU A 456 1.52 -33.50 -12.77
CA LEU A 456 0.61 -33.32 -11.64
C LEU A 456 0.82 -34.38 -10.57
N GLU A 457 1.16 -35.60 -10.97
CA GLU A 457 1.42 -36.67 -10.00
C GLU A 457 2.64 -36.34 -9.11
N ASP A 458 3.68 -35.68 -9.69
CA ASP A 458 4.84 -35.25 -8.92
C ASP A 458 4.40 -34.31 -7.75
N LEU A 459 3.34 -33.49 -7.95
CA LEU A 459 2.92 -32.58 -6.87
C LEU A 459 2.51 -33.20 -5.60
N ARG A 460 2.06 -34.45 -5.65
CA ARG A 460 1.62 -35.18 -4.45
C ARG A 460 2.67 -35.27 -3.39
N ILE A 461 3.94 -35.24 -3.80
CA ILE A 461 5.06 -35.19 -2.85
C ILE A 461 5.88 -33.90 -2.98
N SER A 462 5.23 -32.77 -3.35
CA SER A 462 5.92 -31.49 -3.38
C SER A 462 5.14 -30.50 -2.54
N ARG A 463 5.31 -29.21 -2.83
CA ARG A 463 4.78 -28.18 -1.95
C ARG A 463 3.29 -27.93 -2.33
N SER A 464 2.43 -28.86 -1.94
CA SER A 464 1.03 -28.91 -2.41
C SER A 464 0.25 -29.64 -1.33
N THR A 465 0.65 -30.89 -1.07
CA THR A 465 0.04 -31.74 -0.02
C THR A 465 0.60 -31.53 1.43
N THR A 466 1.82 -31.03 1.56
CA THR A 466 2.51 -30.83 2.85
C THR A 466 3.36 -29.58 2.78
N THR A 467 3.79 -29.10 3.95
CA THR A 467 4.80 -28.04 4.06
C THR A 467 6.16 -28.50 4.70
N LYS B 1 27.19 -48.58 -3.62
CA LYS B 1 26.11 -48.24 -4.60
C LYS B 1 25.95 -46.71 -4.70
N TYR B 2 26.27 -45.99 -3.63
CA TYR B 2 26.06 -44.53 -3.62
C TYR B 2 27.38 -43.76 -3.48
N VAL B 3 27.44 -42.58 -4.08
CA VAL B 3 28.65 -41.77 -3.94
C VAL B 3 28.39 -40.74 -2.85
N LYS B 4 29.33 -40.58 -1.92
CA LYS B 4 29.26 -39.49 -0.95
C LYS B 4 30.07 -38.28 -1.41
N VAL B 5 29.46 -37.09 -1.37
CA VAL B 5 30.19 -35.86 -1.75
C VAL B 5 31.35 -35.55 -0.77
N GLN B 6 31.23 -36.07 0.46
CA GLN B 6 32.34 -35.92 1.40
C GLN B 6 33.66 -36.41 0.81
N ASP B 7 33.66 -37.43 -0.06
CA ASP B 7 34.94 -37.89 -0.58
C ASP B 7 35.59 -36.81 -1.43
N PHE B 8 34.77 -36.05 -2.12
CA PHE B 8 35.29 -34.95 -2.89
C PHE B 8 35.94 -33.85 -2.00
N TYR B 9 35.27 -33.45 -0.93
CA TYR B 9 35.83 -32.44 -0.08
C TYR B 9 37.05 -32.91 0.70
N ASP B 10 37.07 -34.18 1.11
CA ASP B 10 38.20 -34.74 1.88
C ASP B 10 39.50 -34.49 1.18
N GLN B 11 39.51 -34.48 -0.14
CA GLN B 11 40.75 -34.30 -0.86
C GLN B 11 41.23 -32.85 -0.86
N LEU B 12 40.34 -31.89 -0.58
CA LEU B 12 40.68 -30.46 -0.72
C LEU B 12 41.47 -29.86 0.44
N GLY B 13 41.28 -30.36 1.65
CA GLY B 13 41.95 -29.86 2.84
C GLY B 13 41.10 -28.85 3.57
N LYS B 14 41.70 -28.32 4.60
CA LYS B 14 41.00 -27.52 5.55
C LYS B 14 41.17 -26.07 5.14
N TYR B 15 40.49 -25.71 4.04
CA TYR B 15 40.61 -24.36 3.49
C TYR B 15 39.21 -23.73 3.45
N VAL B 16 39.18 -22.42 3.63
CA VAL B 16 37.97 -21.62 3.72
C VAL B 16 37.92 -20.68 2.52
N LEU B 17 36.90 -20.84 1.67
CA LEU B 17 36.71 -19.97 0.50
C LEU B 17 35.81 -18.82 0.93
N VAL B 18 36.05 -17.58 0.48
CA VAL B 18 35.17 -16.46 0.81
C VAL B 18 34.90 -15.73 -0.48
N ALA B 19 33.67 -15.24 -0.70
CA ALA B 19 33.35 -14.61 -1.98
C ALA B 19 32.17 -13.65 -1.78
N PRO B 20 32.25 -12.44 -2.36
CA PRO B 20 31.12 -11.56 -2.38
C PRO B 20 30.22 -11.88 -3.56
N GLY B 21 29.03 -11.26 -3.60
CA GLY B 21 28.04 -11.69 -4.53
C GLY B 21 27.60 -10.68 -5.58
N LYS B 22 28.23 -9.52 -5.61
CA LYS B 22 27.84 -8.45 -6.52
C LYS B 22 26.33 -8.14 -6.39
N PHE B 23 25.57 -8.35 -7.47
CA PHE B 23 24.07 -8.10 -7.38
C PHE B 23 23.29 -8.87 -6.30
N SER B 24 23.79 -10.01 -5.81
CA SER B 24 23.10 -10.76 -4.77
C SER B 24 23.05 -10.00 -3.46
N GLY B 25 23.96 -9.02 -3.29
CA GLY B 25 23.97 -8.16 -2.08
C GLY B 25 24.58 -8.90 -0.86
N THR B 26 25.23 -10.05 -1.08
CA THR B 26 25.72 -10.94 0.03
C THR B 26 27.23 -11.21 -0.08
N VAL B 27 27.81 -11.71 1.02
CA VAL B 27 29.18 -12.24 1.03
C VAL B 27 29.09 -13.57 1.85
N ALA B 28 29.89 -14.59 1.52
CA ALA B 28 29.71 -15.90 2.18
C ALA B 28 31.07 -16.54 2.31
N ALA B 29 31.26 -17.32 3.38
CA ALA B 29 32.47 -18.12 3.52
C ALA B 29 32.07 -19.62 3.46
N THR B 30 32.83 -20.43 2.76
CA THR B 30 32.47 -21.83 2.61
C THR B 30 33.58 -22.72 3.14
N ASP B 31 33.25 -23.75 3.90
CA ASP B 31 34.24 -24.76 4.28
C ASP B 31 34.51 -25.77 3.17
N LEU B 32 35.64 -25.65 2.47
CA LEU B 32 35.96 -26.64 1.42
C LEU B 32 36.16 -28.08 1.92
N SER B 33 36.29 -28.27 3.23
CA SER B 33 36.49 -29.61 3.74
C SER B 33 35.17 -30.32 4.05
N THR B 34 34.03 -29.62 4.00
CA THR B 34 32.74 -30.28 4.34
C THR B 34 31.58 -29.90 3.42
N GLY B 35 31.76 -28.84 2.65
CA GLY B 35 30.68 -28.40 1.77
C GLY B 35 29.71 -27.42 2.43
N TRP B 36 29.87 -27.12 3.72
CA TRP B 36 28.97 -26.18 4.41
C TRP B 36 29.34 -24.73 4.07
N THR B 37 28.35 -23.84 3.91
CA THR B 37 28.62 -22.40 4.04
C THR B 37 28.80 -22.25 5.56
N MET B 38 29.95 -21.73 5.99
CA MET B 38 30.19 -21.43 7.36
C MET B 38 29.33 -20.24 7.85
N ALA B 39 29.24 -19.20 7.05
CA ALA B 39 28.47 -18.01 7.44
C ALA B 39 28.31 -17.12 6.21
N TRP B 40 27.21 -16.37 6.16
CA TRP B 40 26.97 -15.39 5.12
C TRP B 40 26.38 -14.11 5.74
N LEU B 41 26.44 -13.00 5.00
CA LEU B 41 26.00 -11.72 5.51
C LEU B 41 25.32 -11.03 4.34
N ALA B 42 24.18 -10.39 4.58
CA ALA B 42 23.48 -9.65 3.51
C ALA B 42 23.47 -8.19 3.92
N ALA B 43 24.08 -7.34 3.08
CA ALA B 43 24.31 -5.95 3.46
C ALA B 43 23.00 -5.15 3.60
N TRP B 44 21.93 -5.55 2.91
CA TRP B 44 20.68 -4.81 3.08
C TRP B 44 20.20 -4.88 4.52
N ASN B 45 20.57 -5.94 5.25
CA ASN B 45 20.25 -6.04 6.70
C ASN B 45 20.82 -4.86 7.53
N TYR B 46 21.85 -4.19 6.98
CA TYR B 46 22.49 -3.09 7.64
C TYR B 46 22.13 -1.77 6.99
N GLY B 47 20.99 -1.69 6.30
CA GLY B 47 20.53 -0.40 5.77
C GLY B 47 21.28 -0.01 4.54
N ASP B 48 22.06 -0.93 3.95
CA ASP B 48 22.77 -0.57 2.69
C ASP B 48 21.76 -0.54 1.53
N THR B 49 21.50 0.63 0.93
CA THR B 49 20.47 0.73 -0.12
C THR B 49 20.99 0.35 -1.55
N CYS B 50 22.31 0.14 -1.77
CA CYS B 50 22.75 -0.43 -3.08
C CYS B 50 23.94 -1.40 -2.83
N PRO B 51 23.62 -2.62 -2.32
CA PRO B 51 24.67 -3.47 -1.79
C PRO B 51 25.26 -4.27 -2.93
N ILE B 52 25.84 -3.57 -3.87
CA ILE B 52 26.65 -4.26 -4.88
C ILE B 52 27.98 -4.63 -4.25
N MET B 53 28.09 -5.85 -3.69
CA MET B 53 29.28 -6.27 -2.91
C MET B 53 30.38 -6.67 -3.89
N HIS B 54 31.51 -5.96 -3.88
CA HIS B 54 32.32 -5.98 -5.07
C HIS B 54 33.65 -6.76 -4.91
N HIS B 55 34.67 -6.15 -4.41
CA HIS B 55 35.94 -6.86 -4.25
C HIS B 55 36.22 -7.05 -2.81
N MET B 56 37.15 -7.93 -2.52
CA MET B 56 37.43 -8.30 -1.12
C MET B 56 38.82 -8.90 -0.99
N ALA B 57 39.36 -8.90 0.23
CA ALA B 57 40.59 -9.64 0.54
C ALA B 57 40.60 -9.98 2.01
N ALA B 58 41.22 -11.10 2.39
CA ALA B 58 41.17 -11.51 3.75
C ALA B 58 42.61 -11.45 4.37
N PHE B 59 42.67 -10.96 5.60
CA PHE B 59 43.90 -11.02 6.41
C PHE B 59 44.27 -12.45 6.82
N PRO B 60 45.58 -12.75 6.94
CA PRO B 60 45.88 -14.14 7.31
C PRO B 60 45.35 -14.45 8.72
N SER B 61 44.96 -15.69 8.97
CA SER B 61 44.62 -16.10 10.31
C SER B 61 45.16 -17.48 10.50
N PRO B 62 45.98 -17.74 11.55
CA PRO B 62 46.44 -19.13 11.72
C PRO B 62 45.35 -20.23 11.73
N ASP B 63 44.10 -19.90 12.12
CA ASP B 63 43.04 -20.89 12.02
C ASP B 63 41.74 -20.19 11.64
N PRO B 64 41.41 -20.16 10.33
CA PRO B 64 40.23 -19.39 9.89
C PRO B 64 38.96 -19.90 10.47
N TYR B 65 38.91 -21.18 10.93
CA TYR B 65 37.70 -21.73 11.48
C TYR B 65 37.40 -21.11 12.84
N LYS B 66 38.44 -20.58 13.49
CA LYS B 66 38.23 -19.86 14.78
C LYS B 66 37.87 -18.43 14.61
N GLU B 67 38.55 -17.76 13.66
CA GLU B 67 38.23 -16.38 13.32
C GLU B 67 39.06 -15.86 12.16
N PHE B 68 38.56 -14.85 11.47
CA PHE B 68 39.37 -14.19 10.44
C PHE B 68 38.67 -12.90 10.12
N GLU B 69 39.44 -11.95 9.56
CA GLU B 69 38.91 -10.66 9.21
C GLU B 69 39.13 -10.46 7.73
N PHE B 70 38.15 -9.80 7.12
CA PHE B 70 38.32 -9.39 5.76
C PHE B 70 37.80 -7.95 5.47
N VAL B 71 38.12 -7.49 4.27
CA VAL B 71 37.64 -6.17 3.84
C VAL B 71 36.81 -6.45 2.56
N VAL B 72 35.61 -5.86 2.41
CA VAL B 72 34.78 -5.98 1.18
C VAL B 72 34.19 -4.63 0.82
N ASN B 73 34.30 -4.17 -0.44
CA ASN B 73 33.71 -2.87 -0.80
C ASN B 73 32.44 -3.02 -1.64
N THR B 74 31.79 -1.90 -1.93
CA THR B 74 30.56 -1.93 -2.65
C THR B 74 30.62 -0.92 -3.81
N GLN B 75 29.76 -1.10 -4.80
CA GLN B 75 29.60 -0.12 -5.85
C GLN B 75 28.16 0.41 -5.80
N GLY B 76 27.90 1.58 -6.38
CA GLY B 76 26.54 2.05 -6.44
C GLY B 76 26.29 2.90 -7.66
N GLY B 77 25.20 3.65 -7.63
CA GLY B 77 24.86 4.57 -8.73
C GLY B 77 24.57 3.74 -9.98
N LYS B 78 25.04 4.25 -11.12
CA LYS B 78 24.70 3.65 -12.37
C LYS B 78 25.38 2.32 -12.65
N ASN B 79 26.35 1.90 -11.83
CA ASN B 79 26.79 0.52 -11.91
C ASN B 79 25.64 -0.47 -11.79
N LEU B 80 24.50 -0.06 -11.21
CA LEU B 80 23.37 -1.02 -11.04
C LEU B 80 22.73 -1.31 -12.39
N PHE B 81 23.03 -0.49 -13.40
CA PHE B 81 22.28 -0.53 -14.67
C PHE B 81 23.06 -1.19 -15.79
N ILE B 82 24.25 -1.72 -15.52
CA ILE B 82 25.06 -2.11 -16.63
C ILE B 82 25.00 -3.65 -16.91
N TYR B 83 24.23 -4.41 -16.16
CA TYR B 83 24.04 -5.82 -16.52
C TYR B 83 22.73 -6.07 -17.21
N GLY B 84 22.48 -7.30 -17.57
CA GLY B 84 21.17 -7.66 -18.13
C GLY B 84 19.97 -7.60 -17.19
N VAL B 85 20.16 -7.39 -15.90
CA VAL B 85 19.05 -7.40 -14.96
C VAL B 85 18.17 -6.15 -15.12
N PRO B 86 16.85 -6.31 -15.38
CA PRO B 86 16.07 -5.13 -15.56
C PRO B 86 15.71 -4.47 -14.17
N VAL B 87 16.72 -3.94 -13.49
CA VAL B 87 16.57 -3.40 -12.12
C VAL B 87 15.61 -2.21 -12.15
N THR B 88 14.97 -1.89 -11.04
CA THR B 88 13.89 -0.91 -11.07
C THR B 88 14.18 0.26 -10.16
N VAL B 89 15.27 0.17 -9.38
CA VAL B 89 15.70 1.25 -8.48
C VAL B 89 16.39 2.30 -9.36
N GLU B 90 15.64 3.33 -9.78
CA GLU B 90 16.23 4.34 -10.69
C GLU B 90 17.25 5.28 -10.07
N ASP B 91 17.28 5.44 -8.77
CA ASP B 91 18.24 6.35 -8.14
C ASP B 91 18.81 5.62 -6.99
N PRO B 92 19.74 4.67 -7.22
CA PRO B 92 20.11 3.84 -6.10
C PRO B 92 21.14 4.53 -5.19
N GLY B 93 21.41 3.97 -4.01
CA GLY B 93 22.55 4.42 -3.17
C GLY B 93 23.87 4.56 -3.95
N GLU B 94 24.77 5.40 -3.46
CA GLU B 94 26.01 5.67 -4.16
C GLU B 94 27.12 4.65 -3.95
N GLY B 95 26.94 3.72 -3.02
CA GLY B 95 27.97 2.70 -2.77
C GLY B 95 29.33 3.31 -2.42
N MET B 96 30.43 2.66 -2.85
CA MET B 96 31.79 3.07 -2.43
C MET B 96 32.02 2.92 -0.96
N LYS B 97 31.25 2.07 -0.29
CA LYS B 97 31.57 1.72 1.07
C LYS B 97 32.74 0.69 1.09
N ILE B 98 33.44 0.71 2.22
CA ILE B 98 34.57 -0.15 2.43
C ILE B 98 34.33 -0.88 3.75
N TYR B 99 33.74 -2.05 3.68
CA TYR B 99 33.32 -2.66 4.92
C TYR B 99 34.42 -3.49 5.55
N ARG B 100 34.51 -3.41 6.90
CA ARG B 100 35.38 -4.29 7.67
C ARG B 100 34.50 -5.36 8.32
N ILE B 101 34.83 -6.62 8.03
CA ILE B 101 33.99 -7.76 8.50
C ILE B 101 34.84 -8.77 9.20
N LYS B 102 34.35 -9.27 10.34
CA LYS B 102 35.03 -10.35 11.06
C LYS B 102 34.15 -11.59 11.25
N TYR B 103 34.72 -12.74 10.89
CA TYR B 103 34.11 -14.04 11.17
C TYR B 103 34.65 -14.49 12.51
N ASP B 104 33.76 -14.84 13.43
CA ASP B 104 34.24 -15.14 14.82
C ASP B 104 34.16 -16.57 15.18
N GLY B 105 34.12 -17.42 14.17
CA GLY B 105 34.00 -18.86 14.40
C GLY B 105 32.60 -19.36 14.34
N THR B 106 31.62 -18.45 14.35
CA THR B 106 30.21 -18.78 14.28
C THR B 106 29.50 -17.91 13.21
N ARG B 107 29.74 -16.59 13.21
CA ARG B 107 29.04 -15.64 12.31
C ARG B 107 29.94 -14.58 11.80
N MET B 108 29.45 -13.90 10.76
CA MET B 108 30.10 -12.69 10.25
C MET B 108 29.58 -11.46 11.00
N ASN B 109 30.48 -10.55 11.40
CA ASN B 109 30.12 -9.34 12.18
C ASN B 109 30.61 -8.19 11.38
N LEU B 110 29.71 -7.30 10.98
CA LEU B 110 30.09 -6.06 10.28
C LEU B 110 30.69 -5.16 11.34
N GLN B 111 31.96 -4.77 11.21
CA GLN B 111 32.66 -4.05 12.25
C GLN B 111 32.48 -2.55 11.99
N ARG B 112 32.67 -2.09 10.76
CA ARG B 112 32.43 -0.65 10.49
C ARG B 112 32.56 -0.42 8.97
N ASP B 113 32.23 0.78 8.50
CA ASP B 113 32.57 1.20 7.13
C ASP B 113 33.83 2.05 7.21
N ALA B 114 34.94 1.56 6.64
CA ALA B 114 36.18 2.30 6.69
C ALA B 114 36.13 3.56 5.83
N ALA B 115 35.21 3.67 4.88
CA ALA B 115 35.12 4.89 4.04
C ALA B 115 34.47 5.99 4.91
N GLU B 116 33.65 5.58 5.86
CA GLU B 116 33.10 6.55 6.82
C GLU B 116 34.20 6.91 7.83
N VAL B 117 35.01 5.94 8.24
CA VAL B 117 36.07 6.27 9.18
C VAL B 117 37.07 7.26 8.55
N SER B 118 37.55 6.93 7.34
CA SER B 118 38.60 7.71 6.70
C SER B 118 38.03 8.85 5.89
N GLY B 119 36.78 8.72 5.47
CA GLY B 119 36.19 9.73 4.58
C GLY B 119 36.46 9.45 3.09
N LEU B 120 37.13 8.36 2.77
CA LEU B 120 37.52 8.03 1.36
C LEU B 120 36.80 6.74 0.92
N GLY B 121 35.81 6.88 0.00
CA GLY B 121 35.12 5.72 -0.58
C GLY B 121 35.63 5.34 -1.98
N LEU B 122 35.93 4.06 -2.13
CA LEU B 122 36.62 3.49 -3.31
C LEU B 122 35.95 2.17 -3.61
N GLY B 123 35.75 1.91 -4.90
CA GLY B 123 34.82 0.86 -5.30
C GLY B 123 35.34 -0.29 -6.19
N VAL B 124 36.64 -0.37 -6.47
CA VAL B 124 37.17 -1.47 -7.31
C VAL B 124 38.11 -2.35 -6.48
N HIS B 125 39.35 -2.60 -6.85
CA HIS B 125 40.04 -3.73 -6.19
C HIS B 125 40.50 -3.46 -4.74
N VAL B 126 40.39 -4.50 -3.89
CA VAL B 126 40.82 -4.45 -2.51
C VAL B 126 41.99 -5.46 -2.43
N THR B 127 43.08 -5.06 -1.77
CA THR B 127 44.29 -5.92 -1.59
C THR B 127 44.84 -5.75 -0.16
N ILE B 128 45.50 -6.78 0.36
CA ILE B 128 46.08 -6.75 1.70
C ILE B 128 47.57 -6.44 1.57
N THR B 129 48.12 -5.58 2.41
CA THR B 129 49.61 -5.33 2.36
C THR B 129 50.36 -6.68 2.68
N PRO B 130 51.60 -6.90 2.17
CA PRO B 130 52.20 -8.19 2.50
C PRO B 130 52.57 -8.34 3.98
N GLU B 131 52.54 -7.23 4.75
CA GLU B 131 52.76 -7.29 6.19
C GLU B 131 51.46 -7.66 6.92
N ALA B 132 50.34 -7.65 6.20
CA ALA B 132 49.04 -7.81 6.78
C ALA B 132 48.76 -6.73 7.85
N ASP B 133 49.30 -5.52 7.69
CA ASP B 133 49.08 -4.44 8.70
C ASP B 133 48.15 -3.39 8.07
N GLY B 134 47.65 -3.73 6.89
CA GLY B 134 46.78 -2.74 6.21
C GLY B 134 46.29 -3.31 4.90
N TYR B 135 45.64 -2.46 4.12
CA TYR B 135 44.99 -2.89 2.86
C TYR B 135 44.98 -1.69 1.92
N ALA B 136 44.73 -1.92 0.63
CA ALA B 136 44.63 -0.85 -0.37
C ALA B 136 43.36 -1.08 -1.15
N VAL B 137 42.77 0.00 -1.69
CA VAL B 137 41.63 -0.03 -2.53
C VAL B 137 41.91 0.91 -3.69
N GLY B 138 41.52 0.52 -4.92
CA GLY B 138 41.57 1.45 -6.07
C GLY B 138 40.16 1.72 -6.57
N ASP B 139 40.01 2.75 -7.38
CA ASP B 139 38.73 3.07 -7.96
C ASP B 139 38.86 3.71 -9.30
N GLY B 140 38.10 3.23 -10.29
CA GLY B 140 38.30 3.65 -11.67
C GLY B 140 37.20 4.61 -12.09
N GLN B 141 36.32 4.97 -11.17
CA GLN B 141 35.49 6.14 -11.44
C GLN B 141 36.06 7.50 -10.95
N LYS B 142 36.75 7.46 -9.82
CA LYS B 142 37.39 8.67 -9.21
C LYS B 142 38.87 8.73 -9.60
N ASP B 143 39.42 7.59 -10.03
CA ASP B 143 40.88 7.46 -10.31
C ASP B 143 41.75 7.82 -9.09
N ILE B 144 41.51 7.11 -7.98
CA ILE B 144 42.20 7.29 -6.73
C ILE B 144 42.55 5.90 -6.22
N CYS B 145 43.73 5.75 -5.64
CA CYS B 145 44.02 4.53 -4.93
C CYS B 145 44.68 5.00 -3.61
N ALA B 146 44.54 4.19 -2.56
CA ALA B 146 45.02 4.49 -1.25
C ALA B 146 45.37 3.19 -0.50
N GLU B 147 46.37 3.26 0.37
CA GLU B 147 46.63 2.24 1.36
C GLU B 147 46.12 2.77 2.70
N PHE B 148 45.45 1.89 3.43
CA PHE B 148 44.83 2.21 4.71
C PHE B 148 45.50 1.40 5.81
N ASP B 149 45.47 1.95 7.04
CA ASP B 149 46.02 1.21 8.17
C ASP B 149 44.98 0.21 8.66
N ARG B 150 45.40 -0.99 9.02
CA ARG B 150 44.47 -2.03 9.43
C ARG B 150 43.79 -1.69 10.76
N GLU B 151 44.56 -1.14 11.71
CA GLU B 151 44.05 -0.87 13.04
C GLU B 151 43.08 0.28 13.03
N THR B 152 43.43 1.37 12.33
CA THR B 152 42.67 2.61 12.48
C THR B 152 41.69 2.88 11.30
N ASP B 153 41.80 2.11 10.20
CA ASP B 153 41.06 2.42 8.95
C ASP B 153 41.29 3.86 8.41
N MET B 154 42.38 4.50 8.88
CA MET B 154 42.80 5.79 8.36
C MET B 154 43.70 5.59 7.12
N VAL B 155 43.62 6.51 6.18
CA VAL B 155 44.48 6.52 5.01
C VAL B 155 45.95 6.76 5.41
N ARG B 156 46.87 5.92 4.95
CA ARG B 156 48.33 6.22 5.08
C ARG B 156 48.77 7.11 3.95
N TYR B 157 48.37 6.84 2.70
CA TYR B 157 48.64 7.75 1.58
C TYR B 157 47.53 7.47 0.53
N ALA B 158 47.21 8.45 -0.30
CA ALA B 158 46.18 8.36 -1.34
C ALA B 158 46.68 9.16 -2.55
N TRP B 159 46.49 8.64 -3.76
CA TRP B 159 47.01 9.26 -4.97
C TRP B 159 45.83 9.40 -5.91
N ALA B 160 45.70 10.56 -6.57
CA ALA B 160 44.67 10.80 -7.58
C ALA B 160 45.38 10.91 -8.92
N PHE B 161 44.73 10.39 -9.97
CA PHE B 161 45.37 10.31 -11.29
C PHE B 161 44.48 11.03 -12.30
N ASP B 162 45.09 11.72 -13.27
CA ASP B 162 44.31 12.50 -14.19
C ASP B 162 44.90 12.45 -15.62
N TRP B 163 44.06 12.46 -16.64
CA TRP B 163 44.50 12.28 -18.02
C TRP B 163 44.31 13.62 -18.70
N ASP B 164 45.32 14.03 -19.47
CA ASP B 164 45.17 15.25 -20.27
C ASP B 164 45.48 14.81 -21.68
N PRO B 165 44.41 14.60 -22.47
CA PRO B 165 44.62 13.93 -23.75
C PRO B 165 45.28 14.91 -24.72
N ASN B 166 46.13 14.40 -25.61
CA ASN B 166 46.61 15.22 -26.72
C ASN B 166 45.47 15.74 -27.57
N VAL B 167 44.48 14.88 -27.83
CA VAL B 167 43.36 15.32 -28.67
C VAL B 167 42.09 15.28 -27.86
N LYS B 168 41.43 16.41 -27.72
CA LYS B 168 40.30 16.52 -26.82
C LYS B 168 39.06 16.04 -27.54
N ASP B 169 39.13 14.84 -28.05
CA ASP B 169 37.96 14.21 -28.63
C ASP B 169 37.93 12.73 -28.10
N LEU B 170 36.79 12.29 -27.61
CA LEU B 170 36.72 10.97 -26.95
C LEU B 170 37.28 9.82 -27.79
N LYS B 171 36.95 9.75 -29.09
CA LYS B 171 37.48 8.71 -29.94
C LYS B 171 39.02 8.68 -29.95
N ARG B 172 39.66 9.84 -29.86
CA ARG B 172 41.15 9.92 -30.03
C ARG B 172 41.86 10.16 -28.71
N ALA B 173 41.11 10.35 -27.64
CA ALA B 173 41.70 10.89 -26.44
C ALA B 173 42.77 10.02 -25.81
N TRP B 174 42.71 8.70 -26.02
CA TRP B 174 43.75 7.83 -25.51
C TRP B 174 44.64 7.34 -26.66
N LEU B 175 44.03 6.94 -27.77
CA LEU B 175 44.84 6.43 -28.88
C LEU B 175 45.94 7.41 -29.31
N ASP B 176 45.61 8.70 -29.33
CA ASP B 176 46.61 9.69 -29.70
C ASP B 176 47.49 10.18 -28.57
N GLY B 177 47.47 9.53 -27.41
CA GLY B 177 48.44 9.91 -26.37
C GLY B 177 47.99 11.05 -25.51
N GLY B 178 48.74 11.30 -24.43
CA GLY B 178 48.38 12.39 -23.52
C GLY B 178 49.31 12.44 -22.35
N THR B 179 49.04 13.29 -21.36
CA THR B 179 49.87 13.35 -20.14
C THR B 179 49.02 12.89 -18.97
N MET B 180 49.55 11.96 -18.19
CA MET B 180 48.91 11.56 -16.97
C MET B 180 49.52 12.27 -15.77
N THR B 181 48.68 12.88 -14.96
CA THR B 181 49.23 13.50 -13.73
C THR B 181 48.98 12.58 -12.55
N ILE B 182 49.98 12.47 -11.68
CA ILE B 182 49.92 11.76 -10.37
C ILE B 182 50.02 12.79 -9.25
N LYS B 183 48.99 12.89 -8.40
CA LYS B 183 48.86 14.01 -7.47
C LYS B 183 48.63 13.41 -6.08
N ARG B 184 49.39 13.87 -5.08
CA ARG B 184 49.24 13.41 -3.72
C ARG B 184 47.90 13.92 -3.24
N LEU B 185 47.11 13.04 -2.65
CA LEU B 185 45.79 13.47 -2.25
C LEU B 185 45.71 13.65 -0.72
N LYS B 186 45.38 14.85 -0.23
CA LYS B 186 45.45 15.24 1.19
C LYS B 186 44.06 15.40 1.77
N PRO B 187 43.86 15.03 3.05
CA PRO B 187 42.50 15.19 3.61
C PRO B 187 42.07 16.68 3.80
N THR B 188 40.77 16.98 3.76
CA THR B 188 40.31 18.33 3.88
C THR B 188 39.34 18.56 5.04
N LEU B 189 39.02 17.53 5.81
CA LEU B 189 38.04 17.58 6.89
C LEU B 189 38.77 17.36 8.21
N PRO B 190 38.12 17.71 9.33
CA PRO B 190 38.94 17.65 10.56
C PRO B 190 39.25 16.22 10.97
N GLY B 191 40.36 16.04 11.67
CA GLY B 191 40.80 14.70 12.10
C GLY B 191 41.46 13.95 10.96
N GLY B 192 41.95 14.68 9.96
CA GLY B 192 42.60 14.10 8.78
C GLY B 192 41.69 13.21 7.92
N ARG B 193 40.42 13.57 7.83
CA ARG B 193 39.49 12.77 7.02
C ARG B 193 39.31 13.36 5.63
N TYR B 194 39.01 12.47 4.64
CA TYR B 194 38.65 12.91 3.27
C TYR B 194 37.17 13.32 3.16
N ASP B 195 36.87 14.10 2.13
CA ASP B 195 35.49 14.45 1.82
C ASP B 195 35.12 13.75 0.51
N LEU B 196 35.29 12.43 0.45
CA LEU B 196 35.24 11.66 -0.81
C LEU B 196 34.47 10.35 -0.62
N GLN B 197 33.39 10.39 0.18
CA GLN B 197 32.54 9.18 0.33
C GLN B 197 31.53 9.18 -0.82
N GLY B 198 30.99 8.00 -1.12
CA GLY B 198 30.00 7.81 -2.21
C GLY B 198 30.52 8.30 -3.53
N SER B 199 29.70 9.09 -4.20
CA SER B 199 29.94 9.60 -5.55
C SER B 199 30.90 10.74 -5.63
N LYS B 200 31.28 11.32 -4.49
CA LYS B 200 32.15 12.52 -4.52
C LYS B 200 33.47 12.15 -5.13
N GLY B 201 33.92 12.87 -6.17
CA GLY B 201 35.12 12.48 -6.90
C GLY B 201 34.88 11.82 -8.26
N ASN B 202 33.68 11.31 -8.52
CA ASN B 202 33.45 10.47 -9.72
C ASN B 202 33.64 11.28 -10.98
N LYS B 203 34.47 10.78 -11.89
CA LYS B 203 34.63 11.38 -13.22
C LYS B 203 33.62 10.80 -14.25
N ILE B 204 33.28 9.52 -14.08
CA ILE B 204 32.33 8.78 -14.92
C ILE B 204 31.35 8.06 -14.00
N ASP B 205 30.13 7.78 -14.50
CA ASP B 205 29.05 7.25 -13.67
C ASP B 205 29.06 5.74 -13.42
N TRP B 206 29.94 4.97 -14.08
CA TRP B 206 30.06 3.54 -13.74
C TRP B 206 31.50 3.12 -14.07
N GLU B 207 31.93 2.01 -13.48
CA GLU B 207 33.23 1.47 -13.73
C GLU B 207 33.21 0.91 -15.17
N LEU B 208 34.24 1.13 -15.96
CA LEU B 208 34.20 0.62 -17.31
C LEU B 208 34.14 -0.89 -17.36
N VAL B 209 33.22 -1.43 -18.18
CA VAL B 209 32.99 -2.89 -18.29
C VAL B 209 34.12 -3.51 -19.13
N PRO B 210 34.18 -4.86 -19.28
CA PRO B 210 35.13 -5.34 -20.31
C PRO B 210 34.89 -4.70 -21.70
N GLY B 211 35.97 -4.32 -22.39
CA GLY B 211 35.85 -3.53 -23.64
C GLY B 211 35.26 -2.11 -23.50
N GLY B 212 35.13 -1.65 -22.25
CA GLY B 212 34.68 -0.29 -21.91
C GLY B 212 35.52 0.86 -22.47
N GLU B 213 36.80 0.66 -22.76
CA GLU B 213 37.59 1.69 -23.48
C GLU B 213 36.92 2.11 -24.79
N LEU B 214 36.23 1.17 -25.44
CA LEU B 214 35.47 1.50 -26.65
C LEU B 214 34.24 2.35 -26.38
N ALA B 215 33.46 1.97 -25.34
CA ALA B 215 32.26 2.66 -24.89
C ALA B 215 32.57 4.09 -24.51
N ILE B 216 33.63 4.29 -23.69
CA ILE B 216 34.06 5.63 -23.30
C ILE B 216 34.43 6.51 -24.55
N GLU B 217 35.21 5.95 -25.49
CA GLU B 217 35.62 6.66 -26.72
C GLU B 217 34.41 7.03 -27.58
N ASP B 218 33.41 6.17 -27.62
CA ASP B 218 32.23 6.50 -28.42
C ASP B 218 31.26 7.38 -27.74
N GLY B 219 31.59 7.91 -26.55
CA GLY B 219 30.65 8.81 -25.88
C GLY B 219 29.49 8.12 -25.20
N LYS B 220 29.64 6.84 -24.89
CA LYS B 220 28.58 6.06 -24.29
C LYS B 220 28.63 5.93 -22.76
N VAL B 221 29.61 6.55 -22.14
CA VAL B 221 29.72 6.47 -20.71
C VAL B 221 29.52 7.91 -20.22
N SER B 222 28.43 8.14 -19.51
CA SER B 222 28.10 9.46 -18.93
C SER B 222 29.04 9.81 -17.75
N GLY B 223 29.12 11.10 -17.34
CA GLY B 223 29.99 11.50 -16.24
C GLY B 223 30.41 12.92 -16.40
N ASP B 224 30.90 13.54 -15.35
CA ASP B 224 31.45 14.90 -15.49
C ASP B 224 32.67 15.01 -16.36
N ARG B 225 33.56 14.06 -16.27
CA ARG B 225 34.90 14.31 -16.78
C ARG B 225 35.47 13.12 -17.55
N PRO B 226 34.72 12.55 -18.49
CA PRO B 226 35.38 11.34 -19.05
C PRO B 226 36.69 11.56 -19.81
N LEU B 227 36.90 12.76 -20.37
CA LEU B 227 38.20 13.03 -21.10
C LEU B 227 39.42 12.93 -20.17
N HIS B 228 39.17 13.08 -18.86
CA HIS B 228 40.24 13.12 -17.87
C HIS B 228 40.43 11.70 -17.27
N SER B 229 39.66 10.70 -17.74
CA SER B 229 39.70 9.32 -17.13
C SER B 229 40.94 8.56 -17.45
N VAL B 230 41.45 7.85 -16.45
CA VAL B 230 42.49 6.82 -16.66
C VAL B 230 42.02 5.40 -16.26
N ALA B 231 40.90 5.30 -15.54
CA ALA B 231 40.34 4.02 -15.01
C ALA B 231 41.41 3.28 -14.20
N ASN B 232 41.86 3.87 -13.07
CA ASN B 232 42.66 3.09 -12.10
C ASN B 232 41.87 1.81 -11.71
N ASP B 233 42.52 0.69 -11.47
CA ASP B 233 41.82 -0.58 -11.21
C ASP B 233 42.23 -1.07 -9.78
N ALA B 234 43.52 -1.07 -9.52
CA ALA B 234 44.07 -1.77 -8.37
C ALA B 234 45.36 -1.06 -7.88
N LEU B 235 45.71 -1.33 -6.65
CA LEU B 235 47.03 -1.06 -6.09
C LEU B 235 47.53 -2.40 -5.58
N VAL B 236 48.45 -3.02 -6.29
CA VAL B 236 49.00 -4.36 -5.84
C VAL B 236 50.37 -4.18 -5.20
N PHE B 237 50.80 -5.17 -4.42
CA PHE B 237 52.02 -5.06 -3.59
C PHE B 237 53.14 -6.00 -4.00
N ASP B 238 54.36 -5.49 -3.99
CA ASP B 238 55.52 -6.32 -4.16
C ASP B 238 55.55 -7.15 -2.92
N PRO B 239 55.60 -8.48 -3.06
CA PRO B 239 55.58 -9.23 -1.81
C PRO B 239 56.89 -9.11 -0.97
N ARG B 240 57.93 -8.49 -1.54
CA ARG B 240 59.21 -8.20 -0.84
C ARG B 240 59.14 -6.88 0.00
N GLY B 241 57.97 -6.27 0.02
CA GLY B 241 57.79 -5.03 0.70
C GLY B 241 58.15 -3.86 -0.17
N LYS B 242 58.07 -2.69 0.46
CA LYS B 242 58.48 -1.40 -0.11
C LYS B 242 57.66 -0.77 -1.26
N TRP B 243 57.40 -1.57 -2.29
CA TRP B 243 56.70 -1.10 -3.49
C TRP B 243 55.23 -1.50 -3.57
N ALA B 244 54.41 -0.59 -4.09
CA ALA B 244 53.02 -0.87 -4.45
C ALA B 244 52.87 -0.41 -5.91
N VAL B 245 52.08 -1.11 -6.73
CA VAL B 245 51.90 -0.72 -8.12
C VAL B 245 50.42 -0.48 -8.44
N ALA B 246 50.13 0.70 -8.96
CA ALA B 246 48.80 1.07 -9.34
C ALA B 246 48.63 0.84 -10.85
N SER B 247 47.58 0.13 -11.28
CA SER B 247 47.35 -0.20 -12.70
C SER B 247 46.32 0.74 -13.26
N MET B 248 46.57 1.28 -14.45
CA MET B 248 45.72 2.30 -15.13
C MET B 248 45.19 1.72 -16.42
N ARG B 249 43.92 1.37 -16.47
CA ARG B 249 43.43 0.64 -17.61
C ARG B 249 43.64 1.41 -18.92
N LEU B 250 43.08 2.63 -19.00
CA LEU B 250 42.97 3.35 -20.27
C LEU B 250 44.30 3.81 -20.90
N PRO B 251 45.25 4.36 -20.09
CA PRO B 251 46.48 4.79 -20.76
C PRO B 251 47.49 3.64 -20.83
N GLY B 252 47.15 2.47 -20.29
CA GLY B 252 47.95 1.25 -20.50
C GLY B 252 49.30 1.28 -19.82
N VAL B 253 49.32 1.71 -18.54
CA VAL B 253 50.56 1.82 -17.76
C VAL B 253 50.27 1.38 -16.33
N CYS B 254 51.34 1.02 -15.60
CA CYS B 254 51.33 0.91 -14.13
C CYS B 254 52.32 1.89 -13.50
N VAL B 255 51.95 2.46 -12.35
CA VAL B 255 52.84 3.36 -11.63
C VAL B 255 53.39 2.63 -10.41
N VAL B 256 54.74 2.52 -10.29
CA VAL B 256 55.38 2.00 -9.06
C VAL B 256 55.53 3.09 -8.02
N PHE B 257 55.11 2.80 -6.79
CA PHE B 257 55.13 3.75 -5.70
C PHE B 257 56.00 3.22 -4.60
N ASP B 258 56.75 4.13 -3.98
CA ASP B 258 57.46 3.86 -2.76
C ASP B 258 56.47 4.03 -1.62
N ARG B 259 56.16 2.95 -0.91
CA ARG B 259 55.12 3.01 0.15
C ARG B 259 55.58 3.87 1.34
N GLU B 260 56.84 3.70 1.75
CA GLU B 260 57.39 4.40 2.95
C GLU B 260 57.59 5.90 2.69
N ASN B 261 58.18 6.25 1.57
CA ASN B 261 58.44 7.66 1.30
C ASN B 261 57.30 8.34 0.59
N GLN B 262 56.25 7.58 0.22
CA GLN B 262 55.09 8.20 -0.40
C GLN B 262 55.42 9.05 -1.65
N VAL B 263 56.13 8.44 -2.61
CA VAL B 263 56.45 9.04 -3.94
C VAL B 263 56.27 7.95 -4.97
N PRO B 264 55.78 8.30 -6.20
CA PRO B 264 55.93 7.44 -7.36
C PRO B 264 57.43 7.37 -7.79
N VAL B 265 57.86 6.27 -8.36
CA VAL B 265 59.23 6.10 -8.72
C VAL B 265 59.36 5.63 -10.14
N ALA B 266 58.33 4.97 -10.68
CA ALA B 266 58.52 4.42 -12.05
C ALA B 266 57.16 4.25 -12.74
N VAL B 267 57.18 4.34 -14.06
CA VAL B 267 55.99 4.10 -14.87
C VAL B 267 56.32 3.04 -15.92
N LEU B 268 55.68 1.86 -15.77
CA LEU B 268 55.88 0.71 -16.70
C LEU B 268 54.89 0.79 -17.83
N ALA B 269 55.38 0.55 -19.04
CA ALA B 269 54.56 0.78 -20.24
C ALA B 269 53.99 -0.54 -20.76
N GLY B 270 52.67 -0.68 -20.83
CA GLY B 270 52.02 -1.98 -21.09
C GLY B 270 52.14 -2.65 -22.46
N PRO B 271 51.83 -1.93 -23.53
CA PRO B 271 51.64 -2.61 -24.83
C PRO B 271 52.92 -3.14 -25.47
N LYS B 272 52.82 -4.28 -26.16
CA LYS B 272 53.93 -4.82 -26.93
C LYS B 272 54.30 -3.78 -28.00
N GLY B 273 55.58 -3.47 -28.17
CA GLY B 273 55.99 -2.43 -29.10
C GLY B 273 56.35 -1.12 -28.41
N THR B 274 56.14 -0.97 -27.10
CA THR B 274 56.59 0.20 -26.39
C THR B 274 57.86 -0.10 -25.57
N PRO B 275 58.61 0.93 -25.11
CA PRO B 275 59.77 0.62 -24.23
C PRO B 275 59.37 -0.05 -22.91
N SER B 276 60.33 -0.50 -22.10
CA SER B 276 59.98 -1.05 -20.79
C SER B 276 59.26 -0.01 -19.88
N GLN B 277 59.67 1.26 -19.96
CA GLN B 277 59.22 2.29 -19.05
C GLN B 277 59.01 3.60 -19.80
N PHE B 278 58.20 4.49 -19.23
CA PHE B 278 58.11 5.88 -19.67
C PHE B 278 58.73 6.73 -18.59
N GLN B 279 58.98 8.00 -18.94
CA GLN B 279 59.68 8.89 -18.08
C GLN B 279 58.78 9.56 -17.05
N LEU B 280 59.09 9.33 -15.77
CA LEU B 280 58.39 10.03 -14.69
C LEU B 280 59.02 11.41 -14.50
N VAL B 281 58.22 12.48 -14.53
CA VAL B 281 58.77 13.84 -14.28
C VAL B 281 58.16 14.43 -13.01
N LYS B 282 59.00 14.84 -12.04
CA LYS B 282 58.52 15.54 -10.86
C LYS B 282 58.14 16.99 -11.15
N VAL B 283 56.99 17.45 -10.68
CA VAL B 283 56.60 18.85 -10.92
C VAL B 283 56.75 19.65 -9.63
N ASP B 284 56.35 19.07 -8.51
CA ASP B 284 56.54 19.72 -7.23
C ASP B 284 56.40 18.60 -6.21
N ASP B 285 56.31 18.92 -4.93
CA ASP B 285 56.42 17.85 -3.93
C ASP B 285 55.18 16.98 -3.96
N ASP B 286 54.11 17.49 -4.57
CA ASP B 286 52.90 16.72 -4.57
C ASP B 286 52.50 16.21 -5.95
N THR B 287 53.28 16.46 -6.98
CA THR B 287 52.78 16.28 -8.34
C THR B 287 53.85 15.76 -9.25
N TRP B 288 53.54 14.72 -9.98
CA TRP B 288 54.39 14.13 -11.01
C TRP B 288 53.59 13.97 -12.31
N THR B 289 54.26 13.93 -13.46
CA THR B 289 53.57 13.70 -14.72
C THR B 289 54.33 12.67 -15.49
N VAL B 290 53.64 12.03 -16.43
CA VAL B 290 54.29 11.11 -17.37
C VAL B 290 53.60 11.33 -18.73
N ASP B 291 54.42 11.57 -19.76
CA ASP B 291 53.91 11.69 -21.16
C ASP B 291 53.84 10.33 -21.84
N ILE B 292 52.71 10.05 -22.47
CA ILE B 292 52.47 8.81 -23.16
C ILE B 292 52.12 9.23 -24.55
N PRO B 293 53.04 9.00 -25.48
CA PRO B 293 52.94 9.51 -26.83
C PRO B 293 51.73 8.98 -27.55
N GLU B 294 51.43 7.67 -27.42
CA GLU B 294 50.20 7.06 -27.98
C GLU B 294 49.77 5.85 -27.09
N VAL B 295 48.50 5.47 -27.10
CA VAL B 295 48.10 4.30 -26.25
C VAL B 295 47.73 3.23 -27.26
N ILE B 296 48.61 2.25 -27.44
CA ILE B 296 48.39 1.20 -28.45
C ILE B 296 47.31 0.21 -27.97
N SER B 297 47.21 0.05 -26.65
CA SER B 297 46.22 -0.84 -26.06
C SER B 297 46.00 -0.45 -24.61
N ALA B 298 44.77 -0.60 -24.21
CA ALA B 298 44.43 -0.57 -22.78
C ALA B 298 44.99 -1.86 -22.11
N GLY B 299 45.12 -1.85 -20.76
CA GLY B 299 45.55 -3.03 -20.02
C GLY B 299 44.62 -3.23 -18.81
N HIS B 300 44.80 -4.30 -18.03
CA HIS B 300 43.97 -4.46 -16.86
C HIS B 300 44.75 -5.15 -15.73
N GLN B 301 44.81 -6.47 -15.73
CA GLN B 301 45.44 -7.22 -14.62
C GLN B 301 46.96 -6.88 -14.48
N ALA B 302 47.36 -6.69 -13.26
CA ALA B 302 48.74 -6.35 -12.88
C ALA B 302 49.06 -7.14 -11.60
N GLY B 303 50.27 -7.68 -11.50
CA GLY B 303 50.65 -8.35 -10.25
C GLY B 303 52.00 -9.04 -10.35
N PHE B 304 52.50 -9.48 -9.20
CA PHE B 304 53.81 -9.97 -9.06
C PHE B 304 53.71 -11.45 -8.92
N SER B 305 54.76 -12.17 -9.37
CA SER B 305 54.94 -13.59 -9.00
C SER B 305 55.25 -13.59 -7.48
N PRO B 306 55.11 -14.74 -6.79
CA PRO B 306 55.22 -14.68 -5.35
C PRO B 306 56.66 -14.47 -4.78
N ASP B 307 57.70 -14.75 -5.56
CA ASP B 307 59.08 -14.39 -5.17
C ASP B 307 59.39 -12.93 -5.53
N GLY B 308 58.43 -12.25 -6.14
CA GLY B 308 58.66 -10.87 -6.52
C GLY B 308 59.60 -10.63 -7.69
N GLN B 309 60.06 -11.70 -8.37
CA GLN B 309 61.06 -11.64 -9.49
C GLN B 309 60.52 -11.20 -10.84
N SER B 310 59.20 -11.38 -11.02
CA SER B 310 58.50 -11.06 -12.23
C SER B 310 57.30 -10.17 -11.90
N PHE B 311 57.09 -9.17 -12.74
CA PHE B 311 55.92 -8.32 -12.65
C PHE B 311 55.21 -8.51 -13.96
N LEU B 312 53.88 -8.62 -13.89
CA LEU B 312 53.03 -8.89 -15.04
C LEU B 312 51.97 -7.84 -15.25
N PHE B 313 51.73 -7.44 -16.51
CA PHE B 313 50.60 -6.60 -16.85
C PHE B 313 49.94 -7.15 -18.14
N MET B 314 48.63 -7.37 -18.07
CA MET B 314 47.91 -7.98 -19.18
C MET B 314 47.43 -6.88 -20.09
N ASN B 315 47.80 -6.93 -21.38
CA ASN B 315 47.15 -6.05 -22.37
C ASN B 315 45.83 -6.65 -22.72
N SER B 316 44.79 -5.86 -22.88
CA SER B 316 43.49 -6.44 -23.26
C SER B 316 42.79 -5.75 -24.39
N LEU B 317 42.02 -6.51 -25.14
CA LEU B 317 41.16 -6.02 -26.24
C LEU B 317 41.95 -5.67 -27.50
N ARG B 318 42.65 -4.53 -27.53
CA ARG B 318 43.42 -4.16 -28.74
C ARG B 318 44.62 -5.06 -28.92
N GLN B 319 45.35 -5.35 -27.86
CA GLN B 319 46.26 -6.51 -27.79
C GLN B 319 45.69 -7.41 -26.70
N ASN B 320 45.99 -8.69 -26.73
CA ASN B 320 45.68 -9.60 -25.63
C ASN B 320 46.92 -10.46 -25.46
N ASN B 321 47.67 -10.24 -24.38
CA ASN B 321 48.96 -10.89 -24.16
C ASN B 321 49.29 -10.55 -22.68
N ILE B 322 50.33 -11.16 -22.13
CA ILE B 322 50.81 -10.88 -20.81
C ILE B 322 52.21 -10.33 -20.99
N MET B 323 52.36 -9.05 -20.59
CA MET B 323 53.64 -8.33 -20.65
C MET B 323 54.36 -8.63 -19.32
N VAL B 324 55.65 -8.95 -19.38
CA VAL B 324 56.40 -9.48 -18.22
C VAL B 324 57.70 -8.71 -18.06
N TRP B 325 57.93 -8.19 -16.86
CA TRP B 325 59.13 -7.45 -16.52
C TRP B 325 60.00 -8.27 -15.58
N ASP B 326 61.30 -8.14 -15.75
CA ASP B 326 62.22 -8.61 -14.72
C ASP B 326 62.19 -7.60 -13.58
N SER B 327 61.71 -7.99 -12.40
CA SER B 327 61.63 -7.05 -11.26
C SER B 327 62.56 -7.50 -10.12
N SER B 328 63.66 -8.17 -10.51
CA SER B 328 64.51 -8.83 -9.51
C SER B 328 65.32 -7.78 -8.76
N ASN B 329 65.57 -6.61 -9.36
CA ASN B 329 66.18 -5.52 -8.58
C ASN B 329 65.17 -4.87 -7.63
N HIS B 330 65.07 -5.43 -6.45
CA HIS B 330 64.20 -4.86 -5.45
C HIS B 330 64.61 -3.46 -4.98
N ASP B 331 65.86 -3.06 -5.17
CA ASP B 331 66.24 -1.74 -4.70
C ASP B 331 65.87 -0.60 -5.66
N ASP B 332 65.64 -0.85 -6.94
CA ASP B 332 65.38 0.22 -7.91
C ASP B 332 64.41 -0.17 -9.04
N PRO B 333 63.11 0.13 -8.87
CA PRO B 333 62.14 -0.17 -9.91
C PRO B 333 62.37 0.52 -11.25
N THR B 334 63.09 1.65 -11.31
CA THR B 334 63.36 2.32 -12.59
C THR B 334 64.28 1.45 -13.47
N THR B 335 64.89 0.37 -12.91
CA THR B 335 65.68 -0.60 -13.71
C THR B 335 64.87 -1.79 -14.21
N TRP B 336 63.59 -1.91 -13.81
CA TRP B 336 62.77 -3.06 -14.24
C TRP B 336 62.55 -3.07 -15.75
N GLU B 337 62.87 -4.20 -16.37
CA GLU B 337 63.01 -4.27 -17.78
C GLU B 337 62.08 -5.34 -18.36
N LYS B 338 61.43 -5.08 -19.50
CA LYS B 338 60.69 -6.15 -20.16
C LYS B 338 61.50 -7.42 -20.48
N LYS B 339 61.03 -8.59 -20.02
CA LYS B 339 61.77 -9.79 -20.30
C LYS B 339 61.02 -10.82 -21.08
N ALA B 340 59.69 -10.72 -21.24
CA ALA B 340 58.95 -11.71 -22.03
C ALA B 340 57.59 -11.14 -22.35
N VAL B 341 56.94 -11.66 -23.39
CA VAL B 341 55.51 -11.44 -23.60
C VAL B 341 54.89 -12.79 -23.86
N VAL B 342 53.87 -13.18 -23.11
CA VAL B 342 53.14 -14.39 -23.39
C VAL B 342 52.07 -14.12 -24.48
N GLU B 343 52.19 -14.85 -25.55
CA GLU B 343 51.24 -14.74 -26.67
C GLU B 343 50.69 -16.08 -27.03
N SER B 344 49.48 -16.13 -27.62
CA SER B 344 48.89 -17.40 -28.01
C SER B 344 47.73 -17.16 -28.93
N PRO B 345 47.48 -18.09 -29.85
CA PRO B 345 46.20 -18.08 -30.62
C PRO B 345 44.98 -18.20 -29.74
N ASP B 346 45.15 -18.73 -28.51
CA ASP B 346 44.05 -18.73 -27.52
C ASP B 346 43.42 -17.34 -27.33
N TRP B 347 44.26 -16.31 -27.40
CA TRP B 347 43.82 -14.92 -27.48
C TRP B 347 43.34 -14.70 -28.90
N ARG B 348 42.23 -15.39 -29.14
CA ARG B 348 41.51 -15.44 -30.40
C ARG B 348 41.42 -14.07 -31.15
N GLY B 349 40.52 -13.22 -30.70
CA GLY B 349 40.25 -11.94 -31.31
C GLY B 349 40.26 -10.84 -30.26
N ALA B 350 39.25 -9.97 -30.32
CA ALA B 350 39.12 -8.89 -29.31
C ALA B 350 39.00 -9.59 -27.95
N TYR B 351 38.24 -10.71 -27.92
CA TYR B 351 38.07 -11.56 -26.74
C TYR B 351 38.70 -12.93 -27.09
N PRO B 352 39.09 -13.75 -26.10
CA PRO B 352 38.82 -13.46 -24.67
C PRO B 352 39.73 -12.38 -24.05
N ASN B 353 39.29 -11.83 -22.91
CA ASN B 353 40.17 -11.02 -22.08
C ASN B 353 40.53 -11.73 -20.75
N THR B 354 41.78 -11.47 -20.32
CA THR B 354 42.34 -12.06 -19.12
C THR B 354 42.52 -11.02 -18.04
N PHE B 355 41.66 -11.07 -17.04
CA PHE B 355 41.63 -10.06 -16.02
C PHE B 355 42.08 -10.52 -14.68
N HIS B 356 42.28 -11.84 -14.52
CA HIS B 356 42.61 -12.47 -13.22
C HIS B 356 43.70 -13.51 -13.33
N MET B 357 44.52 -13.60 -12.28
CA MET B 357 45.54 -14.66 -12.28
C MET B 357 45.83 -15.18 -10.91
N VAL B 358 46.38 -16.37 -10.80
CA VAL B 358 46.96 -16.81 -9.52
C VAL B 358 48.22 -17.68 -9.85
N PHE B 359 49.31 -17.52 -9.09
CA PHE B 359 50.48 -18.38 -9.25
C PHE B 359 50.46 -19.63 -8.37
N THR B 360 51.19 -20.68 -8.79
CA THR B 360 51.52 -21.73 -7.85
C THR B 360 52.52 -21.17 -6.81
N PRO B 361 52.55 -21.76 -5.60
CA PRO B 361 53.49 -21.35 -4.55
C PRO B 361 54.95 -21.23 -5.01
N ASP B 362 55.41 -22.14 -5.89
CA ASP B 362 56.79 -22.12 -6.37
C ASP B 362 57.02 -21.20 -7.55
N ALA B 363 55.96 -20.46 -7.99
CA ALA B 363 56.06 -19.51 -9.10
C ALA B 363 56.26 -20.10 -10.48
N LYS B 364 56.13 -21.44 -10.64
CA LYS B 364 56.41 -22.05 -11.95
C LYS B 364 55.23 -22.11 -12.89
N LYS B 365 54.01 -21.90 -12.38
CA LYS B 365 52.85 -21.91 -13.28
C LYS B 365 51.91 -20.78 -12.88
N ILE B 366 51.10 -20.34 -13.83
CA ILE B 366 50.07 -19.35 -13.53
C ILE B 366 48.78 -19.85 -14.11
N TYR B 367 47.70 -19.62 -13.35
CA TYR B 367 46.32 -19.86 -13.88
C TYR B 367 45.75 -18.47 -14.14
N VAL B 368 45.28 -18.22 -15.38
CA VAL B 368 44.74 -16.92 -15.77
C VAL B 368 43.35 -17.15 -16.40
N THR B 369 42.46 -16.17 -16.33
CA THR B 369 41.09 -16.41 -16.76
C THR B 369 40.90 -15.97 -18.20
N MET B 370 39.89 -16.52 -18.86
CA MET B 370 39.60 -16.20 -20.22
C MET B 370 38.10 -15.81 -20.21
N TRP B 371 37.82 -14.53 -20.33
CA TRP B 371 36.45 -14.02 -20.20
C TRP B 371 35.88 -13.65 -21.59
N TRP B 372 34.63 -14.02 -21.90
CA TRP B 372 33.96 -13.54 -23.14
C TRP B 372 32.57 -13.09 -22.73
N PRO B 373 31.99 -12.19 -23.53
CA PRO B 373 30.55 -11.91 -23.42
C PRO B 373 29.73 -13.19 -23.65
N SER B 374 28.51 -13.24 -23.11
CA SER B 374 27.60 -14.39 -23.46
C SER B 374 27.53 -14.52 -25.01
N PRO B 375 27.48 -15.71 -25.63
CA PRO B 375 27.42 -17.03 -24.99
C PRO B 375 28.67 -17.87 -25.11
N THR B 376 29.80 -17.33 -25.51
CA THR B 376 31.01 -18.16 -25.74
C THR B 376 31.51 -18.75 -24.42
N PRO B 377 31.87 -20.07 -24.37
CA PRO B 377 32.38 -20.69 -23.09
C PRO B 377 33.54 -19.85 -22.54
N ASN B 378 33.49 -19.46 -21.26
CA ASN B 378 34.66 -18.85 -20.66
C ASN B 378 35.47 -19.89 -19.91
N GLY B 379 36.71 -19.57 -19.57
CA GLY B 379 37.45 -20.60 -18.85
C GLY B 379 38.78 -20.16 -18.28
N ILE B 380 39.69 -21.13 -18.15
CA ILE B 380 41.02 -20.94 -17.54
C ILE B 380 42.10 -21.37 -18.51
N ALA B 381 43.19 -20.58 -18.60
CA ALA B 381 44.41 -20.98 -19.35
C ALA B 381 45.58 -21.16 -18.36
N VAL B 382 46.42 -22.19 -18.56
CA VAL B 382 47.54 -22.52 -17.69
C VAL B 382 48.79 -22.01 -18.40
N ILE B 383 49.63 -21.21 -17.69
CA ILE B 383 50.84 -20.56 -18.25
C ILE B 383 52.05 -21.17 -17.55
N ASP B 384 53.02 -21.59 -18.38
CA ASP B 384 54.29 -22.09 -17.90
C ASP B 384 55.06 -20.83 -17.65
N ALA B 385 55.35 -20.56 -16.38
CA ALA B 385 55.89 -19.26 -16.03
C ALA B 385 57.43 -19.30 -16.03
N VAL B 386 58.02 -20.39 -16.52
CA VAL B 386 59.48 -20.48 -16.65
C VAL B 386 59.78 -20.17 -18.10
N ASN B 387 59.13 -20.85 -19.06
CA ASN B 387 59.27 -20.49 -20.48
C ASN B 387 58.31 -19.41 -20.99
N TRP B 388 57.35 -18.99 -20.17
CA TRP B 388 56.39 -17.94 -20.54
C TRP B 388 55.54 -18.26 -21.76
N GLU B 389 54.88 -19.40 -21.69
CA GLU B 389 54.09 -19.97 -22.77
C GLU B 389 52.82 -20.52 -22.21
N VAL B 390 51.77 -20.49 -23.02
CA VAL B 390 50.50 -21.08 -22.63
C VAL B 390 50.59 -22.60 -22.75
N LEU B 391 50.25 -23.35 -21.70
CA LEU B 391 50.28 -24.81 -21.73
C LEU B 391 48.97 -25.34 -22.34
N LYS B 392 47.82 -24.74 -21.99
CA LYS B 392 46.56 -25.47 -22.08
C LYS B 392 45.47 -24.47 -21.80
N GLU B 393 44.28 -24.66 -22.34
CA GLU B 393 43.14 -23.99 -21.76
C GLU B 393 41.93 -24.89 -21.66
N VAL B 394 41.05 -24.62 -20.71
CA VAL B 394 39.87 -25.44 -20.48
C VAL B 394 38.60 -24.57 -20.50
N ASP B 395 37.56 -25.07 -21.18
CA ASP B 395 36.23 -24.43 -21.23
C ASP B 395 35.47 -24.77 -19.95
N LEU B 396 34.77 -23.79 -19.37
CA LEU B 396 34.01 -24.00 -18.11
C LEU B 396 32.55 -23.66 -18.18
N GLY B 397 32.24 -22.46 -18.63
CA GLY B 397 30.84 -22.02 -18.60
C GLY B 397 30.76 -20.51 -18.71
N PRO B 398 29.63 -19.90 -18.27
CA PRO B 398 29.61 -18.47 -18.59
C PRO B 398 30.32 -17.60 -17.55
N ASP B 399 30.85 -16.43 -18.01
CA ASP B 399 31.21 -15.32 -17.09
C ASP B 399 32.25 -15.68 -16.03
N MET B 400 33.44 -16.09 -16.48
CA MET B 400 34.54 -16.45 -15.48
C MET B 400 35.10 -15.22 -14.79
N HIS B 401 35.20 -15.27 -13.45
CA HIS B 401 35.80 -14.17 -12.70
C HIS B 401 37.10 -14.60 -12.05
N THR B 402 37.29 -14.37 -10.74
CA THR B 402 38.59 -14.52 -10.08
C THR B 402 39.03 -15.98 -9.80
N LEU B 403 40.33 -16.15 -9.49
CA LEU B 403 40.92 -17.45 -9.17
C LEU B 403 41.62 -17.33 -7.84
N ALA B 404 41.44 -18.33 -6.98
CA ALA B 404 42.34 -18.46 -5.85
C ALA B 404 43.03 -19.80 -5.92
N ILE B 405 44.07 -20.01 -5.09
CA ILE B 405 44.70 -21.34 -5.02
C ILE B 405 44.81 -21.82 -3.56
N THR B 406 44.61 -23.11 -3.27
CA THR B 406 44.89 -23.63 -1.93
C THR B 406 46.40 -23.42 -1.62
N TYR B 407 46.76 -23.14 -0.36
CA TYR B 407 48.15 -22.74 -0.08
C TYR B 407 49.20 -23.86 -0.18
N ASP B 408 48.79 -25.10 -0.27
CA ASP B 408 49.69 -26.18 -0.55
C ASP B 408 49.84 -26.30 -2.11
N GLY B 409 49.17 -25.40 -2.85
CA GLY B 409 49.29 -25.39 -4.32
C GLY B 409 48.47 -26.39 -5.10
N LYS B 410 47.68 -27.25 -4.42
CA LYS B 410 47.04 -28.40 -5.11
C LYS B 410 45.80 -28.16 -5.93
N PHE B 411 45.03 -27.13 -5.54
CA PHE B 411 43.71 -26.92 -6.16
C PHE B 411 43.50 -25.43 -6.45
N VAL B 412 43.11 -25.10 -7.67
CA VAL B 412 42.74 -23.72 -8.05
C VAL B 412 41.19 -23.67 -7.84
N VAL B 413 40.69 -22.58 -7.27
CA VAL B 413 39.27 -22.54 -6.93
C VAL B 413 38.78 -21.23 -7.51
N GLY B 414 37.87 -21.27 -8.49
CA GLY B 414 37.51 -20.06 -9.26
C GLY B 414 36.02 -19.82 -9.14
N THR B 415 35.54 -18.67 -9.60
CA THR B 415 34.10 -18.38 -9.55
C THR B 415 33.56 -18.04 -10.93
N LEU B 416 32.35 -18.50 -11.27
CA LEU B 416 31.69 -18.13 -12.54
C LEU B 416 30.38 -17.50 -12.11
N SER B 417 29.98 -16.41 -12.79
CA SER B 417 29.01 -15.46 -12.17
C SER B 417 27.76 -15.12 -13.00
N GLY B 418 27.54 -15.84 -14.11
CA GLY B 418 26.22 -15.74 -14.79
C GLY B 418 25.88 -14.37 -15.35
N TYR B 419 26.86 -13.47 -15.45
CA TYR B 419 26.63 -12.07 -15.90
C TYR B 419 25.56 -11.50 -15.03
N GLN B 420 25.47 -11.99 -13.76
CA GLN B 420 24.53 -11.54 -12.74
C GLN B 420 23.12 -12.08 -13.02
N ASN B 421 22.87 -12.78 -14.13
CA ASN B 421 21.52 -13.32 -14.29
C ASN B 421 21.33 -14.78 -14.73
N THR B 422 22.43 -15.44 -15.05
CA THR B 422 22.32 -16.82 -15.43
C THR B 422 23.22 -17.69 -14.56
N ALA B 423 23.73 -18.79 -15.12
CA ALA B 423 24.40 -19.78 -14.27
C ALA B 423 25.71 -19.32 -13.58
N SER B 424 25.91 -19.78 -12.34
CA SER B 424 26.95 -19.31 -11.44
C SER B 424 27.45 -20.53 -10.68
N ALA B 425 28.76 -20.60 -10.43
CA ALA B 425 29.25 -21.73 -9.71
C ALA B 425 30.65 -21.39 -9.20
N ILE B 426 31.07 -22.21 -8.25
CA ILE B 426 32.49 -22.32 -7.85
C ILE B 426 33.07 -23.50 -8.63
N VAL B 427 34.26 -23.29 -9.19
CA VAL B 427 34.89 -24.36 -9.95
C VAL B 427 36.18 -24.81 -9.26
N VAL B 428 36.46 -26.09 -9.29
CA VAL B 428 37.68 -26.63 -8.71
C VAL B 428 38.52 -27.35 -9.79
N MET B 429 39.81 -27.01 -9.86
CA MET B 429 40.68 -27.70 -10.82
C MET B 429 41.91 -28.13 -10.01
N GLU B 430 42.40 -29.36 -10.21
CA GLU B 430 43.68 -29.79 -9.59
C GLU B 430 44.89 -29.39 -10.47
N THR B 431 45.93 -28.81 -9.85
CA THR B 431 47.15 -28.29 -10.52
C THR B 431 48.17 -29.35 -10.96
N GLU B 432 48.11 -30.54 -10.39
CA GLU B 432 49.05 -31.57 -10.77
C GLU B 432 48.97 -31.90 -12.27
N THR B 433 47.78 -32.24 -12.79
CA THR B 433 47.63 -32.50 -14.23
C THR B 433 46.61 -31.52 -14.87
N ASP B 434 46.24 -30.45 -14.13
CA ASP B 434 45.40 -29.38 -14.67
C ASP B 434 44.09 -29.85 -15.27
N GLU B 435 43.34 -30.63 -14.50
CA GLU B 435 42.03 -31.14 -14.90
C GLU B 435 40.97 -30.55 -14.01
N VAL B 436 39.79 -30.27 -14.57
CA VAL B 436 38.67 -29.68 -13.79
C VAL B 436 38.03 -30.81 -13.00
N LEU B 437 37.78 -30.63 -11.71
CA LEU B 437 37.23 -31.72 -10.91
C LEU B 437 35.72 -31.54 -10.72
N GLY B 438 35.23 -30.31 -10.93
CA GLY B 438 33.79 -30.08 -11.09
C GLY B 438 33.38 -28.76 -10.43
N PHE B 439 32.08 -28.62 -10.18
CA PHE B 439 31.47 -27.36 -9.81
C PHE B 439 30.69 -27.52 -8.52
N LEU B 440 30.58 -26.44 -7.76
CA LEU B 440 29.77 -26.41 -6.58
C LEU B 440 28.78 -25.24 -6.72
N PRO B 441 27.57 -25.41 -6.16
CA PRO B 441 26.57 -24.38 -6.34
C PRO B 441 26.99 -23.09 -5.66
N SER B 442 26.61 -21.97 -6.29
CA SER B 442 27.04 -20.70 -5.78
C SER B 442 26.14 -19.61 -6.30
N PRO B 443 25.04 -19.32 -5.57
CA PRO B 443 24.00 -18.42 -6.06
C PRO B 443 24.31 -16.95 -5.77
N MET B 444 25.35 -16.48 -6.47
CA MET B 444 25.98 -15.20 -6.25
C MET B 444 26.65 -14.73 -7.54
N GLY B 445 26.82 -13.42 -7.71
CA GLY B 445 27.52 -12.92 -8.89
C GLY B 445 28.96 -12.52 -8.63
N HIS B 446 29.69 -13.23 -7.79
CA HIS B 446 31.10 -12.93 -7.41
C HIS B 446 31.98 -12.25 -8.45
N HIS B 447 32.51 -11.09 -8.13
CA HIS B 447 33.61 -10.54 -8.91
C HIS B 447 34.94 -10.74 -8.14
N ASP B 448 34.89 -11.52 -7.02
CA ASP B 448 36.12 -11.84 -6.29
C ASP B 448 35.91 -13.16 -5.56
N ASN B 449 37.02 -13.76 -5.19
CA ASN B 449 37.07 -14.83 -4.21
C ASN B 449 38.55 -14.97 -3.70
N VAL B 450 38.70 -15.51 -2.50
CA VAL B 450 39.98 -15.74 -1.86
C VAL B 450 39.86 -17.06 -1.11
N ILE B 451 41.00 -17.69 -0.81
CA ILE B 451 41.06 -18.72 0.25
C ILE B 451 41.73 -18.01 1.45
N VAL B 452 41.15 -18.12 2.64
CA VAL B 452 41.66 -17.33 3.75
C VAL B 452 43.09 -17.81 4.00
N PRO B 453 44.06 -16.89 3.92
CA PRO B 453 45.47 -17.29 4.15
C PRO B 453 45.75 -17.61 5.60
N ARG B 454 46.73 -18.46 5.87
CA ARG B 454 47.11 -18.82 7.24
C ARG B 454 48.31 -18.00 7.68
N THR B 455 49.21 -17.63 6.75
CA THR B 455 50.48 -16.93 7.16
C THR B 455 50.71 -15.78 6.23
N LEU B 456 51.65 -14.89 6.56
CA LEU B 456 52.12 -13.83 5.63
C LEU B 456 52.58 -14.42 4.33
N GLU B 457 53.17 -15.61 4.36
CA GLU B 457 53.73 -16.21 3.14
C GLU B 457 52.59 -16.57 2.22
N ASP B 458 51.49 -17.06 2.81
CA ASP B 458 50.30 -17.40 2.03
C ASP B 458 49.83 -16.19 1.22
N LEU B 459 50.04 -14.98 1.72
CA LEU B 459 49.53 -13.79 1.03
C LEU B 459 50.16 -13.60 -0.33
N ARG B 460 51.35 -14.17 -0.54
CA ARG B 460 52.04 -14.01 -1.81
C ARG B 460 51.26 -14.57 -3.02
N ILE B 461 50.40 -15.55 -2.76
CA ILE B 461 49.54 -16.08 -3.83
C ILE B 461 48.09 -15.90 -3.47
N SER B 462 47.76 -14.81 -2.78
CA SER B 462 46.38 -14.41 -2.42
C SER B 462 46.13 -12.98 -2.91
N ARG B 463 45.09 -12.33 -2.37
CA ARG B 463 44.70 -11.03 -2.87
C ARG B 463 45.58 -9.90 -2.29
N SER B 464 46.82 -9.87 -2.76
CA SER B 464 47.84 -8.99 -2.21
C SER B 464 48.78 -8.62 -3.36
N THR B 465 49.33 -9.66 -3.98
CA THR B 465 50.25 -9.55 -5.10
C THR B 465 49.58 -9.50 -6.46
N THR B 466 48.37 -10.02 -6.58
CA THR B 466 47.66 -10.02 -7.90
C THR B 466 46.15 -9.77 -7.63
N THR B 467 45.38 -9.58 -8.69
CA THR B 467 43.91 -9.60 -8.60
C THR B 467 43.25 -10.65 -9.55
N LYS C 1 -45.68 38.75 -6.10
CA LYS C 1 -46.29 38.10 -4.93
C LYS C 1 -45.30 37.15 -4.14
N TYR C 2 -44.60 36.27 -4.82
CA TYR C 2 -43.57 35.40 -4.19
C TYR C 2 -42.27 35.61 -4.90
N VAL C 3 -41.16 35.57 -4.20
CA VAL C 3 -39.81 35.57 -4.86
C VAL C 3 -39.44 34.18 -5.34
N LYS C 4 -39.03 34.09 -6.59
CA LYS C 4 -38.56 32.85 -7.14
C LYS C 4 -37.04 32.79 -7.04
N VAL C 5 -36.47 31.70 -6.51
CA VAL C 5 -35.01 31.61 -6.39
C VAL C 5 -34.38 31.48 -7.75
N GLN C 6 -35.15 31.04 -8.77
CA GLN C 6 -34.64 31.02 -10.11
C GLN C 6 -34.18 32.38 -10.64
N ASP C 7 -34.83 33.46 -10.20
CA ASP C 7 -34.39 34.83 -10.58
C ASP C 7 -32.98 35.11 -10.05
N PHE C 8 -32.66 34.61 -8.85
CA PHE C 8 -31.28 34.70 -8.36
C PHE C 8 -30.29 33.92 -9.27
N TYR C 9 -30.58 32.64 -9.57
CA TYR C 9 -29.66 31.83 -10.39
C TYR C 9 -29.53 32.35 -11.79
N ASP C 10 -30.61 32.93 -12.32
CA ASP C 10 -30.57 33.45 -13.71
C ASP C 10 -29.45 34.41 -13.89
N GLN C 11 -29.10 35.15 -12.86
CA GLN C 11 -28.06 36.12 -13.03
C GLN C 11 -26.63 35.53 -13.01
N LEU C 12 -26.45 34.33 -12.49
CA LEU C 12 -25.08 33.78 -12.35
C LEU C 12 -24.47 33.23 -13.63
N GLY C 13 -25.30 32.87 -14.60
CA GLY C 13 -24.87 32.25 -15.85
C GLY C 13 -24.71 30.75 -15.71
N LYS C 14 -24.19 30.12 -16.76
CA LYS C 14 -24.24 28.68 -16.91
C LYS C 14 -22.86 28.19 -16.47
N TYR C 15 -22.66 28.12 -15.15
CA TYR C 15 -21.40 27.72 -14.53
C TYR C 15 -21.63 26.53 -13.59
N VAL C 16 -20.70 25.56 -13.62
CA VAL C 16 -20.77 24.40 -12.75
C VAL C 16 -19.79 24.53 -11.61
N LEU C 17 -20.25 24.42 -10.37
CA LEU C 17 -19.41 24.51 -9.14
C LEU C 17 -19.08 23.06 -8.72
N VAL C 18 -17.82 22.72 -8.39
CA VAL C 18 -17.52 21.37 -7.87
C VAL C 18 -16.77 21.60 -6.53
N ALA C 19 -17.04 20.79 -5.49
CA ALA C 19 -16.32 20.94 -4.22
C ALA C 19 -16.26 19.56 -3.59
N PRO C 20 -15.13 19.22 -2.96
CA PRO C 20 -15.04 18.03 -2.15
C PRO C 20 -15.52 18.37 -0.74
N GLY C 21 -15.72 17.36 0.10
CA GLY C 21 -16.38 17.63 1.33
C GLY C 21 -15.58 17.36 2.59
N LYS C 22 -14.28 17.08 2.44
CA LYS C 22 -13.43 16.82 3.61
C LYS C 22 -14.03 15.68 4.48
N PHE C 23 -14.41 15.96 5.74
CA PHE C 23 -14.99 14.90 6.61
C PHE C 23 -16.36 14.38 6.14
N SER C 24 -17.08 15.09 5.27
CA SER C 24 -18.32 14.49 4.75
C SER C 24 -18.04 13.17 3.95
N GLY C 25 -16.87 13.04 3.32
CA GLY C 25 -16.52 11.84 2.56
C GLY C 25 -17.11 11.91 1.17
N THR C 26 -17.52 13.10 0.72
CA THR C 26 -18.27 13.20 -0.51
C THR C 26 -17.69 14.29 -1.40
N VAL C 27 -18.05 14.32 -2.68
CA VAL C 27 -17.67 15.39 -3.60
C VAL C 27 -18.94 15.72 -4.47
N ALA C 28 -19.16 16.96 -4.93
CA ALA C 28 -20.50 17.26 -5.53
C ALA C 28 -20.32 18.32 -6.59
N ALA C 29 -21.12 18.28 -7.66
CA ALA C 29 -21.10 19.33 -8.70
C ALA C 29 -22.49 19.98 -8.61
N THR C 30 -22.51 21.30 -8.63
CA THR C 30 -23.73 22.07 -8.48
C THR C 30 -23.96 22.94 -9.73
N ASP C 31 -25.22 23.01 -10.18
CA ASP C 31 -25.53 23.85 -11.34
C ASP C 31 -25.94 25.28 -10.90
N LEU C 32 -25.04 26.25 -11.04
CA LEU C 32 -25.34 27.63 -10.54
C LEU C 32 -26.47 28.33 -11.25
N SER C 33 -26.91 27.77 -12.36
CA SER C 33 -27.99 28.35 -13.18
C SER C 33 -29.39 27.80 -12.78
N THR C 34 -29.45 26.74 -11.93
CA THR C 34 -30.76 26.19 -11.53
C THR C 34 -30.86 25.82 -10.07
N GLY C 35 -29.74 25.78 -9.35
CA GLY C 35 -29.81 25.35 -7.97
C GLY C 35 -29.73 23.86 -7.76
N TRP C 36 -29.73 23.09 -8.83
CA TRP C 36 -29.67 21.61 -8.63
C TRP C 36 -28.22 21.16 -8.30
N THR C 37 -28.09 20.16 -7.43
CA THR C 37 -26.82 19.42 -7.42
C THR C 37 -26.96 18.55 -8.66
N MET C 38 -25.96 18.55 -9.55
CA MET C 38 -26.00 17.71 -10.76
C MET C 38 -25.65 16.24 -10.42
N ALA C 39 -24.69 16.03 -9.52
CA ALA C 39 -24.31 14.65 -9.19
C ALA C 39 -23.38 14.73 -7.97
N TRP C 40 -23.33 13.68 -7.15
CA TRP C 40 -22.43 13.66 -5.98
C TRP C 40 -21.95 12.21 -5.91
N LEU C 41 -20.89 11.98 -5.14
CA LEU C 41 -20.29 10.67 -5.06
C LEU C 41 -19.70 10.57 -3.64
N ALA C 42 -19.91 9.41 -3.00
CA ALA C 42 -19.52 9.18 -1.62
C ALA C 42 -18.41 8.14 -1.68
N ALA C 43 -17.18 8.49 -1.25
CA ALA C 43 -16.09 7.56 -1.47
C ALA C 43 -16.17 6.31 -0.62
N TRP C 44 -16.86 6.33 0.54
CA TRP C 44 -17.06 5.03 1.25
C TRP C 44 -17.72 3.90 0.39
N ASN C 45 -18.54 4.28 -0.60
CA ASN C 45 -19.15 3.28 -1.53
C ASN C 45 -18.10 2.47 -2.31
N TYR C 46 -16.90 3.03 -2.43
CA TYR C 46 -15.78 2.45 -3.23
C TYR C 46 -14.68 1.92 -2.30
N GLY C 47 -15.08 1.59 -1.09
CA GLY C 47 -14.18 0.88 -0.17
C GLY C 47 -13.14 1.77 0.45
N ASP C 48 -13.33 3.08 0.39
CA ASP C 48 -12.42 3.97 0.98
C ASP C 48 -12.70 4.00 2.48
N THR C 49 -11.78 3.51 3.28
CA THR C 49 -11.96 3.64 4.73
C THR C 49 -11.46 4.90 5.46
N CYS C 50 -10.93 5.92 4.76
CA CYS C 50 -10.79 7.25 5.40
C CYS C 50 -11.04 8.32 4.34
N PRO C 51 -12.32 8.48 3.91
CA PRO C 51 -12.51 9.29 2.73
C PRO C 51 -12.54 10.81 3.07
N ILE C 52 -11.43 11.34 3.60
CA ILE C 52 -11.30 12.79 3.81
C ILE C 52 -10.99 13.43 2.44
N MET C 53 -12.04 13.83 1.72
CA MET C 53 -11.89 14.35 0.32
C MET C 53 -11.33 15.76 0.40
N HIS C 54 -10.09 15.93 -0.09
CA HIS C 54 -9.32 17.05 0.27
C HIS C 54 -9.25 18.17 -0.79
N HIS C 55 -8.29 18.09 -1.70
CA HIS C 55 -8.16 19.22 -2.67
C HIS C 55 -8.61 18.71 -4.06
N MET C 56 -8.89 19.63 -4.98
CA MET C 56 -9.39 19.17 -6.27
C MET C 56 -9.05 20.21 -7.31
N ALA C 57 -9.00 19.80 -8.57
CA ALA C 57 -9.02 20.75 -9.67
C ALA C 57 -9.73 20.07 -10.87
N ALA C 58 -10.33 20.89 -11.75
CA ALA C 58 -11.13 20.37 -12.86
C ALA C 58 -10.49 20.73 -14.20
N PHE C 59 -10.44 19.75 -15.12
CA PHE C 59 -9.92 20.05 -16.48
C PHE C 59 -10.94 20.87 -17.25
N PRO C 60 -10.49 21.75 -18.17
CA PRO C 60 -11.49 22.47 -18.98
C PRO C 60 -12.33 21.50 -19.82
N SER C 61 -13.58 21.85 -20.04
CA SER C 61 -14.45 21.12 -20.91
C SER C 61 -15.24 22.11 -21.78
N PRO C 62 -15.33 21.83 -23.08
CA PRO C 62 -16.09 22.67 -24.02
C PRO C 62 -17.56 22.77 -23.60
N ASP C 63 -18.08 21.73 -22.91
CA ASP C 63 -19.42 21.80 -22.31
C ASP C 63 -19.50 20.97 -21.01
N PRO C 64 -19.34 21.62 -19.85
CA PRO C 64 -19.35 20.89 -18.57
C PRO C 64 -20.65 20.19 -18.27
N TYR C 65 -21.78 20.71 -18.80
CA TYR C 65 -23.05 20.00 -18.67
C TYR C 65 -23.09 18.66 -19.38
N LYS C 66 -22.24 18.50 -20.39
CA LYS C 66 -22.24 17.21 -21.10
C LYS C 66 -21.24 16.28 -20.48
N GLU C 67 -20.10 16.85 -20.12
CA GLU C 67 -19.08 16.09 -19.42
C GLU C 67 -17.94 16.93 -18.96
N PHE C 68 -17.29 16.40 -17.91
CA PHE C 68 -16.06 16.94 -17.46
C PHE C 68 -15.33 15.99 -16.57
N GLU C 69 -14.01 16.17 -16.47
CA GLU C 69 -13.17 15.33 -15.65
C GLU C 69 -12.48 16.15 -14.60
N PHE C 70 -12.18 15.56 -13.44
CA PHE C 70 -11.51 16.30 -12.39
C PHE C 70 -10.67 15.35 -11.57
N VAL C 71 -9.84 15.93 -10.70
CA VAL C 71 -8.92 15.13 -9.88
C VAL C 71 -9.28 15.52 -8.45
N VAL C 72 -9.43 14.54 -7.55
CA VAL C 72 -9.67 14.88 -6.12
C VAL C 72 -8.85 13.93 -5.24
N ASN C 73 -8.14 14.43 -4.23
CA ASN C 73 -7.30 13.58 -3.38
C ASN C 73 -7.90 13.44 -1.99
N THR C 74 -7.26 12.63 -1.15
CA THR C 74 -7.72 12.29 0.20
C THR C 74 -6.53 12.38 1.22
N GLN C 75 -6.88 12.63 2.47
CA GLN C 75 -5.97 12.50 3.57
C GLN C 75 -6.45 11.36 4.49
N GLY C 76 -5.53 10.83 5.30
CA GLY C 76 -5.88 9.81 6.24
C GLY C 76 -5.04 9.86 7.50
N GLY C 77 -5.01 8.68 8.15
CA GLY C 77 -4.26 8.44 9.39
C GLY C 77 -4.74 9.50 10.38
N LYS C 78 -3.81 10.15 11.09
CA LYS C 78 -4.15 11.01 12.23
C LYS C 78 -4.72 12.36 11.85
N ASN C 79 -4.69 12.70 10.54
CA ASN C 79 -5.56 13.78 10.01
C ASN C 79 -7.04 13.58 10.46
N LEU C 80 -7.47 12.35 10.68
CA LEU C 80 -8.83 12.13 11.20
C LEU C 80 -9.07 12.65 12.64
N PHE C 81 -7.99 12.85 13.41
CA PHE C 81 -8.13 13.18 14.83
C PHE C 81 -7.90 14.60 15.21
N ILE C 82 -7.70 15.48 14.24
CA ILE C 82 -7.23 16.80 14.65
C ILE C 82 -8.30 17.86 14.51
N TYR C 83 -9.54 17.50 14.20
CA TYR C 83 -10.63 18.47 14.04
C TYR C 83 -11.51 18.35 15.27
N GLY C 84 -12.58 19.10 15.37
CA GLY C 84 -13.41 19.06 16.59
C GLY C 84 -14.30 17.81 16.74
N VAL C 85 -14.44 17.01 15.69
CA VAL C 85 -15.32 15.85 15.65
C VAL C 85 -14.81 14.69 16.52
N PRO C 86 -15.66 14.15 17.45
CA PRO C 86 -15.12 13.09 18.32
C PRO C 86 -15.05 11.73 17.59
N VAL C 87 -14.20 11.60 16.58
CA VAL C 87 -14.26 10.41 15.75
C VAL C 87 -14.03 9.13 16.57
N THR C 88 -14.63 8.01 16.19
CA THR C 88 -14.37 6.79 16.90
C THR C 88 -13.85 5.72 15.95
N VAL C 89 -13.27 6.08 14.83
CA VAL C 89 -12.70 5.04 13.98
C VAL C 89 -11.35 4.55 14.57
N GLU C 90 -11.18 3.23 14.71
CA GLU C 90 -9.95 2.73 15.30
C GLU C 90 -8.83 2.46 14.30
N ASP C 91 -9.18 1.91 13.13
CA ASP C 91 -8.19 1.57 12.13
C ASP C 91 -8.35 2.38 10.83
N PRO C 92 -8.12 3.72 10.89
CA PRO C 92 -8.43 4.53 9.70
C PRO C 92 -7.52 4.20 8.47
N GLY C 93 -8.04 4.22 7.25
CA GLY C 93 -7.18 4.18 6.05
C GLY C 93 -6.10 5.29 6.11
N GLU C 94 -5.02 5.12 5.35
CA GLU C 94 -3.91 6.09 5.29
C GLU C 94 -4.14 7.31 4.40
N GLY C 95 -5.21 7.29 3.59
CA GLY C 95 -5.50 8.40 2.67
C GLY C 95 -4.39 8.50 1.63
N MET C 96 -4.12 9.71 1.18
CA MET C 96 -3.15 9.97 0.07
C MET C 96 -3.56 9.36 -1.28
N LYS C 97 -4.84 9.08 -1.46
CA LYS C 97 -5.37 8.60 -2.74
C LYS C 97 -5.48 9.77 -3.70
N ILE C 98 -5.39 9.53 -5.01
CA ILE C 98 -5.50 10.63 -5.93
C ILE C 98 -6.55 10.13 -6.96
N TYR C 99 -7.82 10.45 -6.74
CA TYR C 99 -8.87 9.85 -7.56
C TYR C 99 -9.07 10.64 -8.86
N ARG C 100 -9.31 9.93 -9.94
CA ARG C 100 -9.73 10.49 -11.20
C ARG C 100 -11.24 10.22 -11.33
N ILE C 101 -12.02 11.29 -11.48
CA ILE C 101 -13.45 11.14 -11.55
C ILE C 101 -13.93 11.88 -12.81
N LYS C 102 -14.95 11.28 -13.45
CA LYS C 102 -15.55 11.84 -14.66
C LYS C 102 -17.07 12.04 -14.50
N TYR C 103 -17.52 13.27 -14.70
CA TYR C 103 -18.95 13.47 -14.79
C TYR C 103 -19.32 13.29 -16.27
N ASP C 104 -20.33 12.48 -16.53
CA ASP C 104 -20.70 12.07 -17.91
C ASP C 104 -22.03 12.69 -18.37
N GLY C 105 -22.50 13.74 -17.71
CA GLY C 105 -23.77 14.32 -18.12
C GLY C 105 -24.90 13.89 -17.24
N THR C 106 -24.69 12.77 -16.52
CA THR C 106 -25.72 12.24 -15.66
C THR C 106 -25.18 11.97 -14.26
N ARG C 107 -24.00 11.37 -14.16
CA ARG C 107 -23.49 10.91 -12.85
C ARG C 107 -21.99 11.09 -12.81
N MET C 108 -21.41 11.01 -11.62
CA MET C 108 -19.99 10.88 -11.45
C MET C 108 -19.51 9.46 -11.58
N ASN C 109 -18.39 9.26 -12.28
CA ASN C 109 -17.84 7.89 -12.40
C ASN C 109 -16.37 7.90 -11.89
N LEU C 110 -16.09 7.01 -10.96
CA LEU C 110 -14.73 6.82 -10.46
C LEU C 110 -13.95 6.03 -11.54
N GLN C 111 -12.97 6.68 -12.17
CA GLN C 111 -12.18 6.10 -13.27
C GLN C 111 -11.08 5.30 -12.64
N ARG C 112 -10.29 5.92 -11.74
CA ARG C 112 -9.26 5.16 -11.06
C ARG C 112 -8.62 5.95 -9.93
N ASP C 113 -7.73 5.28 -9.19
CA ASP C 113 -6.81 5.95 -8.24
C ASP C 113 -5.41 6.14 -8.88
N ALA C 114 -5.06 7.39 -9.23
CA ALA C 114 -3.74 7.67 -9.82
C ALA C 114 -2.61 7.32 -8.88
N ALA C 115 -2.85 7.32 -7.53
CA ALA C 115 -1.80 6.97 -6.56
C ALA C 115 -1.48 5.47 -6.74
N GLU C 116 -2.47 4.66 -7.05
CA GLU C 116 -2.18 3.26 -7.40
C GLU C 116 -1.48 3.13 -8.77
N VAL C 117 -1.94 3.84 -9.78
CA VAL C 117 -1.26 3.76 -11.13
C VAL C 117 0.22 4.12 -11.01
N SER C 118 0.50 5.27 -10.40
CA SER C 118 1.86 5.86 -10.43
C SER C 118 2.68 5.34 -9.25
N GLY C 119 1.98 4.90 -8.19
CA GLY C 119 2.68 4.47 -6.97
C GLY C 119 2.93 5.61 -5.96
N LEU C 120 2.52 6.85 -6.30
CA LEU C 120 2.88 8.03 -5.53
C LEU C 120 1.58 8.62 -4.97
N GLY C 121 1.48 8.67 -3.63
CA GLY C 121 0.26 9.15 -2.99
C GLY C 121 0.60 10.43 -2.30
N LEU C 122 -0.26 11.44 -2.53
CA LEU C 122 -0.02 12.81 -2.07
C LEU C 122 -1.34 13.45 -1.67
N GLY C 123 -1.37 14.17 -0.55
CA GLY C 123 -2.61 14.53 0.10
C GLY C 123 -2.95 16.03 0.23
N VAL C 124 -2.17 16.93 -0.35
CA VAL C 124 -2.49 18.40 -0.18
C VAL C 124 -2.97 18.97 -1.55
N HIS C 125 -2.43 20.06 -2.04
CA HIS C 125 -3.10 20.77 -3.13
C HIS C 125 -2.94 20.05 -4.48
N VAL C 126 -3.99 20.16 -5.29
CA VAL C 126 -4.07 19.54 -6.63
C VAL C 126 -4.23 20.73 -7.60
N THR C 127 -3.54 20.67 -8.73
CA THR C 127 -3.58 21.84 -9.70
C THR C 127 -3.55 21.27 -11.11
N ILE C 128 -4.21 21.95 -12.06
CA ILE C 128 -4.15 21.56 -13.48
C ILE C 128 -2.98 22.32 -14.16
N THR C 129 -2.23 21.63 -15.05
CA THR C 129 -1.24 22.35 -15.83
C THR C 129 -1.94 23.39 -16.78
N PRO C 130 -1.24 24.46 -17.19
CA PRO C 130 -1.90 25.47 -18.07
C PRO C 130 -2.29 24.94 -19.46
N GLU C 131 -1.67 23.83 -19.85
CA GLU C 131 -2.02 23.17 -21.11
C GLU C 131 -3.16 22.13 -20.96
N ALA C 132 -3.58 21.86 -19.71
CA ALA C 132 -4.61 20.85 -19.40
C ALA C 132 -4.18 19.46 -19.87
N ASP C 133 -2.88 19.16 -19.89
CA ASP C 133 -2.40 17.86 -20.36
C ASP C 133 -1.90 17.05 -19.14
N GLY C 134 -2.19 17.59 -17.97
CA GLY C 134 -1.64 17.03 -16.77
C GLY C 134 -2.10 17.76 -15.52
N TYR C 135 -1.51 17.34 -14.41
CA TYR C 135 -1.94 17.85 -13.12
C TYR C 135 -0.76 17.71 -12.12
N ALA C 136 -0.87 18.42 -11.01
CA ALA C 136 0.21 18.34 -9.98
C ALA C 136 -0.43 18.16 -8.64
N VAL C 137 0.33 17.57 -7.71
CA VAL C 137 -0.14 17.39 -6.35
C VAL C 137 1.04 17.62 -5.42
N GLY C 138 0.83 18.30 -4.31
CA GLY C 138 1.91 18.47 -3.32
C GLY C 138 1.51 17.78 -2.05
N ASP C 139 2.44 17.61 -1.11
CA ASP C 139 2.07 17.07 0.14
C ASP C 139 3.06 17.54 1.20
N GLY C 140 2.50 17.97 2.33
CA GLY C 140 3.33 18.56 3.40
C GLY C 140 3.55 17.60 4.56
N GLN C 141 3.18 16.32 4.40
CA GLN C 141 3.61 15.30 5.43
C GLN C 141 4.83 14.56 4.89
N LYS C 142 4.85 14.34 3.56
CA LYS C 142 5.98 13.66 2.87
C LYS C 142 6.91 14.68 2.27
N ASP C 143 6.51 15.95 2.14
CA ASP C 143 7.30 16.99 1.44
C ASP C 143 7.75 16.56 0.05
N ILE C 144 6.74 16.26 -0.78
CA ILE C 144 6.98 15.78 -2.16
C ILE C 144 5.92 16.48 -2.98
N CYS C 145 6.30 16.98 -4.16
CA CYS C 145 5.30 17.44 -5.11
C CYS C 145 5.66 16.87 -6.47
N ALA C 146 4.66 16.79 -7.36
CA ALA C 146 4.87 16.08 -8.62
C ALA C 146 3.92 16.56 -9.65
N GLU C 147 4.35 16.57 -10.91
CA GLU C 147 3.45 16.73 -12.05
C GLU C 147 3.20 15.40 -12.71
N PHE C 148 1.94 15.15 -13.03
CA PHE C 148 1.48 13.87 -13.56
C PHE C 148 0.95 14.08 -14.93
N ASP C 149 1.07 13.05 -15.77
CA ASP C 149 0.50 13.01 -17.12
C ASP C 149 -0.99 12.71 -17.04
N ARG C 150 -1.79 13.55 -17.66
CA ARG C 150 -3.23 13.33 -17.65
C ARG C 150 -3.73 12.02 -18.29
N GLU C 151 -3.14 11.60 -19.41
CA GLU C 151 -3.59 10.39 -20.11
C GLU C 151 -3.19 9.12 -19.39
N THR C 152 -1.96 9.06 -18.88
CA THR C 152 -1.53 7.83 -18.25
C THR C 152 -1.52 7.83 -16.70
N ASP C 153 -1.67 9.01 -16.05
CA ASP C 153 -1.60 9.15 -14.59
C ASP C 153 -0.24 8.76 -14.03
N MET C 154 0.80 8.78 -14.91
CA MET C 154 2.17 8.55 -14.48
C MET C 154 2.88 9.87 -14.25
N VAL C 155 3.82 9.81 -13.35
CA VAL C 155 4.55 10.95 -12.93
C VAL C 155 5.45 11.43 -14.08
N ARG C 156 5.41 12.74 -14.38
CA ARG C 156 6.41 13.32 -15.29
C ARG C 156 7.65 13.65 -14.54
N TYR C 157 7.55 14.25 -13.34
CA TYR C 157 8.74 14.53 -12.53
C TYR C 157 8.19 14.69 -11.10
N ALA C 158 9.03 14.43 -10.10
CA ALA C 158 8.61 14.57 -8.73
C ALA C 158 9.87 15.08 -7.99
N TRP C 159 9.67 15.90 -6.94
CA TRP C 159 10.76 16.55 -6.18
C TRP C 159 10.50 16.25 -4.73
N ALA C 160 11.57 15.89 -4.00
CA ALA C 160 11.45 15.70 -2.55
C ALA C 160 12.25 16.78 -1.90
N PHE C 161 11.73 17.31 -0.80
CA PHE C 161 12.34 18.40 -0.10
C PHE C 161 12.68 18.00 1.32
N ASP C 162 13.83 18.43 1.86
CA ASP C 162 14.23 18.05 3.20
C ASP C 162 14.88 19.21 3.93
N TRP C 163 14.64 19.32 5.23
CA TRP C 163 15.19 20.41 6.00
C TRP C 163 16.34 19.86 6.83
N ASP C 164 17.44 20.61 6.83
CA ASP C 164 18.58 20.35 7.72
C ASP C 164 18.77 21.58 8.59
N PRO C 165 18.17 21.55 9.79
CA PRO C 165 18.13 22.77 10.61
C PRO C 165 19.52 23.03 11.18
N ASN C 166 19.90 24.30 11.26
CA ASN C 166 21.08 24.67 12.07
C ASN C 166 21.03 24.22 13.52
N VAL C 167 19.87 24.36 14.14
CA VAL C 167 19.73 23.91 15.52
C VAL C 167 18.91 22.66 15.58
N LYS C 168 19.39 21.61 16.24
CA LYS C 168 18.66 20.34 16.25
C LYS C 168 17.69 20.23 17.41
N ASP C 169 16.87 21.26 17.61
CA ASP C 169 15.92 21.34 18.67
C ASP C 169 14.72 21.92 17.95
N LEU C 170 13.55 21.26 18.06
CA LEU C 170 12.34 21.69 17.30
C LEU C 170 11.96 23.13 17.53
N LYS C 171 12.17 23.64 18.74
CA LYS C 171 11.73 24.99 19.05
C LYS C 171 12.41 26.04 18.10
N ARG C 172 13.68 25.80 17.75
CA ARG C 172 14.51 26.73 16.97
C ARG C 172 14.92 26.22 15.61
N ALA C 173 14.43 25.03 15.26
CA ALA C 173 14.85 24.37 14.01
C ALA C 173 14.57 25.25 12.82
N TRP C 174 13.55 26.13 12.85
CA TRP C 174 13.33 26.98 11.64
C TRP C 174 13.77 28.47 11.86
N LEU C 175 13.45 29.04 13.04
CA LEU C 175 13.88 30.38 13.41
C LEU C 175 15.36 30.59 13.15
N ASP C 176 16.18 29.60 13.54
CA ASP C 176 17.66 29.78 13.44
C ASP C 176 18.21 29.32 12.13
N GLY C 177 17.29 29.00 11.19
CA GLY C 177 17.65 28.76 9.79
C GLY C 177 18.14 27.36 9.56
N GLY C 178 18.61 27.13 8.36
CA GLY C 178 19.00 25.78 7.96
C GLY C 178 19.22 25.71 6.46
N THR C 179 19.46 24.50 5.99
CA THR C 179 19.62 24.26 4.56
C THR C 179 18.50 23.33 4.07
N MET C 180 17.80 23.76 3.02
CA MET C 180 16.84 22.87 2.35
C MET C 180 17.45 22.17 1.16
N THR C 181 17.26 20.86 1.09
CA THR C 181 17.63 20.07 -0.07
C THR C 181 16.43 19.85 -1.00
N ILE C 182 16.67 19.94 -2.29
CA ILE C 182 15.72 19.75 -3.36
C ILE C 182 16.31 18.54 -4.15
N LYS C 183 15.59 17.43 -4.11
CA LYS C 183 16.13 16.18 -4.63
C LYS C 183 15.19 15.64 -5.69
N ARG C 184 15.70 15.23 -6.86
CA ARG C 184 14.86 14.64 -7.86
C ARG C 184 14.37 13.30 -7.31
N LEU C 185 13.08 12.98 -7.39
CA LEU C 185 12.61 11.76 -6.77
C LEU C 185 12.25 10.78 -7.89
N LYS C 186 12.90 9.61 -7.91
CA LYS C 186 12.73 8.63 -9.00
C LYS C 186 12.06 7.34 -8.50
N PRO C 187 11.33 6.59 -9.40
CA PRO C 187 10.59 5.41 -8.97
C PRO C 187 11.51 4.25 -8.57
N THR C 188 10.98 3.25 -7.84
CA THR C 188 11.81 2.13 -7.43
C THR C 188 11.24 0.78 -7.80
N LEU C 189 10.03 0.73 -8.36
CA LEU C 189 9.32 -0.52 -8.57
C LEU C 189 9.07 -0.74 -10.05
N PRO C 190 8.82 -2.01 -10.44
CA PRO C 190 8.57 -2.38 -11.85
C PRO C 190 7.55 -1.48 -12.52
N GLY C 191 7.77 -1.17 -13.78
CA GLY C 191 6.73 -0.39 -14.46
C GLY C 191 7.00 1.10 -14.19
N GLY C 192 8.16 1.45 -13.60
CA GLY C 192 8.43 2.87 -13.31
C GLY C 192 7.53 3.44 -12.21
N ARG C 193 7.10 2.60 -11.27
CA ARG C 193 6.22 3.05 -10.21
C ARG C 193 6.98 3.44 -8.95
N TYR C 194 6.39 4.38 -8.19
CA TYR C 194 6.93 4.72 -6.87
C TYR C 194 6.37 3.77 -5.80
N ASP C 195 7.05 3.72 -4.68
CA ASP C 195 6.59 2.94 -3.55
C ASP C 195 6.18 3.90 -2.41
N LEU C 196 5.21 4.79 -2.68
CA LEU C 196 4.95 5.87 -1.77
C LEU C 196 3.45 6.10 -1.67
N GLN C 197 2.68 5.00 -1.68
CA GLN C 197 1.23 5.13 -1.48
C GLN C 197 0.95 5.22 0.06
N GLY C 198 -0.25 5.71 0.44
CA GLY C 198 -0.60 5.84 1.85
C GLY C 198 0.45 6.63 2.63
N SER C 199 0.74 6.13 3.83
CA SER C 199 1.58 6.87 4.74
C SER C 199 3.06 6.72 4.44
N LYS C 200 3.38 5.96 3.39
CA LYS C 200 4.81 5.73 3.06
C LYS C 200 5.45 7.06 2.72
N GLY C 201 6.55 7.40 3.44
CA GLY C 201 7.21 8.64 3.24
C GLY C 201 6.91 9.75 4.25
N ASN C 202 5.85 9.63 5.05
CA ASN C 202 5.44 10.69 6.01
C ASN C 202 6.54 10.95 6.99
N LYS C 203 6.84 12.23 7.21
CA LYS C 203 7.83 12.67 8.16
C LYS C 203 7.08 13.06 9.43
N ILE C 204 5.81 13.46 9.27
CA ILE C 204 4.91 13.86 10.33
C ILE C 204 3.50 13.25 10.10
N ASP C 205 2.74 13.05 11.20
CA ASP C 205 1.53 12.24 11.14
C ASP C 205 0.24 12.98 10.73
N TRP C 206 0.26 14.29 10.47
CA TRP C 206 -0.90 14.98 9.92
C TRP C 206 -0.38 16.27 9.28
N GLU C 207 -1.16 16.82 8.36
CA GLU C 207 -0.78 18.11 7.70
C GLU C 207 -0.84 19.20 8.77
N LEU C 208 0.12 20.14 8.80
CA LEU C 208 0.10 21.22 9.79
C LEU C 208 -1.20 22.04 9.60
N VAL C 209 -1.93 22.31 10.67
CA VAL C 209 -3.12 23.16 10.61
C VAL C 209 -2.70 24.66 10.55
N PRO C 210 -3.64 25.61 10.37
CA PRO C 210 -3.22 27.05 10.43
C PRO C 210 -2.45 27.39 11.74
N GLY C 211 -1.39 28.18 11.62
CA GLY C 211 -0.44 28.34 12.74
C GLY C 211 0.21 27.09 13.33
N GLY C 212 0.01 25.93 12.69
CA GLY C 212 0.60 24.71 13.22
C GLY C 212 2.13 24.65 13.12
N GLU C 213 2.77 25.68 12.52
CA GLU C 213 4.22 25.75 12.69
C GLU C 213 4.63 25.98 14.20
N LEU C 214 3.77 26.67 15.01
CA LEU C 214 4.01 26.71 16.48
C LEU C 214 3.86 25.35 17.11
N ALA C 215 2.92 24.53 16.63
CA ALA C 215 2.73 23.19 17.26
C ALA C 215 3.92 22.31 16.99
N ILE C 216 4.43 22.34 15.78
CA ILE C 216 5.56 21.46 15.46
C ILE C 216 6.81 21.87 16.24
N GLU C 217 7.05 23.18 16.35
CA GLU C 217 8.17 23.74 17.16
C GLU C 217 8.08 23.31 18.61
N ASP C 218 6.83 23.15 19.04
CA ASP C 218 6.48 22.76 20.42
C ASP C 218 6.51 21.32 20.68
N GLY C 219 6.97 20.54 19.71
CA GLY C 219 7.03 19.10 19.89
C GLY C 219 5.63 18.52 19.95
N LYS C 220 4.58 19.25 19.56
CA LYS C 220 3.21 18.72 19.58
C LYS C 220 2.74 17.95 18.29
N VAL C 221 3.60 17.76 17.28
CA VAL C 221 3.13 17.07 16.05
C VAL C 221 3.93 15.79 16.05
N SER C 222 3.32 14.61 16.11
CA SER C 222 4.14 13.40 16.16
C SER C 222 4.55 13.00 14.74
N GLY C 223 5.51 12.09 14.63
CA GLY C 223 6.03 11.66 13.35
C GLY C 223 7.46 11.15 13.48
N ASP C 224 7.99 10.43 12.51
CA ASP C 224 9.38 9.96 12.56
C ASP C 224 10.36 11.07 12.43
N ARG C 225 10.06 12.11 11.65
CA ARG C 225 11.09 13.09 11.48
C ARG C 225 10.69 14.52 11.31
N PRO C 226 10.07 15.09 12.36
CA PRO C 226 9.65 16.47 12.26
C PRO C 226 10.82 17.48 12.04
N LEU C 227 12.05 17.25 12.59
CA LEU C 227 13.17 18.14 12.27
C LEU C 227 13.52 18.32 10.76
N HIS C 228 13.15 17.35 9.94
CA HIS C 228 13.37 17.44 8.49
C HIS C 228 12.21 18.00 7.66
N SER C 229 11.13 18.42 8.31
CA SER C 229 9.94 18.90 7.59
C SER C 229 10.16 20.30 6.96
N VAL C 230 9.54 20.53 5.80
CA VAL C 230 9.42 21.89 5.25
C VAL C 230 7.93 22.19 4.97
N ALA C 231 7.07 21.18 5.12
CA ALA C 231 5.63 21.32 4.85
C ALA C 231 5.42 21.91 3.44
N ASN C 232 5.81 21.15 2.42
CA ASN C 232 5.44 21.51 1.06
C ASN C 232 3.88 21.58 0.99
N ASP C 233 3.35 22.56 0.24
CA ASP C 233 1.87 22.83 0.18
C ASP C 233 1.33 22.51 -1.26
N ALA C 234 1.94 23.09 -2.28
CA ALA C 234 1.34 23.10 -3.61
C ALA C 234 2.45 23.18 -4.64
N LEU C 235 2.08 22.91 -5.90
CA LEU C 235 2.94 23.22 -7.02
C LEU C 235 1.99 24.02 -7.96
N VAL C 236 2.20 25.33 -8.12
CA VAL C 236 1.30 26.15 -8.92
C VAL C 236 2.04 26.47 -10.22
N PHE C 237 1.30 26.77 -11.26
CA PHE C 237 1.86 27.01 -12.60
C PHE C 237 1.83 28.44 -13.08
N ASP C 238 2.90 28.84 -13.77
CA ASP C 238 2.95 30.07 -14.51
C ASP C 238 1.96 29.88 -15.60
N PRO C 239 0.92 30.74 -15.70
CA PRO C 239 -0.06 30.52 -16.81
C PRO C 239 0.57 30.71 -18.23
N ARG C 240 1.82 31.26 -18.28
CA ARG C 240 2.54 31.49 -19.55
C ARG C 240 3.34 30.19 -19.91
N GLY C 241 3.32 29.16 -19.07
CA GLY C 241 4.02 27.93 -19.47
C GLY C 241 5.39 27.94 -18.84
N LYS C 242 6.10 26.83 -19.02
CA LYS C 242 7.51 26.65 -18.61
C LYS C 242 7.76 26.48 -17.12
N TRP C 243 7.22 27.33 -16.26
CA TRP C 243 7.61 27.28 -14.84
C TRP C 243 6.52 26.72 -13.94
N ALA C 244 6.96 26.00 -12.92
CA ALA C 244 6.08 25.57 -11.87
C ALA C 244 6.73 26.02 -10.55
N VAL C 245 5.91 26.35 -9.54
CA VAL C 245 6.46 26.85 -8.27
C VAL C 245 5.92 26.02 -7.09
N ALA C 246 6.83 25.48 -6.28
CA ALA C 246 6.53 24.74 -5.13
C ALA C 246 6.64 25.66 -3.90
N SER C 247 5.56 25.76 -3.15
CA SER C 247 5.62 26.51 -1.90
C SER C 247 6.02 25.62 -0.71
N MET C 248 6.86 26.12 0.18
CA MET C 248 7.19 25.43 1.41
C MET C 248 6.80 26.24 2.63
N ARG C 249 5.87 25.74 3.45
CA ARG C 249 5.37 26.55 4.56
C ARG C 249 6.46 26.92 5.60
N LEU C 250 7.15 25.92 6.15
CA LEU C 250 7.98 26.14 7.31
C LEU C 250 9.21 27.00 7.06
N PRO C 251 9.93 26.77 5.95
CA PRO C 251 11.06 27.68 5.85
C PRO C 251 10.77 29.03 5.14
N GLY C 252 9.50 29.27 4.76
CA GLY C 252 9.05 30.54 4.10
C GLY C 252 9.69 30.84 2.76
N VAL C 253 9.76 29.85 1.86
CA VAL C 253 10.28 30.10 0.53
C VAL C 253 9.40 29.38 -0.50
N CYS C 254 9.53 29.77 -1.77
CA CYS C 254 9.03 29.04 -2.92
C CYS C 254 10.16 28.65 -3.85
N VAL C 255 10.06 27.50 -4.52
CA VAL C 255 11.13 27.12 -5.43
C VAL C 255 10.55 27.17 -6.83
N VAL C 256 11.23 27.84 -7.74
CA VAL C 256 10.80 27.84 -9.12
C VAL C 256 11.49 26.68 -9.88
N PHE C 257 10.69 25.91 -10.60
CA PHE C 257 11.16 24.81 -11.40
C PHE C 257 10.93 25.06 -12.89
N ASP C 258 11.88 24.59 -13.67
CA ASP C 258 11.68 24.36 -15.10
C ASP C 258 11.00 23.01 -15.27
N ARG C 259 9.80 23.00 -15.86
CA ARG C 259 9.00 21.77 -16.02
C ARG C 259 9.56 20.90 -17.16
N GLU C 260 10.12 21.55 -18.19
CA GLU C 260 10.61 20.89 -19.40
C GLU C 260 11.91 20.20 -19.09
N ASN C 261 12.87 20.97 -18.60
CA ASN C 261 14.18 20.49 -18.25
C ASN C 261 14.29 19.88 -16.88
N GLN C 262 13.24 20.01 -16.07
CA GLN C 262 13.20 19.31 -14.80
C GLN C 262 14.36 19.67 -13.88
N VAL C 263 14.52 20.95 -13.59
CA VAL C 263 15.56 21.41 -12.65
C VAL C 263 14.94 22.58 -11.85
N PRO C 264 15.32 22.76 -10.55
CA PRO C 264 14.96 24.01 -9.95
C PRO C 264 15.80 25.16 -10.55
N VAL C 265 15.27 26.39 -10.54
CA VAL C 265 16.01 27.57 -11.07
C VAL C 265 16.14 28.78 -10.13
N ALA C 266 15.32 28.87 -9.09
CA ALA C 266 15.29 30.03 -8.24
C ALA C 266 14.55 29.68 -6.93
N VAL C 267 14.93 30.37 -5.87
CA VAL C 267 14.28 30.27 -4.63
C VAL C 267 13.84 31.65 -4.20
N LEU C 268 12.52 31.81 -4.00
CA LEU C 268 11.97 33.13 -3.70
C LEU C 268 11.86 33.22 -2.18
N ALA C 269 12.30 34.31 -1.57
CA ALA C 269 12.36 34.36 -0.11
C ALA C 269 11.10 35.04 0.40
N GLY C 270 10.29 34.38 1.24
CA GLY C 270 8.93 34.95 1.59
C GLY C 270 8.95 36.24 2.44
N PRO C 271 9.61 36.22 3.61
CA PRO C 271 9.40 37.28 4.63
C PRO C 271 9.86 38.69 4.21
N LYS C 272 9.04 39.67 4.60
CA LYS C 272 9.37 41.07 4.44
C LYS C 272 10.65 41.30 5.25
N GLY C 273 11.65 41.86 4.61
CA GLY C 273 12.89 42.04 5.31
C GLY C 273 13.93 41.05 4.82
N THR C 274 13.57 40.12 3.92
CA THR C 274 14.59 39.23 3.36
C THR C 274 14.83 39.75 1.94
N PRO C 275 15.96 39.38 1.31
CA PRO C 275 16.19 39.62 -0.14
C PRO C 275 15.07 39.04 -1.01
N SER C 276 15.09 39.41 -2.28
CA SER C 276 14.07 38.88 -3.23
C SER C 276 14.19 37.34 -3.30
N GLN C 277 15.43 36.86 -3.18
CA GLN C 277 15.79 35.46 -3.49
C GLN C 277 16.93 35.00 -2.63
N PHE C 278 17.00 33.69 -2.41
CA PHE C 278 18.18 33.09 -1.75
C PHE C 278 18.89 32.32 -2.88
N GLN C 279 20.13 31.94 -2.62
CA GLN C 279 21.02 31.44 -3.61
C GLN C 279 20.80 29.93 -3.79
N LEU C 280 20.50 29.48 -5.02
CA LEU C 280 20.32 28.07 -5.29
C LEU C 280 21.69 27.47 -5.63
N VAL C 281 22.03 26.39 -4.99
CA VAL C 281 23.35 25.76 -5.24
C VAL C 281 23.15 24.32 -5.77
N LYS C 282 23.77 24.01 -6.90
CA LYS C 282 23.69 22.70 -7.48
C LYS C 282 24.75 21.82 -6.85
N VAL C 283 24.37 20.62 -6.45
CA VAL C 283 25.28 19.68 -5.78
C VAL C 283 25.54 18.59 -6.79
N ASP C 284 24.54 18.11 -7.53
CA ASP C 284 24.84 17.25 -8.69
C ASP C 284 23.63 17.27 -9.56
N ASP C 285 23.51 16.39 -10.56
CA ASP C 285 22.38 16.48 -11.51
C ASP C 285 20.98 16.18 -10.95
N ASP C 286 20.92 15.67 -9.75
CA ASP C 286 19.64 15.38 -9.10
C ASP C 286 19.47 16.14 -7.76
N THR C 287 20.41 17.00 -7.41
CA THR C 287 20.43 17.52 -6.04
C THR C 287 20.85 19.00 -5.99
N TRP C 288 20.00 19.82 -5.38
CA TRP C 288 20.29 21.26 -5.12
C TRP C 288 20.05 21.54 -3.68
N THR C 289 20.64 22.62 -3.19
CA THR C 289 20.46 23.06 -1.80
C THR C 289 20.26 24.58 -1.81
N VAL C 290 19.75 25.10 -0.72
CA VAL C 290 19.65 26.52 -0.50
C VAL C 290 19.74 26.75 1.01
N ASP C 291 20.64 27.67 1.40
CA ASP C 291 20.95 28.02 2.79
C ASP C 291 19.94 29.14 3.12
N ILE C 292 19.13 28.95 4.17
CA ILE C 292 18.28 30.01 4.67
C ILE C 292 18.84 30.42 6.06
N PRO C 293 19.40 31.67 6.18
CA PRO C 293 20.10 32.03 7.42
C PRO C 293 19.12 32.09 8.59
N GLU C 294 17.85 32.48 8.40
CA GLU C 294 16.92 32.43 9.51
C GLU C 294 15.55 32.37 8.87
N VAL C 295 14.55 31.80 9.54
CA VAL C 295 13.19 31.86 8.97
C VAL C 295 12.39 32.92 9.79
N ILE C 296 12.16 34.08 9.20
CA ILE C 296 11.47 35.19 9.91
C ILE C 296 9.99 34.86 10.06
N SER C 297 9.38 34.25 9.03
CA SER C 297 7.98 33.85 9.14
C SER C 297 7.77 32.68 8.24
N ALA C 298 6.90 31.78 8.65
CA ALA C 298 6.27 30.83 7.70
C ALA C 298 5.38 31.53 6.67
N GLY C 299 5.14 30.81 5.60
CA GLY C 299 4.32 31.30 4.54
C GLY C 299 3.34 30.25 4.08
N HIS C 300 2.40 30.64 3.22
CA HIS C 300 1.42 29.63 2.79
C HIS C 300 0.94 29.79 1.34
N GLN C 301 -0.04 30.65 1.07
CA GLN C 301 -0.67 30.71 -0.26
C GLN C 301 0.33 31.25 -1.29
N ALA C 302 0.33 30.73 -2.51
CA ALA C 302 1.36 31.07 -3.53
C ALA C 302 0.63 31.02 -4.87
N GLY C 303 0.86 31.98 -5.77
CA GLY C 303 0.17 31.92 -7.05
C GLY C 303 0.55 33.06 -7.95
N PHE C 304 0.24 32.88 -9.25
CA PHE C 304 0.49 33.92 -10.23
C PHE C 304 -0.79 34.65 -10.54
N SER C 305 -0.64 35.92 -10.94
CA SER C 305 -1.74 36.67 -11.56
C SER C 305 -2.01 36.05 -12.95
N PRO C 306 -3.21 36.25 -13.51
CA PRO C 306 -3.52 35.49 -14.72
C PRO C 306 -2.74 35.85 -15.99
N ASP C 307 -2.11 37.03 -15.98
CA ASP C 307 -1.19 37.39 -17.05
C ASP C 307 0.28 37.01 -16.70
N GLY C 308 0.54 36.37 -15.55
CA GLY C 308 1.91 35.93 -15.26
C GLY C 308 2.89 37.03 -14.90
N GLN C 309 2.40 38.28 -14.83
CA GLN C 309 3.24 39.46 -14.50
C GLN C 309 3.65 39.57 -13.00
N SER C 310 2.87 38.97 -12.12
CA SER C 310 3.03 39.10 -10.66
C SER C 310 3.05 37.67 -10.08
N PHE C 311 3.95 37.40 -9.14
CA PHE C 311 3.90 36.18 -8.36
C PHE C 311 3.71 36.62 -6.89
N LEU C 312 2.86 35.87 -6.16
CA LEU C 312 2.50 36.26 -4.81
C LEU C 312 2.79 35.14 -3.84
N PHE C 313 3.23 35.50 -2.64
CA PHE C 313 3.33 34.46 -1.57
C PHE C 313 2.90 35.12 -0.29
N MET C 314 2.00 34.47 0.44
CA MET C 314 1.49 35.07 1.70
C MET C 314 2.36 34.62 2.83
N ASN C 315 2.80 35.59 3.64
CA ASN C 315 3.41 35.26 4.96
C ASN C 315 2.29 35.13 5.94
N SER C 316 2.36 34.08 6.78
CA SER C 316 1.28 33.77 7.73
C SER C 316 1.70 33.65 9.21
N LEU C 317 0.85 34.09 10.14
CA LEU C 317 1.18 34.05 11.61
C LEU C 317 2.29 35.01 12.09
N ARG C 318 3.57 34.73 11.83
CA ARG C 318 4.63 35.67 12.37
C ARG C 318 4.68 37.00 11.67
N GLN C 319 4.48 37.03 10.35
CA GLN C 319 4.09 38.25 9.61
C GLN C 319 2.77 37.82 8.90
N ASN C 320 1.79 38.70 8.78
CA ASN C 320 0.61 38.47 7.97
C ASN C 320 0.67 39.57 6.86
N ASN C 321 1.02 39.15 5.64
CA ASN C 321 1.07 40.09 4.52
C ASN C 321 1.10 39.33 3.22
N ILE C 322 1.03 40.03 2.09
CA ILE C 322 1.14 39.42 0.79
C ILE C 322 2.44 39.94 0.16
N MET C 323 3.43 39.07 0.02
CA MET C 323 4.66 39.38 -0.70
C MET C 323 4.49 39.31 -2.23
N VAL C 324 4.91 40.33 -2.98
CA VAL C 324 4.64 40.31 -4.41
C VAL C 324 5.97 40.48 -5.19
N TRP C 325 6.26 39.53 -6.10
CA TRP C 325 7.36 39.70 -7.03
C TRP C 325 6.93 40.09 -8.43
N ASP C 326 7.82 40.84 -9.05
CA ASP C 326 7.71 41.05 -10.50
C ASP C 326 8.25 39.85 -11.22
N SER C 327 7.36 39.12 -11.88
CA SER C 327 7.67 37.96 -12.64
C SER C 327 7.50 38.24 -14.10
N SER C 328 7.53 39.52 -14.58
CA SER C 328 7.32 39.76 -16.05
C SER C 328 8.42 39.17 -16.93
N ASN C 329 9.64 39.06 -16.43
CA ASN C 329 10.64 38.35 -17.21
C ASN C 329 10.39 36.80 -17.24
N HIS C 330 9.59 36.33 -18.21
CA HIS C 330 9.28 34.90 -18.36
C HIS C 330 10.53 34.08 -18.70
N ASP C 331 11.52 34.75 -19.22
CA ASP C 331 12.69 34.05 -19.67
C ASP C 331 13.65 33.70 -18.50
N ASP C 332 13.63 34.41 -17.39
CA ASP C 332 14.64 34.14 -16.35
C ASP C 332 14.16 34.42 -14.95
N PRO C 333 13.59 33.40 -14.30
CA PRO C 333 13.06 33.63 -12.95
C PRO C 333 14.12 34.04 -11.92
N THR C 334 15.41 33.90 -12.22
CA THR C 334 16.38 34.37 -11.27
C THR C 334 16.40 35.92 -11.24
N THR C 335 15.77 36.58 -12.21
CA THR C 335 15.69 38.06 -12.15
C THR C 335 14.40 38.55 -11.41
N TRP C 336 13.55 37.64 -10.97
CA TRP C 336 12.31 38.12 -10.36
C TRP C 336 12.54 38.78 -9.00
N GLU C 337 12.10 40.04 -8.92
CA GLU C 337 12.36 40.91 -7.80
C GLU C 337 11.10 41.29 -7.06
N LYS C 338 11.19 41.46 -5.73
CA LYS C 338 10.04 41.95 -4.95
C LYS C 338 9.68 43.36 -5.41
N LYS C 339 8.39 43.62 -5.62
CA LYS C 339 7.96 44.92 -6.08
C LYS C 339 6.89 45.52 -5.14
N ALA C 340 6.28 44.75 -4.23
CA ALA C 340 5.27 45.31 -3.31
C ALA C 340 5.02 44.32 -2.18
N VAL C 341 4.50 44.78 -1.05
CA VAL C 341 4.02 43.92 0.02
C VAL C 341 2.68 44.54 0.35
N VAL C 342 1.64 43.74 0.41
CA VAL C 342 0.33 44.19 0.86
C VAL C 342 0.29 43.99 2.36
N GLU C 343 0.09 45.07 3.10
CA GLU C 343 -0.02 45.05 4.58
C GLU C 343 -1.30 45.74 5.01
N SER C 344 -1.72 45.52 6.24
CA SER C 344 -2.89 46.15 6.80
C SER C 344 -2.75 46.22 8.30
N PRO C 345 -3.16 47.35 8.91
CA PRO C 345 -3.08 47.46 10.39
C PRO C 345 -3.97 46.39 11.04
N ASP C 346 -4.96 45.91 10.31
CA ASP C 346 -5.79 44.80 10.75
C ASP C 346 -5.10 43.42 10.78
N TRP C 347 -3.94 43.30 10.16
CA TRP C 347 -3.32 42.00 10.08
C TRP C 347 -2.19 41.85 11.07
N ARG C 348 -2.12 42.71 12.06
CA ARG C 348 -0.96 42.64 12.95
C ARG C 348 -1.05 41.62 14.05
N GLY C 349 -2.24 41.09 14.33
CA GLY C 349 -2.38 39.93 15.23
C GLY C 349 -1.82 38.64 14.59
N ALA C 350 -1.90 37.53 15.35
CA ALA C 350 -1.47 36.19 14.86
C ALA C 350 -2.35 35.79 13.63
N TYR C 351 -3.65 36.14 13.71
CA TYR C 351 -4.70 35.90 12.65
C TYR C 351 -5.21 37.30 12.23
N PRO C 352 -5.83 37.51 11.07
CA PRO C 352 -6.32 36.44 10.20
C PRO C 352 -5.23 35.88 9.34
N ASN C 353 -5.40 34.64 8.92
CA ASN C 353 -4.49 34.05 7.99
C ASN C 353 -5.16 33.93 6.60
N THR C 354 -4.42 34.16 5.55
CA THR C 354 -4.95 34.33 4.20
C THR C 354 -4.40 33.21 3.32
N PHE C 355 -5.09 32.09 3.25
CA PHE C 355 -4.53 30.84 2.70
C PHE C 355 -5.01 30.64 1.24
N HIS C 356 -5.95 31.47 0.76
CA HIS C 356 -6.57 31.26 -0.57
C HIS C 356 -6.80 32.56 -1.32
N MET C 357 -6.76 32.51 -2.65
CA MET C 357 -7.03 33.73 -3.42
C MET C 357 -7.63 33.43 -4.78
N VAL C 358 -8.25 34.42 -5.38
CA VAL C 358 -8.57 34.28 -6.80
C VAL C 358 -8.50 35.69 -7.40
N PHE C 359 -7.97 35.82 -8.62
CA PHE C 359 -7.92 37.07 -9.36
C PHE C 359 -9.15 37.26 -10.28
N THR C 360 -9.49 38.54 -10.57
CA THR C 360 -10.36 38.84 -11.72
C THR C 360 -9.63 38.55 -13.03
N PRO C 361 -10.37 38.27 -14.12
CA PRO C 361 -9.74 37.98 -15.40
C PRO C 361 -8.75 39.02 -15.90
N ASP C 362 -8.92 40.30 -15.58
CA ASP C 362 -8.04 41.37 -16.07
C ASP C 362 -6.88 41.60 -15.08
N ALA C 363 -6.78 40.75 -14.04
CA ALA C 363 -5.68 40.80 -13.08
C ALA C 363 -5.71 42.07 -12.19
N LYS C 364 -6.78 42.88 -12.20
CA LYS C 364 -6.77 44.15 -11.43
C LYS C 364 -7.18 44.06 -9.96
N LYS C 365 -7.93 43.02 -9.61
CA LYS C 365 -8.32 42.75 -8.25
C LYS C 365 -8.07 41.29 -7.85
N ILE C 366 -7.95 41.08 -6.53
CA ILE C 366 -7.89 39.73 -5.98
C ILE C 366 -8.84 39.64 -4.86
N TYR C 367 -9.39 38.46 -4.66
CA TYR C 367 -10.24 38.13 -3.54
C TYR C 367 -9.45 37.14 -2.74
N VAL C 368 -9.29 37.40 -1.42
CA VAL C 368 -8.40 36.57 -0.60
C VAL C 368 -9.14 36.23 0.70
N THR C 369 -8.93 35.02 1.22
CA THR C 369 -9.68 34.61 2.38
C THR C 369 -9.03 35.12 3.68
N MET C 370 -9.85 35.29 4.70
CA MET C 370 -9.38 35.73 6.00
C MET C 370 -9.93 34.72 6.98
N TRP C 371 -9.04 33.82 7.44
CA TRP C 371 -9.45 32.65 8.25
C TRP C 371 -9.05 32.97 9.67
N TRP C 372 -9.88 32.58 10.65
CA TRP C 372 -9.57 32.69 12.04
C TRP C 372 -10.12 31.42 12.67
N PRO C 373 -9.54 30.98 13.80
CA PRO C 373 -10.20 29.89 14.60
C PRO C 373 -11.55 30.38 15.13
N SER C 374 -12.39 29.45 15.58
CA SER C 374 -13.67 29.81 16.17
C SER C 374 -13.38 30.72 17.40
N PRO C 375 -14.14 31.76 17.75
CA PRO C 375 -15.42 32.07 17.20
C PRO C 375 -15.40 33.33 16.27
N THR C 376 -14.22 33.83 15.88
CA THR C 376 -14.12 35.14 15.20
C THR C 376 -14.62 35.03 13.77
N PRO C 377 -15.53 35.91 13.32
CA PRO C 377 -16.09 35.74 11.93
C PRO C 377 -15.00 35.75 10.84
N ASN C 378 -15.05 34.81 9.90
CA ASN C 378 -14.05 34.74 8.85
C ASN C 378 -14.62 35.53 7.70
N GLY C 379 -13.81 35.86 6.68
CA GLY C 379 -14.41 36.57 5.57
C GLY C 379 -13.55 36.60 4.33
N ILE C 380 -13.75 37.64 3.52
CA ILE C 380 -13.03 37.87 2.23
C ILE C 380 -12.47 39.27 2.26
N ALA C 381 -11.19 39.40 1.90
CA ALA C 381 -10.63 40.71 1.68
C ALA C 381 -10.48 40.94 0.15
N VAL C 382 -10.70 42.19 -0.30
CA VAL C 382 -10.55 42.60 -1.69
C VAL C 382 -9.33 43.46 -1.82
N ILE C 383 -8.44 43.04 -2.73
CA ILE C 383 -7.12 43.60 -2.79
C ILE C 383 -7.02 44.29 -4.14
N ASP C 384 -6.50 45.49 -4.12
CA ASP C 384 -6.29 46.28 -5.34
C ASP C 384 -4.95 45.72 -5.87
N ALA C 385 -4.93 45.05 -7.02
CA ALA C 385 -3.71 44.40 -7.48
C ALA C 385 -2.87 45.28 -8.47
N VAL C 386 -3.18 46.56 -8.51
CA VAL C 386 -2.36 47.56 -9.26
C VAL C 386 -1.60 48.41 -8.23
N ASN C 387 -2.28 48.92 -7.20
CA ASN C 387 -1.66 49.70 -6.13
C ASN C 387 -1.20 48.83 -4.94
N TRP C 388 -1.63 47.57 -4.88
CA TRP C 388 -1.25 46.61 -3.83
C TRP C 388 -1.67 47.06 -2.45
N GLU C 389 -2.96 47.18 -2.30
CA GLU C 389 -3.55 47.80 -1.15
C GLU C 389 -4.79 47.02 -0.89
N VAL C 390 -5.15 46.86 0.38
CA VAL C 390 -6.45 46.34 0.74
C VAL C 390 -7.61 47.32 0.42
N LEU C 391 -8.62 46.90 -0.31
CA LEU C 391 -9.75 47.78 -0.63
C LEU C 391 -10.91 47.63 0.36
N LYS C 392 -11.11 46.42 0.85
CA LYS C 392 -12.39 46.12 1.51
C LYS C 392 -12.24 44.78 2.20
N GLU C 393 -12.90 44.62 3.36
CA GLU C 393 -12.97 43.34 4.09
C GLU C 393 -14.43 43.12 4.42
N VAL C 394 -14.97 41.91 4.21
CA VAL C 394 -16.33 41.61 4.62
C VAL C 394 -16.39 40.32 5.41
N ASP C 395 -17.07 40.38 6.55
CA ASP C 395 -17.26 39.19 7.42
C ASP C 395 -18.36 38.29 6.88
N LEU C 396 -18.20 36.97 6.97
CA LEU C 396 -19.17 36.06 6.44
C LEU C 396 -19.73 35.09 7.48
N GLY C 397 -18.86 34.42 8.23
CA GLY C 397 -19.27 33.33 9.09
C GLY C 397 -18.07 32.45 9.43
N PRO C 398 -18.30 31.21 9.93
CA PRO C 398 -17.13 30.42 10.40
C PRO C 398 -16.31 29.73 9.27
N ASP C 399 -14.99 29.68 9.45
CA ASP C 399 -14.11 28.74 8.77
C ASP C 399 -14.15 28.98 7.23
N MET C 400 -13.65 30.12 6.79
CA MET C 400 -13.61 30.41 5.32
C MET C 400 -12.54 29.58 4.67
N HIS C 401 -12.87 28.90 3.54
CA HIS C 401 -11.85 28.22 2.75
C HIS C 401 -11.64 28.86 1.37
N THR C 402 -11.85 28.12 0.27
CA THR C 402 -11.39 28.58 -1.04
C THR C 402 -12.36 29.53 -1.76
N LEU C 403 -11.82 30.22 -2.78
CA LEU C 403 -12.57 31.14 -3.62
C LEU C 403 -12.39 30.76 -5.10
N ALA C 404 -13.47 30.74 -5.85
CA ALA C 404 -13.37 30.59 -7.28
C ALA C 404 -14.13 31.78 -7.89
N ILE C 405 -13.94 32.01 -9.19
CA ILE C 405 -14.64 33.10 -9.83
C ILE C 405 -15.30 32.59 -11.12
N THR C 406 -16.49 33.11 -11.46
CA THR C 406 -17.13 32.72 -12.73
C THR C 406 -16.26 33.32 -13.81
N TYR C 407 -16.11 32.66 -14.96
CA TYR C 407 -15.03 33.06 -15.89
C TYR C 407 -15.23 34.39 -16.63
N ASP C 408 -16.45 34.92 -16.63
CA ASP C 408 -16.72 36.28 -17.07
C ASP C 408 -16.31 37.31 -15.99
N GLY C 409 -15.80 36.87 -14.82
CA GLY C 409 -15.32 37.82 -13.82
C GLY C 409 -16.40 38.40 -12.88
N LYS C 410 -17.64 38.00 -13.05
CA LYS C 410 -18.73 38.69 -12.35
C LYS C 410 -19.07 38.23 -10.93
N PHE C 411 -18.81 36.95 -10.61
CA PHE C 411 -19.23 36.46 -9.27
C PHE C 411 -18.13 35.61 -8.68
N VAL C 412 -17.80 35.90 -7.42
CA VAL C 412 -16.85 35.09 -6.66
C VAL C 412 -17.71 34.09 -5.89
N VAL C 413 -17.28 32.83 -5.96
CA VAL C 413 -18.06 31.80 -5.31
C VAL C 413 -17.09 31.10 -4.35
N GLY C 414 -17.41 31.10 -3.06
CA GLY C 414 -16.47 30.55 -2.06
C GLY C 414 -17.14 29.54 -1.15
N THR C 415 -16.38 28.96 -0.22
CA THR C 415 -16.91 27.93 0.65
C THR C 415 -16.49 28.20 2.10
N LEU C 416 -17.45 27.94 3.03
CA LEU C 416 -17.28 28.04 4.49
C LEU C 416 -17.65 26.68 5.03
N SER C 417 -16.89 26.16 5.98
CA SER C 417 -16.91 24.70 6.20
C SER C 417 -17.03 24.29 7.65
N GLY C 418 -17.39 25.24 8.50
CA GLY C 418 -17.90 24.86 9.84
C GLY C 418 -16.84 24.21 10.73
N TYR C 419 -15.57 24.22 10.33
CA TYR C 419 -14.51 23.51 11.10
C TYR C 419 -14.88 22.03 11.17
N GLN C 420 -15.59 21.49 10.13
CA GLN C 420 -16.07 20.12 10.06
C GLN C 420 -17.22 19.81 11.02
N ASN C 421 -17.77 20.78 11.77
CA ASN C 421 -18.87 20.44 12.65
C ASN C 421 -19.96 21.49 12.91
N THR C 422 -19.75 22.69 12.41
CA THR C 422 -20.76 23.69 12.56
C THR C 422 -21.17 24.21 11.14
N ALA C 423 -21.54 25.48 11.06
CA ALA C 423 -22.24 26.03 9.87
C ALA C 423 -21.36 26.00 8.65
N SER C 424 -21.92 25.70 7.47
CA SER C 424 -21.18 25.51 6.23
C SER C 424 -22.04 26.06 5.13
N ALA C 425 -21.46 26.67 4.11
CA ALA C 425 -22.31 27.19 3.02
C ALA C 425 -21.41 27.47 1.83
N ILE C 426 -22.06 27.67 0.69
CA ILE C 426 -21.46 28.35 -0.44
C ILE C 426 -21.84 29.85 -0.32
N VAL C 427 -20.87 30.74 -0.48
CA VAL C 427 -21.14 32.21 -0.52
C VAL C 427 -20.97 32.74 -1.94
N VAL C 428 -21.81 33.70 -2.35
CA VAL C 428 -21.75 34.24 -3.71
C VAL C 428 -21.63 35.71 -3.53
N MET C 429 -20.58 36.29 -4.15
CA MET C 429 -20.30 37.69 -3.98
C MET C 429 -20.20 38.25 -5.38
N GLU C 430 -20.79 39.43 -5.61
CA GLU C 430 -20.65 40.08 -6.95
C GLU C 430 -19.45 40.98 -6.96
N THR C 431 -18.68 40.99 -8.04
CA THR C 431 -17.43 41.70 -8.05
C THR C 431 -17.51 43.18 -8.49
N GLU C 432 -18.64 43.61 -9.04
CA GLU C 432 -18.80 45.03 -9.44
C GLU C 432 -18.59 46.00 -8.29
N THR C 433 -19.29 45.75 -7.18
CA THR C 433 -19.25 46.59 -6.02
C THR C 433 -19.01 45.73 -4.78
N ASP C 434 -18.60 44.48 -5.01
CA ASP C 434 -18.09 43.62 -3.95
C ASP C 434 -19.03 43.44 -2.78
N GLU C 435 -20.25 43.04 -3.10
CA GLU C 435 -21.22 42.72 -2.07
C GLU C 435 -21.63 41.29 -2.13
N VAL C 436 -21.90 40.80 -0.93
CA VAL C 436 -22.41 39.45 -0.73
C VAL C 436 -23.86 39.37 -1.17
N LEU C 437 -24.13 38.50 -2.14
CA LEU C 437 -25.49 38.26 -2.60
C LEU C 437 -26.28 37.22 -1.72
N GLY C 438 -25.53 36.38 -0.98
CA GLY C 438 -26.12 35.47 -0.02
C GLY C 438 -25.38 34.13 -0.05
N PHE C 439 -26.04 33.10 0.47
CA PHE C 439 -25.50 31.78 0.75
C PHE C 439 -26.43 30.71 0.25
N LEU C 440 -25.84 29.59 -0.11
CA LEU C 440 -26.53 28.43 -0.57
C LEU C 440 -26.05 27.28 0.31
N PRO C 441 -26.98 26.34 0.63
CA PRO C 441 -26.71 25.24 1.55
C PRO C 441 -25.64 24.35 0.97
N SER C 442 -24.73 23.94 1.82
CA SER C 442 -23.69 22.97 1.40
C SER C 442 -23.29 22.16 2.61
N PRO C 443 -23.85 20.94 2.77
CA PRO C 443 -23.57 20.14 3.97
C PRO C 443 -22.22 19.38 3.81
N MET C 444 -21.13 20.14 3.79
CA MET C 444 -19.81 19.58 3.43
C MET C 444 -18.77 20.42 4.10
N GLY C 445 -17.57 19.84 4.28
CA GLY C 445 -16.50 20.56 4.96
C GLY C 445 -15.46 21.04 3.95
N HIS C 446 -15.87 21.31 2.70
CA HIS C 446 -14.92 21.74 1.63
C HIS C 446 -13.67 22.54 2.06
N HIS C 447 -12.50 21.99 1.78
CA HIS C 447 -11.34 22.78 1.72
C HIS C 447 -10.94 23.20 0.27
N ASP C 448 -11.80 22.99 -0.74
CA ASP C 448 -11.45 23.42 -2.10
C ASP C 448 -12.79 23.59 -2.81
N ASN C 449 -12.78 24.33 -3.93
CA ASN C 449 -13.92 24.41 -4.82
C ASN C 449 -13.42 25.03 -6.13
N VAL C 450 -14.05 24.69 -7.25
CA VAL C 450 -13.64 25.27 -8.53
C VAL C 450 -14.94 25.49 -9.30
N ILE C 451 -14.87 26.35 -10.32
CA ILE C 451 -15.91 26.40 -11.39
C ILE C 451 -15.32 25.69 -12.60
N VAL C 452 -16.05 24.76 -13.21
CA VAL C 452 -15.43 23.96 -14.25
C VAL C 452 -15.01 24.93 -15.39
N PRO C 453 -13.72 25.00 -15.76
CA PRO C 453 -13.37 25.92 -16.87
C PRO C 453 -13.77 25.37 -18.27
N ARG C 454 -13.89 26.24 -19.28
CA ARG C 454 -14.22 25.81 -20.60
C ARG C 454 -12.98 25.93 -21.43
N THR C 455 -12.11 26.90 -21.13
CA THR C 455 -11.00 27.09 -22.06
C THR C 455 -9.71 27.05 -21.26
N LEU C 456 -8.58 27.03 -21.97
CA LEU C 456 -7.29 27.11 -21.29
C LEU C 456 -7.14 28.50 -20.70
N GLU C 457 -7.69 29.52 -21.32
CA GLU C 457 -7.64 30.85 -20.73
C GLU C 457 -8.39 30.92 -19.37
N ASP C 458 -9.48 30.18 -19.26
CA ASP C 458 -10.21 30.16 -18.01
C ASP C 458 -9.32 29.59 -16.87
N LEU C 459 -8.50 28.59 -17.14
CA LEU C 459 -7.62 28.00 -16.10
C LEU C 459 -6.75 29.02 -15.48
N ARG C 460 -6.48 30.15 -16.16
CA ARG C 460 -5.61 31.20 -15.56
C ARG C 460 -6.15 31.75 -14.28
N ILE C 461 -7.49 31.70 -14.12
CA ILE C 461 -8.11 32.08 -12.82
C ILE C 461 -8.82 30.88 -12.15
N SER C 462 -8.28 29.68 -12.33
CA SER C 462 -8.85 28.49 -11.68
C SER C 462 -7.74 27.82 -10.86
N ARG C 463 -7.94 26.53 -10.56
CA ARG C 463 -7.01 25.78 -9.73
C ARG C 463 -5.81 25.31 -10.58
N SER C 464 -4.96 26.26 -10.93
CA SER C 464 -3.86 26.01 -11.85
C SER C 464 -2.75 27.00 -11.44
N THR C 465 -3.13 28.28 -11.36
CA THR C 465 -2.20 29.39 -11.06
C THR C 465 -2.10 29.74 -9.58
N THR C 466 -3.15 29.47 -8.82
CA THR C 466 -3.24 29.81 -7.37
C THR C 466 -3.99 28.65 -6.70
N THR C 467 -3.95 28.59 -5.38
CA THR C 467 -4.79 27.64 -4.60
C THR C 467 -5.82 28.36 -3.67
N LYS D 1 -28.93 46.74 -7.85
CA LYS D 1 -28.52 46.08 -9.14
C LYS D 1 -28.75 44.56 -9.20
N TYR D 2 -28.21 43.81 -8.24
CA TYR D 2 -28.32 42.33 -8.26
C TYR D 2 -29.45 41.80 -7.39
N VAL D 3 -30.02 40.65 -7.73
CA VAL D 3 -30.95 39.96 -6.82
C VAL D 3 -30.14 39.27 -5.71
N LYS D 4 -30.44 39.54 -4.44
CA LYS D 4 -29.88 38.80 -3.32
C LYS D 4 -30.73 37.55 -3.09
N VAL D 5 -30.08 36.39 -2.95
CA VAL D 5 -30.80 35.14 -2.60
C VAL D 5 -31.42 35.29 -1.20
N GLN D 6 -30.80 36.11 -0.35
CA GLN D 6 -31.44 36.50 0.89
C GLN D 6 -32.92 36.94 0.75
N ASP D 7 -33.32 37.57 -0.35
CA ASP D 7 -34.77 37.90 -0.43
C ASP D 7 -35.60 36.60 -0.52
N PHE D 8 -35.07 35.57 -1.18
CA PHE D 8 -35.80 34.32 -1.30
C PHE D 8 -36.01 33.76 0.13
N TYR D 9 -34.92 33.60 0.88
CA TYR D 9 -35.02 33.07 2.23
C TYR D 9 -35.90 33.88 3.15
N ASP D 10 -35.90 35.22 3.01
CA ASP D 10 -36.63 36.10 3.99
C ASP D 10 -38.08 35.74 4.00
N GLN D 11 -38.60 35.28 2.88
CA GLN D 11 -40.01 34.98 2.79
C GLN D 11 -40.39 33.62 3.41
N LEU D 12 -39.44 32.73 3.69
CA LEU D 12 -39.81 31.39 4.13
C LEU D 12 -40.09 31.32 5.61
N GLY D 13 -39.53 32.24 6.36
CA GLY D 13 -39.66 32.22 7.83
C GLY D 13 -38.50 31.48 8.53
N LYS D 14 -38.56 31.47 9.85
CA LYS D 14 -37.47 30.98 10.64
C LYS D 14 -37.72 29.47 10.84
N TYR D 15 -37.47 28.67 9.79
CA TYR D 15 -37.67 27.21 9.87
C TYR D 15 -36.38 26.44 9.61
N VAL D 16 -36.23 25.28 10.29
CA VAL D 16 -35.05 24.42 10.13
C VAL D 16 -35.40 23.12 9.39
N LEU D 17 -34.79 22.92 8.23
CA LEU D 17 -35.01 21.73 7.48
C LEU D 17 -33.94 20.70 7.94
N VAL D 18 -34.28 19.40 8.03
CA VAL D 18 -33.26 18.36 8.33
C VAL D 18 -33.50 17.22 7.37
N ALA D 19 -32.43 16.60 6.83
CA ALA D 19 -32.60 15.47 5.91
C ALA D 19 -31.36 14.53 6.02
N PRO D 20 -31.57 13.17 6.02
CA PRO D 20 -30.48 12.21 5.93
C PRO D 20 -30.16 12.07 4.48
N GLY D 21 -29.08 11.38 4.16
CA GLY D 21 -28.54 11.45 2.78
C GLY D 21 -28.45 10.08 2.09
N LYS D 22 -28.93 9.03 2.76
CA LYS D 22 -28.94 7.70 2.15
C LYS D 22 -27.51 7.28 1.77
N PHE D 23 -27.18 7.19 0.49
CA PHE D 23 -25.79 6.78 0.09
C PHE D 23 -24.69 7.78 0.41
N SER D 24 -25.05 9.06 0.57
CA SER D 24 -24.06 10.07 0.96
C SER D 24 -23.46 9.75 2.35
N GLY D 25 -24.20 9.00 3.18
CA GLY D 25 -23.69 8.67 4.52
C GLY D 25 -23.76 9.84 5.49
N THR D 26 -24.60 10.85 5.18
CA THR D 26 -24.57 12.05 5.97
C THR D 26 -25.98 12.45 6.37
N VAL D 27 -26.07 13.35 7.33
CA VAL D 27 -27.37 13.94 7.65
C VAL D 27 -27.10 15.43 7.84
N ALA D 28 -28.10 16.28 7.58
CA ALA D 28 -27.76 17.72 7.56
C ALA D 28 -28.98 18.53 7.93
N ALA D 29 -28.78 19.63 8.61
CA ALA D 29 -29.86 20.53 8.97
C ALA D 29 -29.53 21.89 8.26
N THR D 30 -30.52 22.58 7.71
CA THR D 30 -30.38 23.78 6.90
C THR D 30 -31.31 24.87 7.44
N ASP D 31 -30.80 26.07 7.57
CA ASP D 31 -31.61 27.21 8.07
C ASP D 31 -32.32 27.80 6.85
N LEU D 32 -33.62 27.58 6.74
CA LEU D 32 -34.30 28.11 5.54
C LEU D 32 -34.39 29.63 5.53
N SER D 33 -34.02 30.28 6.64
CA SER D 33 -34.09 31.75 6.70
C SER D 33 -32.80 32.39 6.22
N THR D 34 -31.69 31.61 6.06
CA THR D 34 -30.43 32.23 5.59
C THR D 34 -29.72 31.48 4.49
N GLY D 35 -30.04 30.20 4.32
CA GLY D 35 -29.41 29.42 3.25
C GLY D 35 -28.18 28.68 3.82
N TRP D 36 -27.78 28.96 5.06
CA TRP D 36 -26.67 28.21 5.64
C TRP D 36 -27.07 26.77 5.99
N THR D 37 -26.14 25.83 5.83
CA THR D 37 -26.30 24.54 6.51
C THR D 37 -25.90 24.83 7.93
N MET D 38 -26.74 24.53 8.89
CA MET D 38 -26.38 24.83 10.31
C MET D 38 -25.34 23.83 10.86
N ALA D 39 -25.48 22.56 10.44
CA ALA D 39 -24.56 21.47 10.86
C ALA D 39 -24.86 20.23 10.06
N TRP D 40 -23.84 19.41 9.93
CA TRP D 40 -23.97 18.11 9.25
C TRP D 40 -23.14 17.11 10.01
N LEU D 41 -23.49 15.86 9.88
CA LEU D 41 -22.70 14.80 10.50
C LEU D 41 -22.47 13.69 9.48
N ALA D 42 -21.27 13.12 9.48
CA ALA D 42 -20.98 11.95 8.62
C ALA D 42 -20.82 10.70 9.47
N ALA D 43 -21.71 9.72 9.30
CA ALA D 43 -21.68 8.52 10.18
C ALA D 43 -20.35 7.73 10.06
N TRP D 44 -19.68 7.82 8.89
CA TRP D 44 -18.40 7.09 8.78
C TRP D 44 -17.35 7.57 9.85
N ASN D 45 -17.47 8.85 10.26
CA ASN D 45 -16.65 9.38 11.30
C ASN D 45 -16.79 8.59 12.62
N TYR D 46 -17.91 7.91 12.77
CA TYR D 46 -18.15 7.20 14.03
C TYR D 46 -17.98 5.73 13.81
N GLY D 47 -17.19 5.35 12.82
CA GLY D 47 -17.02 3.92 12.62
C GLY D 47 -18.13 3.17 11.95
N ASP D 48 -19.16 3.82 11.45
CA ASP D 48 -20.25 3.08 10.81
C ASP D 48 -19.76 2.54 9.44
N THR D 49 -19.70 1.23 9.27
CA THR D 49 -19.22 0.58 8.00
C THR D 49 -20.28 0.41 6.88
N CYS D 50 -21.52 0.87 7.10
CA CYS D 50 -22.47 0.98 5.96
C CYS D 50 -23.47 2.04 6.28
N PRO D 51 -23.03 3.32 6.21
CA PRO D 51 -23.84 4.46 6.70
C PRO D 51 -24.94 4.83 5.74
N ILE D 52 -25.82 3.88 5.38
CA ILE D 52 -26.98 4.28 4.53
C ILE D 52 -28.01 4.98 5.43
N MET D 53 -27.90 6.30 5.52
CA MET D 53 -28.71 7.07 6.52
C MET D 53 -30.12 7.13 5.90
N HIS D 54 -31.08 6.55 6.60
CA HIS D 54 -32.37 6.26 5.92
C HIS D 54 -33.52 7.15 6.28
N HIS D 55 -34.23 6.88 7.37
CA HIS D 55 -35.39 7.70 7.69
C HIS D 55 -35.14 8.46 8.97
N MET D 56 -35.85 9.54 9.20
CA MET D 56 -35.61 10.30 10.45
C MET D 56 -36.88 11.00 10.91
N ALA D 57 -36.88 11.49 12.15
CA ALA D 57 -38.00 12.33 12.62
C ALA D 57 -37.44 13.20 13.76
N ALA D 58 -37.93 14.45 13.87
CA ALA D 58 -37.37 15.37 14.87
C ALA D 58 -38.40 15.62 15.99
N PHE D 59 -37.93 15.64 17.24
CA PHE D 59 -38.76 16.04 18.35
C PHE D 59 -38.99 17.56 18.29
N PRO D 60 -40.20 18.01 18.72
CA PRO D 60 -40.37 19.46 18.83
C PRO D 60 -39.40 20.12 19.83
N SER D 61 -39.05 21.36 19.51
CA SER D 61 -38.28 22.12 20.42
C SER D 61 -38.82 23.57 20.40
N PRO D 62 -38.87 24.21 21.57
CA PRO D 62 -39.40 25.58 21.68
C PRO D 62 -38.56 26.51 20.83
N ASP D 63 -37.29 26.16 20.57
CA ASP D 63 -36.45 26.97 19.65
C ASP D 63 -35.36 26.12 19.01
N PRO D 64 -35.66 25.57 17.83
CA PRO D 64 -34.74 24.68 17.11
C PRO D 64 -33.37 25.27 16.82
N TYR D 65 -33.24 26.62 16.73
CA TYR D 65 -31.93 27.26 16.55
C TYR D 65 -31.07 27.12 17.77
N LYS D 66 -31.69 26.90 18.92
CA LYS D 66 -30.92 26.83 20.10
C LYS D 66 -30.57 25.36 20.35
N GLU D 67 -31.48 24.47 19.96
CA GLU D 67 -31.27 23.01 20.04
C GLU D 67 -32.48 22.18 19.62
N PHE D 68 -32.23 20.98 19.14
CA PHE D 68 -33.25 20.00 18.84
C PHE D 68 -32.62 18.60 18.79
N GLU D 69 -33.46 17.60 19.02
CA GLU D 69 -33.06 16.18 18.95
C GLU D 69 -33.84 15.53 17.84
N PHE D 70 -33.25 14.51 17.22
CA PHE D 70 -33.89 13.75 16.20
C PHE D 70 -33.39 12.29 16.23
N VAL D 71 -34.03 11.43 15.46
CA VAL D 71 -33.69 10.03 15.37
C VAL D 71 -33.51 9.79 13.88
N VAL D 72 -32.45 9.08 13.51
CA VAL D 72 -32.19 8.76 12.15
C VAL D 72 -31.64 7.32 12.13
N ASN D 73 -32.17 6.50 11.23
CA ASN D 73 -31.81 5.09 11.19
C ASN D 73 -30.96 4.75 9.94
N THR D 74 -30.43 3.56 9.90
CA THR D 74 -29.60 3.13 8.74
C THR D 74 -30.07 1.78 8.19
N GLN D 75 -29.66 1.51 6.95
CA GLN D 75 -29.83 0.22 6.25
C GLN D 75 -28.44 -0.34 5.93
N GLY D 76 -28.34 -1.63 5.70
CA GLY D 76 -27.03 -2.32 5.53
C GLY D 76 -27.20 -3.54 4.64
N GLY D 77 -26.19 -4.41 4.55
CA GLY D 77 -26.36 -5.64 3.80
C GLY D 77 -26.62 -5.30 2.36
N LYS D 78 -27.44 -6.11 1.75
CA LYS D 78 -27.60 -6.03 0.29
C LYS D 78 -28.41 -4.82 -0.17
N ASN D 79 -28.91 -3.99 0.76
CA ASN D 79 -29.44 -2.66 0.37
C ASN D 79 -28.42 -1.76 -0.27
N LEU D 80 -27.13 -2.02 -0.06
CA LEU D 80 -26.08 -1.30 -0.76
C LEU D 80 -26.00 -1.61 -2.29
N PHE D 81 -26.56 -2.74 -2.74
CA PHE D 81 -26.32 -3.21 -4.10
C PHE D 81 -27.50 -2.95 -5.01
N ILE D 82 -28.47 -2.20 -4.55
CA ILE D 82 -29.72 -2.09 -5.26
C ILE D 82 -29.87 -0.78 -6.05
N TYR D 83 -28.90 0.14 -6.02
CA TYR D 83 -28.99 1.37 -6.86
C TYR D 83 -28.00 1.42 -8.02
N GLY D 84 -28.00 2.51 -8.78
CA GLY D 84 -27.08 2.66 -9.93
C GLY D 84 -25.62 2.48 -9.58
N VAL D 85 -25.27 2.78 -8.35
CA VAL D 85 -23.89 2.92 -7.93
C VAL D 85 -23.10 1.61 -8.01
N PRO D 86 -21.98 1.62 -8.75
CA PRO D 86 -21.24 0.36 -8.77
C PRO D 86 -20.37 0.17 -7.52
N VAL D 87 -21.00 -0.08 -6.37
CA VAL D 87 -20.32 -0.10 -5.11
C VAL D 87 -19.35 -1.28 -5.11
N THR D 88 -18.30 -1.25 -4.29
CA THR D 88 -17.27 -2.30 -4.37
C THR D 88 -17.12 -3.04 -3.00
N VAL D 89 -17.87 -2.58 -2.01
CA VAL D 89 -17.77 -3.17 -0.67
C VAL D 89 -18.64 -4.40 -0.74
N GLU D 90 -18.05 -5.57 -0.93
CA GLU D 90 -18.91 -6.72 -1.20
C GLU D 90 -19.52 -7.29 0.07
N ASP D 91 -18.95 -7.02 1.22
CA ASP D 91 -19.52 -7.55 2.43
C ASP D 91 -19.78 -6.36 3.42
N PRO D 92 -20.84 -5.57 3.19
CA PRO D 92 -20.96 -4.32 4.01
C PRO D 92 -21.44 -4.61 5.41
N GLY D 93 -21.31 -3.65 6.32
CA GLY D 93 -22.05 -3.65 7.60
C GLY D 93 -23.54 -3.90 7.46
N GLU D 94 -24.13 -4.39 8.52
CA GLU D 94 -25.51 -4.86 8.45
C GLU D 94 -26.57 -3.76 8.64
N GLY D 95 -26.11 -2.59 9.03
CA GLY D 95 -27.02 -1.43 9.21
C GLY D 95 -28.03 -1.73 10.30
N MET D 96 -29.24 -1.20 10.16
CA MET D 96 -30.33 -1.32 11.15
C MET D 96 -29.98 -0.61 12.49
N LYS D 97 -29.09 0.36 12.42
CA LYS D 97 -28.81 1.21 13.55
C LYS D 97 -29.92 2.28 13.69
N ILE D 98 -30.17 2.71 14.93
CA ILE D 98 -31.17 3.82 15.19
C ILE D 98 -30.45 4.90 15.98
N TYR D 99 -29.97 5.93 15.32
CA TYR D 99 -29.12 6.84 15.98
C TYR D 99 -29.91 7.96 16.69
N ARG D 100 -29.52 8.32 17.92
CA ARG D 100 -30.05 9.50 18.54
C ARG D 100 -29.05 10.66 18.29
N ILE D 101 -29.52 11.79 17.76
CA ILE D 101 -28.63 12.88 17.52
C ILE D 101 -29.25 14.14 18.07
N LYS D 102 -28.40 14.98 18.65
CA LYS D 102 -28.83 16.28 19.14
C LYS D 102 -28.06 17.38 18.48
N TYR D 103 -28.76 18.41 17.98
CA TYR D 103 -28.15 19.62 17.50
C TYR D 103 -28.16 20.52 18.68
N ASP D 104 -26.99 21.04 19.05
CA ASP D 104 -26.91 21.79 20.30
C ASP D 104 -26.83 23.31 20.08
N GLY D 105 -27.16 23.77 18.88
CA GLY D 105 -27.04 25.20 18.52
C GLY D 105 -25.73 25.53 17.81
N THR D 106 -24.79 24.60 17.77
CA THR D 106 -23.55 24.78 17.10
C THR D 106 -23.29 23.56 16.18
N ARG D 107 -23.38 22.35 16.74
CA ARG D 107 -22.95 21.14 16.07
C ARG D 107 -24.01 20.02 16.31
N MET D 108 -23.97 18.96 15.47
CA MET D 108 -24.63 17.69 15.76
C MET D 108 -23.81 16.79 16.68
N ASN D 109 -24.47 16.28 17.72
CA ASN D 109 -23.84 15.35 18.66
C ASN D 109 -24.43 13.97 18.51
N LEU D 110 -23.61 12.99 18.19
CA LEU D 110 -24.18 11.66 18.11
C LEU D 110 -24.34 11.12 19.58
N GLN D 111 -25.55 10.97 20.06
CA GLN D 111 -25.75 10.58 21.47
C GLN D 111 -25.58 9.06 21.64
N ARG D 112 -26.21 8.22 20.81
CA ARG D 112 -26.05 6.76 20.94
C ARG D 112 -26.78 6.08 19.82
N ASP D 113 -26.61 4.76 19.75
CA ASP D 113 -27.43 3.90 18.92
C ASP D 113 -28.46 3.19 19.81
N ALA D 114 -29.74 3.53 19.63
CA ALA D 114 -30.83 3.01 20.38
C ALA D 114 -30.96 1.50 20.13
N ALA D 115 -30.54 1.03 18.93
CA ALA D 115 -30.60 -0.43 18.62
C ALA D 115 -29.67 -1.21 19.53
N GLU D 116 -28.53 -0.62 19.90
CA GLU D 116 -27.65 -1.26 20.92
C GLU D 116 -28.25 -1.24 22.33
N VAL D 117 -28.87 -0.13 22.70
CA VAL D 117 -29.54 0.02 23.99
C VAL D 117 -30.65 -1.04 24.12
N SER D 118 -31.65 -0.93 23.23
CA SER D 118 -32.78 -1.77 23.24
C SER D 118 -32.50 -3.20 22.74
N GLY D 119 -31.45 -3.37 21.92
CA GLY D 119 -31.20 -4.64 21.20
C GLY D 119 -32.12 -4.88 19.98
N LEU D 120 -33.06 -3.96 19.70
CA LEU D 120 -33.88 -4.05 18.47
C LEU D 120 -33.40 -3.10 17.33
N GLY D 121 -32.95 -3.65 16.19
CA GLY D 121 -32.50 -2.84 15.09
C GLY D 121 -33.54 -2.86 13.95
N LEU D 122 -33.97 -1.70 13.51
CA LEU D 122 -35.02 -1.58 12.45
C LEU D 122 -34.62 -0.52 11.42
N GLY D 123 -34.95 -0.70 10.13
CA GLY D 123 -34.32 0.13 9.11
C GLY D 123 -35.24 0.90 8.21
N VAL D 124 -36.56 0.95 8.47
CA VAL D 124 -37.42 1.71 7.56
C VAL D 124 -37.94 2.96 8.30
N HIS D 125 -39.24 3.28 8.27
CA HIS D 125 -39.72 4.59 8.72
C HIS D 125 -39.61 4.82 10.15
N VAL D 126 -39.25 6.06 10.47
CA VAL D 126 -39.09 6.56 11.85
C VAL D 126 -40.16 7.65 12.06
N THR D 127 -40.91 7.58 13.18
CA THR D 127 -41.95 8.58 13.47
C THR D 127 -41.84 9.02 14.93
N ILE D 128 -42.42 10.17 15.28
CA ILE D 128 -42.41 10.68 16.65
C ILE D 128 -43.85 10.43 17.24
N THR D 129 -43.96 10.01 18.52
CA THR D 129 -45.28 9.87 19.10
C THR D 129 -45.88 11.29 19.19
N PRO D 130 -47.24 11.39 19.17
CA PRO D 130 -47.79 12.77 19.23
C PRO D 130 -47.56 13.51 20.56
N GLU D 131 -47.33 12.77 21.64
CA GLU D 131 -46.96 13.39 22.94
C GLU D 131 -45.47 13.75 22.95
N ALA D 132 -44.72 13.47 21.86
CA ALA D 132 -43.25 13.67 21.81
C ALA D 132 -42.49 13.04 23.00
N ASP D 133 -43.01 11.95 23.52
CA ASP D 133 -42.39 11.20 24.61
C ASP D 133 -41.73 9.90 24.11
N GLY D 134 -41.71 9.71 22.79
CA GLY D 134 -41.24 8.45 22.25
C GLY D 134 -41.16 8.61 20.75
N TYR D 135 -40.74 7.54 20.12
CA TYR D 135 -40.69 7.44 18.66
C TYR D 135 -40.91 5.96 18.23
N ALA D 136 -41.12 5.74 16.94
CA ALA D 136 -41.45 4.39 16.47
C ALA D 136 -40.61 4.13 15.25
N VAL D 137 -40.27 2.88 15.00
CA VAL D 137 -39.55 2.57 13.77
C VAL D 137 -40.18 1.31 13.24
N GLY D 138 -40.34 1.20 11.91
CA GLY D 138 -40.74 -0.06 11.31
C GLY D 138 -39.70 -0.63 10.37
N ASP D 139 -39.85 -1.90 10.01
CA ASP D 139 -38.87 -2.59 9.20
C ASP D 139 -39.49 -3.67 8.31
N GLY D 140 -39.18 -3.58 7.03
CA GLY D 140 -39.86 -4.41 6.04
C GLY D 140 -39.02 -5.61 5.59
N GLN D 141 -37.82 -5.80 6.17
CA GLN D 141 -37.05 -7.02 5.96
C GLN D 141 -37.25 -8.03 7.06
N LYS D 142 -37.46 -7.54 8.31
CA LYS D 142 -37.75 -8.40 9.48
C LYS D 142 -39.20 -8.37 9.73
N ASP D 143 -39.92 -7.38 9.19
CA ASP D 143 -41.36 -7.18 9.52
C ASP D 143 -41.72 -7.02 11.00
N ILE D 144 -41.16 -6.01 11.63
CA ILE D 144 -41.30 -5.68 13.06
C ILE D 144 -41.48 -4.18 13.11
N CYS D 145 -42.45 -3.72 13.90
CA CYS D 145 -42.47 -2.32 14.24
C CYS D 145 -42.49 -2.19 15.75
N ALA D 146 -42.02 -1.06 16.27
CA ALA D 146 -41.97 -0.94 17.74
C ALA D 146 -42.14 0.54 18.10
N GLU D 147 -42.73 0.85 19.27
CA GLU D 147 -42.68 2.17 19.84
C GLU D 147 -41.65 2.12 20.95
N PHE D 148 -40.78 3.13 20.97
CA PHE D 148 -39.63 3.21 21.94
C PHE D 148 -39.85 4.41 22.87
N ASP D 149 -39.39 4.32 24.12
CA ASP D 149 -39.39 5.46 25.03
C ASP D 149 -38.24 6.49 24.70
N ARG D 150 -38.58 7.78 24.65
CA ARG D 150 -37.62 8.79 24.29
C ARG D 150 -36.48 8.90 25.34
N GLU D 151 -36.79 8.70 26.62
CA GLU D 151 -35.73 8.91 27.61
C GLU D 151 -34.81 7.73 27.72
N THR D 152 -35.32 6.53 27.50
CA THR D 152 -34.49 5.35 27.79
C THR D 152 -34.05 4.60 26.57
N ASP D 153 -34.73 4.88 25.45
CA ASP D 153 -34.52 4.15 24.18
C ASP D 153 -34.86 2.64 24.32
N MET D 154 -35.60 2.26 25.36
CA MET D 154 -36.10 0.92 25.44
C MET D 154 -37.43 0.79 24.70
N VAL D 155 -37.71 -0.41 24.19
CA VAL D 155 -38.96 -0.71 23.49
C VAL D 155 -40.14 -0.68 24.49
N ARG D 156 -41.23 0.05 24.18
CA ARG D 156 -42.50 -0.04 24.93
C ARG D 156 -43.27 -1.26 24.49
N TYR D 157 -43.38 -1.47 23.18
CA TYR D 157 -44.04 -2.67 22.71
C TYR D 157 -43.43 -2.86 21.33
N ALA D 158 -43.30 -4.12 20.93
CA ALA D 158 -42.90 -4.49 19.54
C ALA D 158 -43.82 -5.55 19.01
N TRP D 159 -44.12 -5.47 17.72
CA TRP D 159 -44.99 -6.43 17.06
C TRP D 159 -44.23 -7.07 15.87
N ALA D 160 -44.34 -8.39 15.74
CA ALA D 160 -43.80 -9.13 14.58
C ALA D 160 -44.98 -9.59 13.67
N PHE D 161 -44.85 -9.50 12.36
CA PHE D 161 -45.89 -9.84 11.41
C PHE D 161 -45.40 -10.96 10.54
N ASP D 162 -46.23 -11.95 10.29
CA ASP D 162 -45.84 -13.06 9.43
C ASP D 162 -46.89 -13.44 8.41
N TRP D 163 -46.48 -13.78 7.19
CA TRP D 163 -47.46 -14.09 6.15
C TRP D 163 -47.49 -15.58 5.93
N ASP D 164 -48.67 -16.19 5.88
CA ASP D 164 -48.74 -17.64 5.58
C ASP D 164 -49.61 -17.77 4.32
N PRO D 165 -48.95 -17.91 3.18
CA PRO D 165 -49.64 -18.00 1.89
C PRO D 165 -50.58 -19.21 1.77
N ASN D 166 -51.75 -18.97 1.15
CA ASN D 166 -52.64 -20.06 0.73
C ASN D 166 -51.93 -21.05 -0.23
N VAL D 167 -51.05 -20.52 -1.08
CA VAL D 167 -50.18 -21.33 -1.93
C VAL D 167 -48.69 -21.04 -1.72
N LYS D 168 -47.87 -22.09 -1.54
CA LYS D 168 -46.43 -21.94 -1.32
C LYS D 168 -45.71 -21.79 -2.63
N ASP D 169 -45.99 -20.72 -3.32
CA ASP D 169 -45.40 -20.46 -4.57
C ASP D 169 -45.33 -18.92 -4.66
N LEU D 170 -44.12 -18.41 -4.92
CA LEU D 170 -43.87 -16.99 -4.77
C LEU D 170 -44.74 -16.21 -5.68
N LYS D 171 -45.05 -16.77 -6.84
CA LYS D 171 -45.81 -15.99 -7.84
C LYS D 171 -47.21 -15.66 -7.37
N ARG D 172 -47.81 -16.60 -6.64
CA ARG D 172 -49.25 -16.55 -6.22
C ARG D 172 -49.38 -16.35 -4.70
N ALA D 173 -48.23 -16.27 -4.01
CA ALA D 173 -48.22 -16.18 -2.53
C ALA D 173 -49.07 -15.07 -1.97
N TRP D 174 -49.11 -13.91 -2.66
CA TRP D 174 -50.00 -12.78 -2.27
C TRP D 174 -51.33 -12.68 -3.00
N LEU D 175 -51.27 -12.71 -4.33
CA LEU D 175 -52.46 -12.71 -5.16
C LEU D 175 -53.54 -13.68 -4.65
N ASP D 176 -53.21 -14.92 -4.29
CA ASP D 176 -54.21 -15.94 -3.90
C ASP D 176 -54.49 -15.97 -2.38
N GLY D 177 -53.95 -14.97 -1.66
CA GLY D 177 -54.41 -14.66 -0.29
C GLY D 177 -53.64 -15.44 0.73
N GLY D 178 -54.02 -15.30 2.00
CA GLY D 178 -53.24 -15.93 3.02
C GLY D 178 -53.69 -15.43 4.39
N THR D 179 -52.96 -15.84 5.42
CA THR D 179 -53.25 -15.41 6.76
C THR D 179 -52.05 -14.70 7.28
N MET D 180 -52.25 -13.47 7.76
CA MET D 180 -51.17 -12.77 8.42
C MET D 180 -51.27 -12.98 9.91
N THR D 181 -50.15 -13.24 10.57
CA THR D 181 -50.06 -13.29 12.03
C THR D 181 -49.47 -12.03 12.59
N ILE D 182 -50.08 -11.56 13.69
CA ILE D 182 -49.62 -10.44 14.46
C ILE D 182 -49.13 -10.98 15.80
N LYS D 183 -47.84 -10.83 16.10
CA LYS D 183 -47.29 -11.52 17.25
C LYS D 183 -46.59 -10.53 18.17
N ARG D 184 -46.92 -10.55 19.48
CA ARG D 184 -46.27 -9.68 20.41
C ARG D 184 -44.84 -10.20 20.52
N LEU D 185 -43.86 -9.31 20.48
CA LEU D 185 -42.46 -9.73 20.59
C LEU D 185 -41.94 -9.29 21.94
N LYS D 186 -41.32 -10.20 22.68
CA LYS D 186 -40.85 -9.95 24.02
C LYS D 186 -39.33 -10.06 24.03
N PRO D 187 -38.69 -9.35 24.96
CA PRO D 187 -37.23 -9.39 24.96
C PRO D 187 -36.73 -10.77 25.39
N THR D 188 -35.54 -11.18 24.95
CA THR D 188 -35.07 -12.53 25.27
C THR D 188 -33.74 -12.50 26.00
N LEU D 189 -33.20 -11.29 26.20
CA LEU D 189 -31.92 -11.12 26.86
C LEU D 189 -32.09 -10.45 28.20
N PRO D 190 -31.10 -10.62 29.10
CA PRO D 190 -31.11 -9.89 30.38
C PRO D 190 -31.26 -8.38 30.20
N GLY D 191 -31.87 -7.75 31.21
CA GLY D 191 -32.16 -6.35 31.18
C GLY D 191 -33.27 -5.90 30.24
N GLY D 192 -34.19 -6.80 29.89
CA GLY D 192 -35.31 -6.48 28.96
C GLY D 192 -34.81 -6.10 27.57
N ARG D 193 -33.70 -6.72 27.13
CA ARG D 193 -33.19 -6.48 25.77
C ARG D 193 -33.55 -7.54 24.72
N TYR D 194 -33.67 -7.05 23.48
CA TYR D 194 -33.93 -7.94 22.34
C TYR D 194 -32.64 -8.44 21.78
N ASP D 195 -32.74 -9.46 20.96
CA ASP D 195 -31.53 -10.01 20.30
C ASP D 195 -31.78 -9.92 18.78
N LEU D 196 -32.02 -8.67 18.31
CA LEU D 196 -32.48 -8.40 16.96
C LEU D 196 -31.75 -7.22 16.32
N GLN D 197 -30.45 -7.06 16.64
CA GLN D 197 -29.64 -6.05 16.04
C GLN D 197 -29.14 -6.51 14.66
N GLY D 198 -28.81 -5.55 13.81
CA GLY D 198 -28.31 -5.91 12.48
C GLY D 198 -29.30 -6.74 11.66
N SER D 199 -28.76 -7.71 10.91
N SER D 199 -28.77 -7.73 10.92
CA SER D 199 -29.59 -8.56 10.03
C SER D 199 -30.37 -9.65 10.80
N LYS D 200 -30.21 -9.73 12.12
CA LYS D 200 -30.98 -10.67 12.92
C LYS D 200 -32.48 -10.51 12.80
N GLY D 201 -33.15 -11.60 12.41
CA GLY D 201 -34.55 -11.51 12.00
C GLY D 201 -34.89 -11.28 10.51
N ASN D 202 -33.92 -11.02 9.63
CA ASN D 202 -34.30 -10.66 8.30
C ASN D 202 -34.91 -11.85 7.57
N LYS D 203 -36.03 -11.63 6.87
CA LYS D 203 -36.65 -12.63 6.01
C LYS D 203 -36.16 -12.48 4.58
N ILE D 204 -35.88 -11.25 4.15
CA ILE D 204 -35.33 -10.91 2.84
C ILE D 204 -34.13 -9.97 3.01
N ASP D 205 -33.26 -9.91 1.99
CA ASP D 205 -31.92 -9.36 2.10
C ASP D 205 -31.89 -7.86 1.75
N TRP D 206 -33.01 -7.34 1.25
CA TRP D 206 -33.14 -5.90 1.12
C TRP D 206 -34.59 -5.43 1.28
N GLU D 207 -34.80 -4.18 1.60
CA GLU D 207 -36.13 -3.62 1.53
C GLU D 207 -36.63 -3.59 0.06
N LEU D 208 -37.89 -3.96 -0.17
CA LEU D 208 -38.50 -3.96 -1.51
C LEU D 208 -38.51 -2.56 -2.07
N VAL D 209 -38.05 -2.42 -3.31
CA VAL D 209 -38.02 -1.17 -4.06
C VAL D 209 -39.46 -0.82 -4.51
N PRO D 210 -39.69 0.33 -5.15
CA PRO D 210 -41.06 0.60 -5.67
C PRO D 210 -41.38 -0.49 -6.71
N GLY D 211 -42.60 -1.06 -6.72
CA GLY D 211 -42.93 -2.22 -7.59
C GLY D 211 -42.18 -3.50 -7.24
N GLY D 212 -41.44 -3.52 -6.13
CA GLY D 212 -40.59 -4.68 -5.81
C GLY D 212 -41.42 -5.87 -5.37
N GLU D 213 -42.73 -5.66 -5.19
CA GLU D 213 -43.72 -6.77 -5.02
C GLU D 213 -43.72 -7.73 -6.25
N LEU D 214 -43.49 -7.19 -7.46
CA LEU D 214 -43.27 -8.07 -8.62
C LEU D 214 -41.95 -8.81 -8.51
N ALA D 215 -40.90 -8.18 -7.95
CA ALA D 215 -39.59 -8.85 -7.89
C ALA D 215 -39.62 -10.02 -6.92
N ILE D 216 -40.25 -9.81 -5.75
CA ILE D 216 -40.28 -10.88 -4.75
C ILE D 216 -41.13 -12.07 -5.29
N GLU D 217 -42.24 -11.79 -5.95
CA GLU D 217 -43.06 -12.82 -6.58
C GLU D 217 -42.30 -13.64 -7.62
N ASP D 218 -41.38 -12.97 -8.32
CA ASP D 218 -40.62 -13.61 -9.41
C ASP D 218 -39.37 -14.30 -8.96
N GLY D 219 -39.14 -14.38 -7.65
CA GLY D 219 -38.03 -15.14 -7.12
C GLY D 219 -36.75 -14.33 -7.18
N LYS D 220 -36.85 -13.04 -7.47
CA LYS D 220 -35.69 -12.14 -7.55
C LYS D 220 -35.21 -11.48 -6.23
N VAL D 221 -35.91 -11.71 -5.10
CA VAL D 221 -35.39 -11.17 -3.84
C VAL D 221 -34.82 -12.29 -2.99
N SER D 222 -33.51 -12.24 -2.69
CA SER D 222 -32.95 -13.35 -1.94
C SER D 222 -33.29 -13.21 -0.42
N GLY D 223 -33.13 -14.29 0.34
CA GLY D 223 -33.44 -14.25 1.79
C GLY D 223 -33.89 -15.59 2.27
N ASP D 224 -33.87 -15.79 3.58
CA ASP D 224 -34.37 -17.01 4.24
C ASP D 224 -35.81 -17.31 3.96
N ARG D 225 -36.68 -16.31 4.02
CA ARG D 225 -38.09 -16.61 3.97
C ARG D 225 -39.03 -15.54 3.38
N PRO D 226 -38.85 -15.28 2.08
CA PRO D 226 -39.68 -14.36 1.39
C PRO D 226 -41.11 -14.78 1.31
N LEU D 227 -41.41 -16.09 1.38
CA LEU D 227 -42.82 -16.51 1.37
C LEU D 227 -43.52 -16.01 2.63
N HIS D 228 -42.74 -15.68 3.68
CA HIS D 228 -43.30 -15.19 4.95
C HIS D 228 -43.37 -13.64 5.08
N SER D 229 -42.95 -12.94 4.01
CA SER D 229 -42.81 -11.49 4.04
C SER D 229 -44.18 -10.78 4.01
N VAL D 230 -44.35 -9.70 4.78
CA VAL D 230 -45.47 -8.79 4.57
C VAL D 230 -44.92 -7.40 4.20
N ALA D 231 -43.60 -7.22 4.30
CA ALA D 231 -43.03 -5.87 4.11
C ALA D 231 -43.75 -4.73 4.91
N ASN D 232 -43.68 -4.82 6.24
CA ASN D 232 -44.05 -3.72 7.08
C ASN D 232 -43.24 -2.44 6.72
N ASP D 233 -43.86 -1.27 6.83
CA ASP D 233 -43.22 -0.02 6.29
C ASP D 233 -42.98 1.02 7.40
N ALA D 234 -44.04 1.26 8.19
CA ALA D 234 -44.09 2.32 9.16
C ALA D 234 -45.08 1.97 10.32
N LEU D 235 -44.96 2.71 11.44
CA LEU D 235 -45.97 2.76 12.47
C LEU D 235 -46.31 4.26 12.62
N VAL D 236 -47.47 4.70 12.13
CA VAL D 236 -47.85 6.10 12.21
C VAL D 236 -48.85 6.30 13.34
N PHE D 237 -49.05 7.54 13.78
CA PHE D 237 -49.80 7.84 15.00
C PHE D 237 -51.02 8.67 14.74
N ASP D 238 -52.13 8.29 15.37
CA ASP D 238 -53.34 9.12 15.38
C ASP D 238 -52.96 10.37 16.24
N PRO D 239 -53.04 11.58 15.67
CA PRO D 239 -52.68 12.82 16.40
C PRO D 239 -53.58 13.04 17.64
N ARG D 240 -54.67 12.32 17.76
CA ARG D 240 -55.54 12.42 18.99
C ARG D 240 -55.09 11.48 20.11
N GLY D 241 -54.09 10.65 19.84
CA GLY D 241 -53.48 9.75 20.85
C GLY D 241 -54.13 8.36 20.74
N LYS D 242 -53.73 7.47 21.64
CA LYS D 242 -54.29 6.10 21.79
C LYS D 242 -53.92 5.11 20.68
N TRP D 243 -54.06 5.49 19.39
CA TRP D 243 -53.95 4.48 18.32
C TRP D 243 -52.64 4.65 17.55
N ALA D 244 -51.99 3.53 17.19
CA ALA D 244 -50.90 3.58 16.20
C ALA D 244 -51.27 2.64 15.05
N VAL D 245 -50.84 2.96 13.82
CA VAL D 245 -51.26 2.16 12.67
C VAL D 245 -50.04 1.63 11.92
N ALA D 246 -49.92 0.31 11.80
CA ALA D 246 -48.72 -0.31 11.18
C ALA D 246 -49.12 -0.65 9.72
N SER D 247 -48.40 -0.15 8.71
CA SER D 247 -48.80 -0.41 7.32
C SER D 247 -48.00 -1.62 6.81
N MET D 248 -48.65 -2.48 6.06
CA MET D 248 -48.06 -3.70 5.49
C MET D 248 -48.13 -3.67 3.96
N ARG D 249 -47.00 -3.61 3.29
CA ARG D 249 -47.02 -3.35 1.84
C ARG D 249 -47.61 -4.54 1.08
N LEU D 250 -47.09 -5.73 1.31
CA LEU D 250 -47.44 -6.89 0.46
C LEU D 250 -48.88 -7.40 0.62
N PRO D 251 -49.41 -7.45 1.84
CA PRO D 251 -50.80 -7.88 1.88
C PRO D 251 -51.81 -6.78 1.71
N GLY D 252 -51.38 -5.54 1.56
CA GLY D 252 -52.34 -4.45 1.32
C GLY D 252 -53.24 -4.21 2.52
N VAL D 253 -52.68 -4.10 3.72
CA VAL D 253 -53.51 -3.82 4.90
C VAL D 253 -52.79 -2.92 5.86
N CYS D 254 -53.56 -2.27 6.76
CA CYS D 254 -52.96 -1.56 7.89
C CYS D 254 -53.56 -2.16 9.17
N VAL D 255 -52.73 -2.31 10.21
CA VAL D 255 -53.21 -2.81 11.46
C VAL D 255 -53.24 -1.64 12.48
N VAL D 256 -54.41 -1.40 13.07
CA VAL D 256 -54.57 -0.42 14.13
C VAL D 256 -54.27 -1.04 15.45
N PHE D 257 -53.42 -0.38 16.22
CA PHE D 257 -53.02 -0.88 17.51
C PHE D 257 -53.43 0.04 18.62
N ASP D 258 -53.85 -0.54 19.76
CA ASP D 258 -54.05 0.26 20.99
C ASP D 258 -52.66 0.36 21.61
N ARG D 259 -52.15 1.59 21.69
CA ARG D 259 -50.83 1.83 22.28
C ARG D 259 -50.76 1.53 23.78
N GLU D 260 -51.79 1.91 24.53
CA GLU D 260 -51.72 1.77 25.98
C GLU D 260 -51.95 0.33 26.40
N ASN D 261 -52.95 -0.33 25.82
CA ASN D 261 -53.18 -1.74 26.17
C ASN D 261 -52.35 -2.72 25.39
N GLN D 262 -51.61 -2.22 24.39
CA GLN D 262 -50.69 -3.08 23.63
C GLN D 262 -51.41 -4.29 23.00
N VAL D 263 -52.40 -4.01 22.15
CA VAL D 263 -53.17 -5.02 21.42
C VAL D 263 -53.57 -4.40 20.09
N PRO D 264 -53.62 -5.21 19.06
CA PRO D 264 -54.17 -4.80 17.77
C PRO D 264 -55.69 -4.69 17.97
N VAL D 265 -56.38 -3.80 17.25
CA VAL D 265 -57.81 -3.70 17.42
C VAL D 265 -58.53 -3.81 16.09
N ALA D 266 -57.85 -3.57 14.98
CA ALA D 266 -58.57 -3.54 13.69
C ALA D 266 -57.60 -3.76 12.54
N VAL D 267 -58.12 -4.25 11.41
CA VAL D 267 -57.35 -4.41 10.17
C VAL D 267 -58.12 -3.73 9.05
N LEU D 268 -57.50 -2.69 8.46
CA LEU D 268 -58.10 -1.92 7.41
C LEU D 268 -57.68 -2.54 6.10
N ALA D 269 -58.65 -2.77 5.21
CA ALA D 269 -58.38 -3.43 3.92
C ALA D 269 -58.07 -2.38 2.84
N GLY D 270 -56.86 -2.37 2.28
CA GLY D 270 -56.56 -1.31 1.33
C GLY D 270 -57.31 -1.22 -0.02
N PRO D 271 -57.23 -2.30 -0.83
CA PRO D 271 -57.57 -2.18 -2.24
C PRO D 271 -59.06 -1.82 -2.51
N LYS D 272 -59.29 -0.93 -3.47
CA LYS D 272 -60.64 -0.62 -3.97
C LYS D 272 -61.37 -1.92 -4.39
N GLY D 273 -62.60 -2.13 -3.90
CA GLY D 273 -63.28 -3.41 -4.10
C GLY D 273 -63.34 -4.36 -2.91
N THR D 274 -62.54 -4.12 -1.88
CA THR D 274 -62.57 -4.92 -0.67
C THR D 274 -63.41 -4.15 0.36
N PRO D 275 -63.92 -4.82 1.40
CA PRO D 275 -64.66 -4.15 2.44
C PRO D 275 -63.79 -3.09 3.16
N SER D 276 -64.38 -2.28 4.04
CA SER D 276 -63.59 -1.39 4.90
C SER D 276 -62.49 -2.11 5.69
N GLN D 277 -62.80 -3.27 6.25
CA GLN D 277 -61.91 -3.90 7.25
C GLN D 277 -61.89 -5.40 7.02
N PHE D 278 -60.88 -6.13 7.47
CA PHE D 278 -60.93 -7.58 7.49
C PHE D 278 -61.09 -8.00 8.96
N GLN D 279 -61.41 -9.27 9.21
CA GLN D 279 -61.74 -9.71 10.57
C GLN D 279 -60.47 -10.07 11.38
N LEU D 280 -60.20 -9.34 12.48
CA LEU D 280 -59.06 -9.64 13.38
C LEU D 280 -59.49 -10.78 14.31
N VAL D 281 -58.73 -11.87 14.37
CA VAL D 281 -59.09 -13.01 15.22
C VAL D 281 -58.05 -13.13 16.31
N LYS D 282 -58.49 -13.15 17.57
CA LYS D 282 -57.58 -13.44 18.64
C LYS D 282 -57.28 -14.94 18.79
N VAL D 283 -56.00 -15.33 18.77
CA VAL D 283 -55.55 -16.71 19.02
C VAL D 283 -55.15 -16.95 20.49
N ASP D 284 -54.34 -16.09 21.10
CA ASP D 284 -54.03 -16.21 22.51
C ASP D 284 -53.62 -14.83 22.93
N ASP D 285 -53.10 -14.67 24.16
CA ASP D 285 -52.76 -13.31 24.64
C ASP D 285 -51.66 -12.58 23.89
N ASP D 286 -50.88 -13.29 23.09
CA ASP D 286 -49.77 -12.69 22.37
C ASP D 286 -49.87 -12.78 20.85
N THR D 287 -51.03 -13.25 20.33
CA THR D 287 -51.10 -13.69 18.96
C THR D 287 -52.47 -13.43 18.40
N TRP D 288 -52.54 -12.78 17.24
CA TRP D 288 -53.80 -12.55 16.52
C TRP D 288 -53.60 -12.93 15.05
N THR D 289 -54.67 -13.18 14.29
CA THR D 289 -54.50 -13.49 12.87
C THR D 289 -55.56 -12.73 12.09
N VAL D 290 -55.36 -12.59 10.79
CA VAL D 290 -56.42 -12.05 9.98
C VAL D 290 -56.30 -12.74 8.60
N ASP D 291 -57.43 -13.25 8.09
CA ASP D 291 -57.54 -13.95 6.79
C ASP D 291 -57.70 -12.96 5.71
N ILE D 292 -56.88 -13.08 4.68
CA ILE D 292 -56.98 -12.15 3.55
C ILE D 292 -57.25 -13.02 2.31
N PRO D 293 -58.54 -13.06 1.82
CA PRO D 293 -58.98 -14.02 0.81
C PRO D 293 -58.10 -13.95 -0.43
N GLU D 294 -57.76 -12.76 -0.87
CA GLU D 294 -56.86 -12.55 -1.99
C GLU D 294 -56.29 -11.11 -1.90
N VAL D 295 -55.08 -10.90 -2.42
CA VAL D 295 -54.47 -9.56 -2.37
C VAL D 295 -54.51 -8.94 -3.76
N ILE D 296 -55.35 -7.92 -3.91
CA ILE D 296 -55.68 -7.33 -5.21
C ILE D 296 -54.58 -6.38 -5.57
N SER D 297 -54.11 -5.63 -4.56
CA SER D 297 -52.99 -4.76 -4.75
C SER D 297 -52.19 -4.57 -3.47
N ALA D 298 -50.87 -4.41 -3.64
CA ALA D 298 -49.95 -3.88 -2.62
C ALA D 298 -50.30 -2.41 -2.26
N GLY D 299 -49.95 -1.98 -1.06
CA GLY D 299 -50.14 -0.58 -0.65
C GLY D 299 -48.84 -0.07 -0.08
N HIS D 300 -48.78 1.21 0.26
CA HIS D 300 -47.56 1.73 0.87
C HIS D 300 -47.88 2.90 1.84
N GLN D 301 -48.00 4.14 1.32
CA GLN D 301 -48.16 5.30 2.20
C GLN D 301 -49.42 5.17 3.08
N ALA D 302 -49.31 5.56 4.35
CA ALA D 302 -50.39 5.47 5.34
C ALA D 302 -50.31 6.62 6.33
N GLY D 303 -51.42 7.28 6.62
CA GLY D 303 -51.34 8.34 7.59
C GLY D 303 -52.65 9.01 7.85
N PHE D 304 -52.68 9.82 8.93
CA PHE D 304 -53.87 10.61 9.37
C PHE D 304 -53.78 12.02 8.92
N SER D 305 -54.94 12.65 8.66
CA SER D 305 -55.04 14.09 8.51
C SER D 305 -54.73 14.67 9.88
N PRO D 306 -54.46 15.99 9.96
CA PRO D 306 -53.95 16.47 11.23
C PRO D 306 -55.00 16.61 12.36
N ASP D 307 -56.28 16.56 12.02
CA ASP D 307 -57.33 16.47 13.02
C ASP D 307 -57.70 15.02 13.38
N GLY D 308 -57.09 14.00 12.75
CA GLY D 308 -57.45 12.59 13.03
C GLY D 308 -58.79 12.06 12.45
N GLN D 309 -59.51 12.91 11.68
CA GLN D 309 -60.85 12.56 11.09
C GLN D 309 -60.77 11.64 9.87
N SER D 310 -59.63 11.62 9.20
CA SER D 310 -59.47 10.83 8.00
C SER D 310 -58.19 10.03 8.13
N PHE D 311 -58.21 8.80 7.65
CA PHE D 311 -57.04 7.97 7.58
C PHE D 311 -56.95 7.52 6.14
N LEU D 312 -55.73 7.51 5.62
CA LEU D 312 -55.46 7.29 4.21
C LEU D 312 -54.46 6.15 4.09
N PHE D 313 -54.59 5.39 3.03
CA PHE D 313 -53.62 4.34 2.67
C PHE D 313 -53.60 4.34 1.13
N MET D 314 -52.39 4.39 0.55
CA MET D 314 -52.22 4.40 -0.89
C MET D 314 -52.07 3.00 -1.44
N ASN D 315 -52.89 2.64 -2.42
CA ASN D 315 -52.65 1.44 -3.19
C ASN D 315 -51.65 1.80 -4.24
N SER D 316 -50.70 0.91 -4.48
CA SER D 316 -49.64 1.24 -5.45
C SER D 316 -49.36 0.08 -6.39
N LEU D 317 -48.96 0.45 -7.60
CA LEU D 317 -48.58 -0.56 -8.59
C LEU D 317 -49.81 -1.18 -9.24
N ARG D 318 -50.39 -2.23 -8.64
CA ARG D 318 -51.60 -2.90 -9.20
C ARG D 318 -52.87 -2.05 -9.30
N GLN D 319 -53.12 -1.15 -8.34
CA GLN D 319 -54.00 0.00 -8.57
C GLN D 319 -53.14 1.11 -8.06
N ASN D 320 -53.32 2.32 -8.58
CA ASN D 320 -52.73 3.51 -7.94
C ASN D 320 -53.90 4.40 -7.54
N ASN D 321 -54.17 4.53 -6.24
CA ASN D 321 -55.21 5.46 -5.76
C ASN D 321 -54.90 5.81 -4.33
N ILE D 322 -55.71 6.70 -3.73
CA ILE D 322 -55.70 6.94 -2.28
C ILE D 322 -57.00 6.46 -1.64
N MET D 323 -56.93 5.43 -0.77
CA MET D 323 -58.08 4.94 -0.03
C MET D 323 -58.28 5.76 1.25
N VAL D 324 -59.49 6.23 1.52
CA VAL D 324 -59.72 7.11 2.67
C VAL D 324 -60.75 6.51 3.60
N TRP D 325 -60.48 6.50 4.91
CA TRP D 325 -61.47 6.04 5.89
C TRP D 325 -61.91 7.21 6.74
N ASP D 326 -63.17 7.15 7.15
CA ASP D 326 -63.69 7.99 8.20
C ASP D 326 -63.23 7.40 9.50
N SER D 327 -62.29 8.09 10.14
CA SER D 327 -61.74 7.70 11.42
C SER D 327 -62.19 8.68 12.52
N SER D 328 -63.27 9.46 12.28
CA SER D 328 -63.81 10.39 13.30
C SER D 328 -64.14 9.75 14.63
N ASN D 329 -64.41 8.45 14.67
CA ASN D 329 -64.77 7.81 15.90
C ASN D 329 -63.51 7.40 16.63
N HIS D 330 -63.06 8.30 17.48
CA HIS D 330 -61.79 8.08 18.16
C HIS D 330 -61.84 6.89 19.12
N ASP D 331 -63.03 6.59 19.63
CA ASP D 331 -63.12 5.56 20.65
C ASP D 331 -63.13 4.12 20.12
N ASP D 332 -63.45 3.89 18.83
CA ASP D 332 -63.55 2.54 18.31
C ASP D 332 -63.16 2.36 16.84
N PRO D 333 -61.90 1.99 16.58
CA PRO D 333 -61.43 1.92 15.18
C PRO D 333 -62.05 0.79 14.35
N THR D 334 -62.75 -0.14 15.01
CA THR D 334 -63.45 -1.19 14.25
C THR D 334 -64.66 -0.64 13.51
N THR D 335 -65.04 0.60 13.81
CA THR D 335 -66.10 1.32 13.11
C THR D 335 -65.63 2.17 11.95
N TRP D 336 -64.32 2.26 11.74
CA TRP D 336 -63.79 3.22 10.72
C TRP D 336 -64.15 2.69 9.35
N GLU D 337 -64.76 3.52 8.52
CA GLU D 337 -65.30 3.03 7.25
C GLU D 337 -64.78 3.79 6.05
N LYS D 338 -64.59 3.10 4.95
CA LYS D 338 -64.15 3.78 3.74
C LYS D 338 -65.13 4.88 3.36
N LYS D 339 -64.62 6.05 3.02
CA LYS D 339 -65.50 7.14 2.69
C LYS D 339 -65.18 7.76 1.35
N ALA D 340 -64.00 7.53 0.77
CA ALA D 340 -63.68 8.14 -0.54
C ALA D 340 -62.47 7.44 -1.05
N VAL D 341 -62.26 7.53 -2.37
CA VAL D 341 -61.08 7.00 -3.05
C VAL D 341 -60.63 8.11 -3.99
N VAL D 342 -59.36 8.54 -3.94
CA VAL D 342 -58.86 9.56 -4.90
C VAL D 342 -58.30 8.77 -6.06
N GLU D 343 -58.85 9.01 -7.25
CA GLU D 343 -58.39 8.36 -8.46
C GLU D 343 -58.04 9.40 -9.50
N SER D 344 -57.25 9.02 -10.50
CA SER D 344 -57.01 9.91 -11.62
C SER D 344 -56.79 9.07 -12.90
N PRO D 345 -57.24 9.60 -14.07
CA PRO D 345 -56.91 8.96 -15.37
C PRO D 345 -55.39 8.85 -15.59
N ASP D 346 -54.64 9.79 -15.01
CA ASP D 346 -53.17 9.74 -15.05
C ASP D 346 -52.52 8.64 -14.19
N TRP D 347 -53.29 7.95 -13.35
CA TRP D 347 -52.70 6.86 -12.56
C TRP D 347 -53.01 5.45 -13.08
N ARG D 348 -53.37 5.32 -14.34
CA ARG D 348 -53.71 3.97 -14.87
C ARG D 348 -52.53 3.04 -15.05
N GLY D 349 -51.36 3.60 -15.36
CA GLY D 349 -50.12 2.83 -15.58
C GLY D 349 -49.64 2.27 -14.25
N ALA D 350 -48.57 1.47 -14.27
CA ALA D 350 -47.97 0.92 -13.03
C ALA D 350 -47.40 2.06 -12.09
N TYR D 351 -46.99 3.15 -12.74
CA TYR D 351 -46.40 4.34 -12.16
C TYR D 351 -47.33 5.45 -12.56
N PRO D 352 -47.46 6.56 -11.80
CA PRO D 352 -46.57 6.93 -10.70
C PRO D 352 -46.97 6.31 -9.39
N ASN D 353 -45.99 6.17 -8.52
CA ASN D 353 -46.27 5.61 -7.24
C ASN D 353 -46.24 6.74 -6.24
N THR D 354 -47.27 6.78 -5.40
CA THR D 354 -47.51 7.89 -4.48
C THR D 354 -47.12 7.43 -3.07
N PHE D 355 -45.85 7.60 -2.71
CA PHE D 355 -45.33 7.01 -1.49
C PHE D 355 -45.26 7.96 -0.29
N HIS D 356 -45.51 9.28 -0.47
CA HIS D 356 -45.28 10.24 0.61
C HIS D 356 -46.35 11.33 0.59
N MET D 357 -46.62 11.93 1.76
CA MET D 357 -47.61 13.01 1.79
C MET D 357 -47.39 13.98 2.94
N VAL D 358 -47.91 15.19 2.75
CA VAL D 358 -48.05 16.11 3.88
C VAL D 358 -49.42 16.86 3.76
N PHE D 359 -50.09 17.10 4.87
CA PHE D 359 -51.31 17.94 4.89
C PHE D 359 -50.97 19.38 5.23
N THR D 360 -51.82 20.32 4.81
CA THR D 360 -51.75 21.70 5.35
C THR D 360 -52.32 21.67 6.78
N PRO D 361 -51.98 22.67 7.60
CA PRO D 361 -52.42 22.60 9.00
C PRO D 361 -53.97 22.55 9.17
N ASP D 362 -54.75 23.22 8.31
CA ASP D 362 -56.25 23.15 8.40
C ASP D 362 -56.83 21.89 7.71
N ALA D 363 -55.97 20.99 7.24
CA ALA D 363 -56.43 19.73 6.69
C ALA D 363 -57.14 19.85 5.36
N LYS D 364 -57.16 21.04 4.74
CA LYS D 364 -57.91 21.20 3.48
C LYS D 364 -57.19 20.66 2.27
N LYS D 365 -55.85 20.59 2.32
CA LYS D 365 -55.14 20.12 1.13
C LYS D 365 -54.09 19.12 1.53
N ILE D 366 -53.70 18.30 0.57
CA ILE D 366 -52.62 17.38 0.73
C ILE D 366 -51.69 17.46 -0.49
N TYR D 367 -50.37 17.42 -0.20
CA TYR D 367 -49.28 17.36 -1.19
C TYR D 367 -48.72 15.96 -1.11
N VAL D 368 -48.74 15.28 -2.26
CA VAL D 368 -48.35 13.88 -2.36
C VAL D 368 -47.35 13.75 -3.52
N THR D 369 -46.37 12.87 -3.36
CA THR D 369 -45.27 12.74 -4.34
C THR D 369 -45.66 11.80 -5.46
N MET D 370 -45.15 12.04 -6.66
CA MET D 370 -45.44 11.15 -7.77
C MET D 370 -44.08 10.62 -8.23
N TRP D 371 -43.82 9.38 -7.94
CA TRP D 371 -42.54 8.84 -8.25
C TRP D 371 -42.59 7.88 -9.44
N TRP D 372 -41.61 7.99 -10.35
CA TRP D 372 -41.40 7.07 -11.50
C TRP D 372 -39.94 6.64 -11.59
N PRO D 373 -39.65 5.42 -12.12
CA PRO D 373 -38.25 5.10 -12.41
C PRO D 373 -37.69 6.08 -13.44
N SER D 374 -36.36 6.25 -13.49
CA SER D 374 -35.74 7.05 -14.56
C SER D 374 -36.24 6.62 -16.00
N PRO D 375 -36.47 7.50 -16.99
CA PRO D 375 -36.26 8.93 -17.02
C PRO D 375 -37.46 9.86 -16.84
N THR D 376 -38.67 9.35 -16.55
CA THR D 376 -39.88 10.17 -16.44
C THR D 376 -39.74 11.20 -15.32
N PRO D 377 -40.16 12.46 -15.56
CA PRO D 377 -40.01 13.46 -14.55
C PRO D 377 -40.95 13.09 -13.35
N ASN D 378 -40.43 13.14 -12.14
CA ASN D 378 -41.21 12.89 -10.98
C ASN D 378 -41.77 14.26 -10.56
N GLY D 379 -42.77 14.27 -9.68
CA GLY D 379 -43.37 15.53 -9.22
C GLY D 379 -44.28 15.41 -8.00
N ILE D 380 -45.14 16.42 -7.83
CA ILE D 380 -45.98 16.57 -6.69
C ILE D 380 -47.43 16.71 -7.26
N ALA D 381 -48.38 16.01 -6.68
CA ALA D 381 -49.80 16.28 -6.92
C ALA D 381 -50.44 17.00 -5.71
N VAL D 382 -51.28 17.97 -5.97
CA VAL D 382 -51.98 18.61 -4.89
C VAL D 382 -53.39 18.03 -4.88
N ILE D 383 -53.83 17.58 -3.70
CA ILE D 383 -55.14 16.95 -3.48
C ILE D 383 -56.04 17.89 -2.69
N ASP D 384 -57.23 18.06 -3.21
CA ASP D 384 -58.28 18.71 -2.44
C ASP D 384 -58.79 17.70 -1.40
N ALA D 385 -58.58 17.98 -0.12
CA ALA D 385 -58.90 16.95 0.88
C ALA D 385 -60.31 17.12 1.46
N VAL D 386 -61.06 18.07 0.89
CA VAL D 386 -62.49 18.27 1.25
C VAL D 386 -63.36 17.45 0.23
N ASN D 387 -63.14 17.60 -1.07
CA ASN D 387 -63.78 16.78 -2.11
C ASN D 387 -63.08 15.54 -2.60
N TRP D 388 -61.90 15.26 -2.05
CA TRP D 388 -61.16 14.05 -2.41
C TRP D 388 -60.90 13.89 -3.93
N GLU D 389 -60.31 14.96 -4.48
CA GLU D 389 -59.92 15.03 -5.87
C GLU D 389 -58.60 15.74 -6.06
N VAL D 390 -57.92 15.39 -7.15
CA VAL D 390 -56.68 16.05 -7.56
C VAL D 390 -56.92 17.50 -8.03
N LEU D 391 -56.22 18.48 -7.44
CA LEU D 391 -56.27 19.86 -7.84
C LEU D 391 -55.27 20.15 -8.91
N LYS D 392 -54.07 19.53 -8.87
CA LYS D 392 -52.97 20.01 -9.70
C LYS D 392 -51.86 18.97 -9.63
N GLU D 393 -51.05 18.84 -10.70
CA GLU D 393 -49.81 18.03 -10.67
C GLU D 393 -48.71 18.87 -11.29
N VAL D 394 -47.53 18.97 -10.67
CA VAL D 394 -46.38 19.69 -11.20
C VAL D 394 -45.24 18.69 -11.40
N ASP D 395 -44.47 18.84 -12.47
CA ASP D 395 -43.30 17.99 -12.68
C ASP D 395 -42.08 18.71 -12.20
N LEU D 396 -41.14 17.97 -11.62
CA LEU D 396 -39.96 18.61 -10.99
C LEU D 396 -38.62 18.11 -11.50
N GLY D 397 -38.44 16.80 -11.62
CA GLY D 397 -37.10 16.28 -11.85
C GLY D 397 -37.02 14.82 -11.42
N PRO D 398 -35.80 14.27 -11.30
CA PRO D 398 -35.71 12.84 -11.05
C PRO D 398 -35.91 12.50 -9.58
N ASP D 399 -36.50 11.33 -9.32
CA ASP D 399 -36.45 10.67 -7.98
C ASP D 399 -37.01 11.51 -6.85
N MET D 400 -38.30 11.75 -6.93
CA MET D 400 -38.97 12.52 -5.87
C MET D 400 -39.14 11.68 -4.59
N HIS D 401 -38.80 12.21 -3.41
CA HIS D 401 -39.04 11.54 -2.16
C HIS D 401 -39.97 12.28 -1.27
N THR D 402 -39.56 12.68 -0.07
CA THR D 402 -40.55 13.02 0.96
C THR D 402 -40.92 14.54 0.88
N LEU D 403 -42.00 14.94 1.56
CA LEU D 403 -42.45 16.32 1.62
C LEU D 403 -42.60 16.71 3.06
N ALA D 404 -42.20 17.92 3.40
CA ALA D 404 -42.59 18.48 4.71
C ALA D 404 -43.28 19.82 4.45
N ILE D 405 -43.80 20.45 5.49
CA ILE D 405 -44.44 21.76 5.29
C ILE D 405 -44.06 22.68 6.45
N THR D 406 -43.85 23.97 6.17
CA THR D 406 -43.66 24.93 7.24
C THR D 406 -44.93 25.02 8.07
N TYR D 407 -44.80 25.26 9.36
CA TYR D 407 -45.93 24.99 10.24
C TYR D 407 -46.97 26.12 10.23
N ASP D 408 -46.62 27.25 9.64
CA ASP D 408 -47.62 28.26 9.30
C ASP D 408 -48.38 27.81 8.02
N GLY D 409 -48.06 26.65 7.46
CA GLY D 409 -48.73 26.11 6.26
C GLY D 409 -48.43 26.75 4.92
N LYS D 410 -47.51 27.72 4.90
CA LYS D 410 -47.19 28.49 3.66
C LYS D 410 -46.35 27.78 2.59
N PHE D 411 -45.36 26.95 2.99
CA PHE D 411 -44.42 26.43 1.98
C PHE D 411 -44.21 24.92 2.19
N VAL D 412 -44.29 24.19 1.10
CA VAL D 412 -44.02 22.76 1.06
C VAL D 412 -42.53 22.66 0.66
N VAL D 413 -41.77 21.86 1.40
CA VAL D 413 -40.35 21.68 1.14
C VAL D 413 -40.14 20.19 0.94
N GLY D 414 -39.63 19.81 -0.24
CA GLY D 414 -39.41 18.42 -0.55
C GLY D 414 -37.98 18.09 -0.99
N THR D 415 -37.69 16.81 -1.19
CA THR D 415 -36.36 16.43 -1.66
C THR D 415 -36.43 15.52 -2.86
N LEU D 416 -35.49 15.73 -3.80
CA LEU D 416 -35.27 14.88 -4.90
C LEU D 416 -33.84 14.35 -4.79
N SER D 417 -33.61 13.09 -5.12
CA SER D 417 -32.41 12.37 -4.64
C SER D 417 -31.63 11.60 -5.69
N GLY D 418 -31.87 11.94 -6.95
CA GLY D 418 -31.17 11.38 -8.13
C GLY D 418 -30.89 9.93 -8.25
N TYR D 419 -31.80 9.11 -7.75
CA TYR D 419 -31.56 7.66 -7.65
C TYR D 419 -30.18 7.39 -7.08
N GLN D 420 -29.72 8.25 -6.16
CA GLN D 420 -28.37 8.05 -5.52
C GLN D 420 -27.23 8.31 -6.46
N ASN D 421 -27.48 8.66 -7.72
CA ASN D 421 -26.32 8.92 -8.62
C ASN D 421 -26.41 10.10 -9.58
N THR D 422 -27.57 10.76 -9.63
CA THR D 422 -27.71 11.89 -10.51
C THR D 422 -28.25 13.07 -9.71
N ALA D 423 -29.00 13.95 -10.38
CA ALA D 423 -29.39 15.26 -9.85
C ALA D 423 -30.28 15.18 -8.57
N SER D 424 -30.00 16.04 -7.58
CA SER D 424 -30.61 15.99 -6.26
C SER D 424 -30.79 17.45 -5.89
N ALA D 425 -31.77 17.77 -5.09
CA ALA D 425 -32.06 19.16 -4.71
C ALA D 425 -33.18 19.13 -3.65
N ILE D 426 -33.36 20.27 -3.02
CA ILE D 426 -34.47 20.57 -2.19
C ILE D 426 -35.37 21.45 -3.13
N VAL D 427 -36.69 21.20 -3.10
CA VAL D 427 -37.62 22.03 -3.88
C VAL D 427 -38.53 22.76 -2.84
N VAL D 428 -38.89 23.99 -3.16
CA VAL D 428 -39.79 24.81 -2.36
C VAL D 428 -41.01 25.17 -3.18
N MET D 429 -42.20 24.96 -2.62
CA MET D 429 -43.47 25.26 -3.35
C MET D 429 -44.33 26.10 -2.38
N GLU D 430 -44.89 27.23 -2.84
CA GLU D 430 -45.87 28.01 -2.02
C GLU D 430 -47.29 27.44 -2.13
N THR D 431 -48.02 27.35 -1.01
CA THR D 431 -49.28 26.61 -1.01
C THR D 431 -50.53 27.43 -1.34
N GLU D 432 -50.43 28.75 -1.25
CA GLU D 432 -51.57 29.63 -1.59
C GLU D 432 -51.99 29.41 -3.02
N THR D 433 -51.05 29.45 -3.96
CA THR D 433 -51.47 29.17 -5.35
C THR D 433 -50.78 27.94 -5.97
N ASP D 434 -50.03 27.19 -5.16
CA ASP D 434 -49.37 25.95 -5.63
C ASP D 434 -48.35 26.11 -6.77
N GLU D 435 -47.48 27.10 -6.63
CA GLU D 435 -46.39 27.35 -7.60
C GLU D 435 -45.06 26.89 -6.98
N VAL D 436 -44.25 26.20 -7.77
CA VAL D 436 -42.83 25.90 -7.43
C VAL D 436 -42.00 27.21 -7.35
N LEU D 437 -41.47 27.58 -6.19
CA LEU D 437 -40.59 28.73 -6.12
C LEU D 437 -39.15 28.48 -6.55
N GLY D 438 -38.76 27.20 -6.62
CA GLY D 438 -37.45 26.82 -7.17
C GLY D 438 -36.73 25.75 -6.31
N PHE D 439 -35.41 25.65 -6.52
CA PHE D 439 -34.60 24.57 -5.98
C PHE D 439 -33.36 25.09 -5.25
N LEU D 440 -32.95 24.39 -4.17
CA LEU D 440 -31.70 24.68 -3.47
C LEU D 440 -30.79 23.45 -3.57
N PRO D 441 -29.45 23.66 -3.63
CA PRO D 441 -28.57 22.48 -3.82
C PRO D 441 -28.60 21.59 -2.58
N SER D 442 -28.48 20.29 -2.85
CA SER D 442 -28.57 19.21 -1.83
C SER D 442 -27.86 17.93 -2.29
N PRO D 443 -26.53 17.81 -2.00
CA PRO D 443 -25.67 16.78 -2.53
C PRO D 443 -25.83 15.51 -1.67
N MET D 444 -27.06 15.01 -1.66
CA MET D 444 -27.53 13.98 -0.71
C MET D 444 -28.59 13.15 -1.40
N GLY D 445 -28.78 11.90 -0.94
CA GLY D 445 -29.76 11.06 -1.60
C GLY D 445 -31.02 10.86 -0.75
N HIS D 446 -31.35 11.88 0.08
CA HIS D 446 -32.52 11.88 0.97
C HIS D 446 -33.71 11.00 0.59
N HIS D 447 -34.01 10.09 1.50
CA HIS D 447 -35.31 9.49 1.48
C HIS D 447 -36.20 9.95 2.61
N ASP D 448 -35.79 10.99 3.32
CA ASP D 448 -36.68 11.61 4.29
C ASP D 448 -36.29 13.08 4.40
N ASN D 449 -37.16 13.89 4.99
CA ASN D 449 -36.88 15.28 5.35
C ASN D 449 -38.00 15.72 6.28
N VAL D 450 -37.67 16.62 7.22
CA VAL D 450 -38.64 17.21 8.11
C VAL D 450 -38.31 18.71 8.28
N ILE D 451 -39.29 19.52 8.72
CA ILE D 451 -39.00 20.83 9.29
C ILE D 451 -39.11 20.60 10.81
N VAL D 452 -38.11 21.03 11.60
CA VAL D 452 -38.20 20.88 13.07
C VAL D 452 -39.49 21.57 13.66
N PRO D 453 -40.37 20.78 14.33
CA PRO D 453 -41.54 21.38 14.93
C PRO D 453 -41.14 22.14 16.20
N ARG D 454 -42.00 23.09 16.59
CA ARG D 454 -41.82 23.79 17.87
C ARG D 454 -42.82 23.24 18.88
N THR D 455 -44.00 22.78 18.45
CA THR D 455 -45.01 22.37 19.43
C THR D 455 -45.55 20.98 19.15
N LEU D 456 -46.35 20.46 20.10
CA LEU D 456 -47.07 19.21 19.84
C LEU D 456 -48.05 19.35 18.66
N GLU D 457 -48.66 20.51 18.49
CA GLU D 457 -49.58 20.67 17.33
C GLU D 457 -48.86 20.66 15.96
N ASP D 458 -47.64 21.19 15.89
CA ASP D 458 -46.86 21.14 14.67
C ASP D 458 -46.63 19.66 14.26
N LEU D 459 -46.43 18.76 15.21
CA LEU D 459 -46.18 17.30 14.90
C LEU D 459 -47.28 16.71 14.06
N ARG D 460 -48.49 17.27 14.19
CA ARG D 460 -49.60 16.71 13.46
C ARG D 460 -49.37 16.76 11.97
N ILE D 461 -48.54 17.68 11.49
CA ILE D 461 -48.25 17.70 10.03
C ILE D 461 -46.74 17.47 9.81
N SER D 462 -46.17 16.66 10.71
CA SER D 462 -44.72 16.33 10.58
C SER D 462 -44.68 14.77 10.55
N ARG D 463 -43.49 14.22 10.82
CA ARG D 463 -43.20 12.81 10.67
C ARG D 463 -43.65 12.14 11.98
N SER D 464 -44.96 12.03 12.11
CA SER D 464 -45.64 11.57 13.31
C SER D 464 -46.96 10.91 12.84
N THR D 465 -47.72 11.71 12.09
CA THR D 465 -48.99 11.24 11.54
C THR D 465 -48.89 10.58 10.14
N THR D 466 -47.88 10.90 9.34
CA THR D 466 -47.77 10.39 7.99
C THR D 466 -46.27 10.16 7.69
N THR D 467 -45.96 9.57 6.54
CA THR D 467 -44.55 9.50 6.08
C THR D 467 -44.30 10.10 4.63
CU CU E . 4.81 -23.74 8.96
CU CU F . 10.30 -18.53 8.03
CU CU G . 9.80 -19.54 8.01
CU CU H . 11.05 -23.91 7.80
C8 P4G I . -16.81 -23.04 -11.30
C7 P4G I . -16.05 -23.59 -10.09
O4 P4G I . -14.66 -23.47 -10.44
C6 P4G I . -13.60 -23.87 -9.59
C5 P4G I . -12.25 -23.19 -10.04
O3 P4G I . -11.56 -23.91 -11.09
C4 P4G I . -10.61 -23.22 -11.93
C3 P4G I . -10.66 -23.63 -13.43
O2 P4G I . -11.47 -22.67 -14.12
C2 P4G I . -11.61 -22.56 -15.56
C1 P4G I . -12.35 -21.25 -15.90
I IOD J . -1.29 -1.28 -5.90
I IOD K . 7.74 -15.23 19.18
I IOD L . 9.33 -22.06 8.66
CU CU M . 40.46 -5.51 -12.22
CU CU N . 33.03 -6.25 -10.60
CU CU O . 34.12 -6.32 -10.97
C1 EDO P . 37.23 -28.43 10.77
O1 EDO P . 37.63 -27.57 11.81
C2 EDO P . 36.09 -27.63 10.13
O2 EDO P . 35.54 -28.42 9.07
C1 EDO Q . 29.29 0.82 -20.60
O1 EDO Q . 28.52 1.16 -21.78
C2 EDO Q . 30.69 0.46 -21.01
O2 EDO Q . 31.69 0.86 -20.10
C1 EDO R . 41.84 -11.60 13.16
O1 EDO R . 40.90 -12.44 13.66
C2 EDO R . 42.83 -12.71 12.82
O2 EDO R . 43.79 -12.14 11.91
C1 GOL S . 38.37 -20.85 -22.55
O1 GOL S . 37.01 -21.30 -22.66
C2 GOL S . 38.47 -19.74 -23.62
O2 GOL S . 37.49 -18.71 -23.36
C3 GOL S . 38.15 -20.32 -24.99
O3 GOL S . 37.92 -19.18 -25.82
CU CU T . -2.54 25.43 1.11
CU CU U . -7.27 21.55 3.79
CU CU V . -7.73 20.64 4.22
CU CU W . -8.80 25.83 2.62
I IOD X . -0.79 21.22 13.98
I IOD Y . -6.82 24.27 3.23
CU CU Z . -42.57 4.03 3.08
CU CU AA . -38.89 8.20 -0.09
CU CU BA . -35.22 4.64 1.36
CU CU CA . -36.44 4.70 1.47
I IOD DA . -37.00 -5.35 -5.23
I IOD EA . -35.91 4.67 -4.93
I IOD FA . -38.61 5.82 0.76
#